data_6XJD
#
_entry.id   6XJD
#
_cell.length_a   1.00
_cell.length_b   1.00
_cell.length_c   1.00
_cell.angle_alpha   90.00
_cell.angle_beta   90.00
_cell.angle_gamma   90.00
#
_symmetry.space_group_name_H-M   'P 1'
#
loop_
_entity.id
_entity.type
_entity.pdbx_description
1 polymer 'Histone H3.2'
2 polymer 'Histone H4'
3 polymer 'Histone H2A type 1'
4 polymer 'Histone H2B type 1-C/E/F/G/I'
5 polymer 'DNA (145-MER)'
6 polymer 'DNA (145-MER)'
7 polymer 'Cyclic GMP-AMP synthase'
8 non-polymer 'ZINC ION'
#
loop_
_entity_poly.entity_id
_entity_poly.type
_entity_poly.pdbx_seq_one_letter_code
_entity_poly.pdbx_strand_id
1 'polypeptide(L)'
;ARTKQTARKSTGGKAPRKQLATKAARKSAPATGGVKKPHRYRPGTVALREIRRYQKSTELLIRKLPFQRLVREIAQDFKT
DLRFQSSAVMALQEASEAYLVGLFEDTNLAAIHAKRVTIMPKDIQLARRIRGERA
;
A,E
2 'polypeptide(L)'
;SGRGKGGKGLGKGGAKRHRKVLRDNIQGITKPAIRRLARRGGVKRISGLIYEETRGVLKVFLENVIRDAVTYTEHAKRKT
VTAMDVVYALKRQGRTLYGFGG
;
B,F
3 'polypeptide(L)'
;SGRGKQGGKARAKAKTRSSRAGLQFPVGRVHRLLRKGNYAERVGAGAPVYLAAVLEYLTAEILELAGNAARDNKKTRIIP
RHLQLAIRNDEELNKLLGKVTIAQGGVLPNIQAVLLPKKTESHHKAKGK
;
C,G
4 'polypeptide(L)'
;SEPAKSAPAPKKGSKKAVTKAQKKDGKKRKRSRKESYSVYVYKVLKQVHPDTGISSKAMGIMNSFVNDIFERIAGEASRL
AHYNKRSTITSREIQTAVRLLLPGELAKHAVSEGTKAVTKYTSSK
;
D,H
5 'polydeoxyribonucleotide'
;(DC)(DT)(DG)(DG)(DA)(DG)(DA)(DA)(DT)(DC)(DC)(DC)(DG)(DG)(DT)(DG)(DC)(DC)(DG)(DA)
(DG)(DG)(DC)(DC)(DG)(DC)(DT)(DC)(DA)(DA)(DT)(DT)(DG)(DG)(DT)(DC)(DG)(DT)(DA)(DG)
(DA)(DC)(DA)(DG)(DC)(DT)(DC)(DT)(DA)(DG)(DC)(DA)(DC)(DC)(DG)(DC)(DT)(DT)(DA)(DA)
(DA)(DC)(DG)(DC)(DA)(DC)(DG)(DT)(DA)(DC)(DG)(DC)(DG)(DC)(DT)(DG)(DT)(DC)(DC)(DC)
(DC)(DC)(DG)(DC)(DG)(DT)(DT)(DT)(DT)(DA)(DA)(DC)(DC)(DG)(DC)(DC)(DA)(DA)(DG)(DG)
(DG)(DG)(DA)(DT)(DT)(DA)(DC)(DT)(DC)(DC)(DC)(DT)(DA)(DG)(DT)(DC)(DT)(DC)(DC)(DA)
(DG)(DG)(DC)(DA)(DC)(DG)(DT)(DG)(DT)(DC)(DA)(DG)(DA)(DT)(DA)(DT)(DA)(DT)(DA)(DC)
(DA)(DT)(DC)(DC)(DT)(DG)(DT)
;
I
6 'polydeoxyribonucleotide'
;(DA)(DC)(DA)(DG)(DG)(DA)(DT)(DG)(DT)(DA)(DT)(DA)(DT)(DA)(DT)(DC)(DT)(DG)(DA)(DC)
(DA)(DC)(DG)(DT)(DG)(DC)(DC)(DT)(DG)(DG)(DA)(DG)(DA)(DC)(DT)(DA)(DG)(DG)(DG)(DA)
(DG)(DT)(DA)(DA)(DT)(DC)(DC)(DC)(DC)(DT)(DT)(DG)(DG)(DC)(DG)(DG)(DT)(DT)(DA)(DA)
(DA)(DA)(DC)(DG)(DC)(DG)(DG)(DG)(DG)(DG)(DA)(DC)(DA)(DG)(DC)(DG)(DC)(DG)(DT)(DA)
(DC)(DG)(DT)(DG)(DC)(DG)(DT)(DT)(DT)(DA)(DA)(DG)(DC)(DG)(DG)(DT)(DG)(DC)(DT)(DA)
(DG)(DA)(DG)(DC)(DT)(DG)(DT)(DC)(DT)(DA)(DC)(DG)(DA)(DC)(DC)(DA)(DA)(DT)(DT)(DG)
(DA)(DG)(DC)(DG)(DG)(DC)(DC)(DT)(DC)(DG)(DG)(DC)(DA)(DC)(DC)(DG)(DG)(DG)(DA)(DT)
(DT)(DC)(DT)(DC)(DC)(DA)(DG)
;
J
7 'polypeptide(L)'
;GSEFELGSRKEPDKLKKVLDKLRLKRKDISEAAETVNKVVERLLRRMQKRESEFKGVEQLNTGSYYEHVKISAPNEFDVM
FKLEVPRIELQEYYETGAFYLVKFKRIPRGNPLSHFLEGEVLSATKMLSKFRKIIKEEVKEIKDIDVSVEKEKPGSPAVT
LLIRNPEEISVDIILALESKGSWPISTKEGLPIQGWLGTKVRTNLRREPFYLVPKNAKDGNSFQGETWRLSFSHTEKYIL
NNHGIEKTCCESSGAKCCRKECLKLMKYLLEQLKKEFQELDAFCSYHVKTAIFHMWTQDPQDSQWDPRNLSSCFDKLLAF
FLECLRTEKLDHYFIPKFNLFSQELIDRKSKEFLSKKIEYERNNGFPIFDKL
;
K,L
#
loop_
_chem_comp.id
_chem_comp.type
_chem_comp.name
_chem_comp.formula
DA DNA linking 2'-DEOXYADENOSINE-5'-MONOPHOSPHATE 'C10 H14 N5 O6 P'
DC DNA linking 2'-DEOXYCYTIDINE-5'-MONOPHOSPHATE 'C9 H14 N3 O7 P'
DG DNA linking 2'-DEOXYGUANOSINE-5'-MONOPHOSPHATE 'C10 H14 N5 O7 P'
DT DNA linking THYMIDINE-5'-MONOPHOSPHATE 'C10 H15 N2 O8 P'
ZN non-polymer 'ZINC ION' 'Zn 2'
#
# COMPACT_ATOMS: atom_id res chain seq x y z
N LYS A 37 -37.96 -33.75 -9.98
CA LYS A 37 -39.22 -33.25 -10.54
C LYS A 37 -40.10 -32.31 -9.63
N PRO A 38 -40.60 -32.73 -8.44
CA PRO A 38 -41.57 -31.86 -7.72
C PRO A 38 -40.99 -30.54 -7.22
N HIS A 39 -39.85 -30.57 -6.54
CA HIS A 39 -39.24 -29.33 -6.08
C HIS A 39 -37.74 -29.30 -6.33
N ARG A 40 -37.25 -30.14 -7.25
CA ARG A 40 -35.83 -30.18 -7.61
C ARG A 40 -35.40 -28.85 -8.20
N TYR A 41 -34.58 -28.12 -7.46
CA TYR A 41 -34.29 -26.74 -7.85
C TYR A 41 -33.19 -26.67 -8.90
N ARG A 42 -33.27 -25.61 -9.70
CA ARG A 42 -32.30 -25.35 -10.75
C ARG A 42 -30.99 -24.87 -10.11
N PRO A 43 -29.85 -25.00 -10.82
CA PRO A 43 -28.58 -24.47 -10.32
C PRO A 43 -28.62 -22.97 -10.09
N GLY A 44 -27.75 -22.50 -9.21
CA GLY A 44 -27.64 -21.07 -8.94
C GLY A 44 -28.73 -20.48 -8.06
N THR A 45 -30.01 -20.84 -8.27
CA THR A 45 -31.17 -20.45 -7.46
C THR A 45 -30.93 -20.57 -5.96
N VAL A 46 -30.65 -21.82 -5.54
CA VAL A 46 -30.24 -22.16 -4.18
C VAL A 46 -29.01 -21.36 -3.80
N ALA A 47 -28.05 -21.30 -4.71
CA ALA A 47 -26.85 -20.49 -4.49
C ALA A 47 -27.18 -19.00 -4.38
N LEU A 48 -28.19 -18.49 -5.11
CA LEU A 48 -28.62 -17.08 -4.96
C LEU A 48 -29.14 -16.78 -3.55
N ARG A 49 -30.07 -17.62 -3.03
CA ARG A 49 -30.54 -17.45 -1.65
C ARG A 49 -29.38 -17.56 -0.65
N GLU A 50 -28.46 -18.51 -0.92
CA GLU A 50 -27.26 -18.70 -0.10
C GLU A 50 -26.45 -17.40 -0.03
N ILE A 51 -26.18 -16.79 -1.20
CA ILE A 51 -25.36 -15.58 -1.33
C ILE A 51 -26.04 -14.42 -0.62
N ARG A 52 -27.37 -14.37 -0.71
CA ARG A 52 -28.21 -13.41 0.02
C ARG A 52 -27.98 -13.51 1.52
N ARG A 53 -28.17 -14.73 2.09
CA ARG A 53 -27.96 -14.98 3.52
C ARG A 53 -26.51 -14.74 3.94
N TYR A 54 -25.56 -15.04 3.05
CA TYR A 54 -24.13 -14.96 3.35
C TYR A 54 -23.69 -13.52 3.47
N GLN A 55 -23.92 -12.74 2.41
CA GLN A 55 -23.73 -11.29 2.48
C GLN A 55 -24.55 -10.60 3.56
N LYS A 56 -25.68 -11.18 4.00
CA LYS A 56 -26.37 -10.72 5.20
C LYS A 56 -25.68 -11.17 6.49
N SER A 57 -25.02 -12.32 6.48
CA SER A 57 -24.39 -12.84 7.69
C SER A 57 -22.96 -12.30 7.84
N THR A 58 -22.40 -12.50 9.04
CA THR A 58 -21.05 -12.05 9.35
C THR A 58 -20.17 -13.11 9.98
N GLU A 59 -20.73 -14.15 10.58
CA GLU A 59 -19.97 -15.20 11.26
C GLU A 59 -19.09 -16.00 10.30
N LEU A 60 -18.24 -16.83 10.88
CA LEU A 60 -17.29 -17.61 10.12
C LEU A 60 -17.87 -18.94 9.66
N LEU A 61 -17.20 -19.55 8.68
CA LEU A 61 -17.61 -20.81 8.09
C LEU A 61 -16.54 -21.87 8.27
N ILE A 62 -15.73 -21.77 9.33
CA ILE A 62 -14.55 -22.61 9.47
C ILE A 62 -14.62 -23.34 10.82
N ARG A 63 -14.36 -24.65 10.79
CA ARG A 63 -14.03 -25.38 12.00
C ARG A 63 -12.62 -24.99 12.41
N LYS A 64 -12.50 -24.34 13.57
CA LYS A 64 -11.24 -23.71 13.98
C LYS A 64 -10.10 -24.67 14.28
N LEU A 65 -10.41 -25.95 14.54
CA LEU A 65 -9.41 -26.94 14.95
C LEU A 65 -8.36 -27.26 13.88
N PRO A 66 -8.70 -27.73 12.65
CA PRO A 66 -7.63 -27.98 11.65
C PRO A 66 -6.93 -26.69 11.25
N PHE A 67 -7.66 -25.57 11.27
CA PHE A 67 -7.10 -24.25 10.99
C PHE A 67 -5.95 -23.95 11.95
N GLN A 68 -6.18 -24.11 13.26
CA GLN A 68 -5.13 -23.79 14.21
C GLN A 68 -4.06 -24.87 14.24
N ARG A 69 -4.43 -26.10 13.84
CA ARG A 69 -3.47 -27.17 13.56
C ARG A 69 -2.46 -26.70 12.52
N LEU A 70 -2.97 -26.18 11.39
CA LEU A 70 -2.09 -25.61 10.36
C LEU A 70 -1.34 -24.38 10.84
N VAL A 71 -1.93 -23.60 11.76
CA VAL A 71 -1.26 -22.46 12.37
C VAL A 71 0.02 -22.91 13.06
N ARG A 72 -0.12 -23.85 14.02
CA ARG A 72 1.06 -24.41 14.69
C ARG A 72 1.99 -25.16 13.74
N GLU A 73 1.42 -25.78 12.69
CA GLU A 73 2.22 -26.46 11.67
C GLU A 73 3.14 -25.51 10.91
N ILE A 74 2.60 -24.36 10.52
CA ILE A 74 3.43 -23.34 9.89
C ILE A 74 4.40 -22.74 10.91
N ALA A 75 3.91 -22.55 12.15
CA ALA A 75 4.65 -21.89 13.22
C ALA A 75 5.91 -22.65 13.62
N GLN A 76 5.78 -23.98 13.80
CA GLN A 76 6.87 -24.86 14.27
C GLN A 76 8.10 -24.85 13.37
N ASP A 77 7.94 -24.51 12.09
CA ASP A 77 9.02 -24.42 11.11
C ASP A 77 10.06 -23.41 11.56
N PHE A 78 9.60 -22.17 11.78
CA PHE A 78 10.43 -21.09 12.31
C PHE A 78 10.89 -21.38 13.73
N LYS A 79 9.97 -21.80 14.61
CA LYS A 79 10.25 -22.25 15.96
C LYS A 79 9.04 -22.96 16.53
N THR A 80 9.29 -24.10 17.17
CA THR A 80 8.27 -24.88 17.85
C THR A 80 8.24 -24.39 19.31
N ASP A 81 7.54 -25.13 20.20
CA ASP A 81 7.49 -24.95 21.66
C ASP A 81 6.98 -23.57 22.04
N LEU A 82 5.82 -23.20 21.48
CA LEU A 82 5.24 -21.91 21.80
C LEU A 82 3.74 -22.06 22.00
N ARG A 83 3.22 -21.34 22.98
CA ARG A 83 1.82 -21.29 23.35
C ARG A 83 1.20 -20.03 22.76
N PHE A 84 -0.12 -19.86 22.95
CA PHE A 84 -0.87 -18.73 22.40
C PHE A 84 -2.26 -18.66 23.01
N GLN A 85 -2.81 -17.45 23.05
CA GLN A 85 -4.20 -17.28 23.41
C GLN A 85 -5.08 -17.43 22.18
N SER A 86 -6.28 -17.99 22.40
CA SER A 86 -7.27 -18.22 21.33
C SER A 86 -7.75 -16.95 20.64
N SER A 87 -7.63 -15.79 21.31
CA SER A 87 -8.05 -14.49 20.76
C SER A 87 -7.32 -14.20 19.47
N ALA A 88 -5.99 -14.31 19.51
CA ALA A 88 -5.14 -14.13 18.34
C ALA A 88 -5.50 -15.10 17.23
N VAL A 89 -5.88 -16.34 17.60
CA VAL A 89 -6.24 -17.37 16.62
C VAL A 89 -7.52 -16.95 15.89
N MET A 90 -8.50 -16.47 16.65
CA MET A 90 -9.74 -15.97 16.07
C MET A 90 -9.49 -14.77 15.19
N ALA A 91 -8.57 -13.88 15.63
CA ALA A 91 -8.13 -12.74 14.82
C ALA A 91 -7.53 -13.20 13.50
N LEU A 92 -6.73 -14.27 13.55
CA LEU A 92 -6.11 -14.84 12.36
C LEU A 92 -7.18 -15.36 11.40
N GLN A 93 -8.12 -16.14 11.94
CA GLN A 93 -9.23 -16.70 11.17
C GLN A 93 -10.04 -15.59 10.52
N GLU A 94 -10.28 -14.51 11.28
CA GLU A 94 -11.00 -13.32 10.82
C GLU A 94 -10.28 -12.67 9.65
N ALA A 95 -9.02 -12.29 9.86
CA ALA A 95 -8.22 -11.56 8.86
C ALA A 95 -8.00 -12.39 7.61
N SER A 96 -7.76 -13.70 7.78
CA SER A 96 -7.57 -14.61 6.66
C SER A 96 -8.83 -14.75 5.83
N GLU A 97 -9.97 -15.00 6.51
CA GLU A 97 -11.29 -15.09 5.88
C GLU A 97 -11.61 -13.82 5.12
N ALA A 98 -11.28 -12.67 5.72
CA ALA A 98 -11.51 -11.35 5.14
C ALA A 98 -10.73 -11.19 3.85
N TYR A 99 -9.40 -11.44 3.93
CA TYR A 99 -8.51 -11.33 2.77
C TYR A 99 -8.98 -12.25 1.62
N LEU A 100 -9.35 -13.51 1.94
CA LEU A 100 -9.75 -14.46 0.89
C LEU A 100 -11.09 -14.09 0.29
N VAL A 101 -12.04 -13.59 1.10
CA VAL A 101 -13.34 -13.23 0.54
C VAL A 101 -13.22 -11.97 -0.32
N GLY A 102 -12.33 -11.03 0.06
CA GLY A 102 -11.96 -9.93 -0.84
C GLY A 102 -11.42 -10.42 -2.18
N LEU A 103 -10.49 -11.41 -2.12
CA LEU A 103 -9.99 -12.05 -3.34
C LEU A 103 -11.11 -12.73 -4.13
N PHE A 104 -12.06 -13.33 -3.43
CA PHE A 104 -13.21 -13.97 -4.05
C PHE A 104 -13.99 -12.96 -4.87
N GLU A 105 -14.30 -11.78 -4.29
CA GLU A 105 -15.04 -10.76 -5.05
C GLU A 105 -14.22 -10.22 -6.21
N ASP A 106 -12.90 -10.03 -6.00
CA ASP A 106 -12.02 -9.57 -7.07
C ASP A 106 -11.94 -10.54 -8.24
N THR A 107 -11.67 -11.83 -7.94
CA THR A 107 -11.65 -12.88 -8.95
C THR A 107 -13.00 -13.09 -9.60
N ASN A 108 -14.08 -12.87 -8.83
CA ASN A 108 -15.43 -12.91 -9.38
C ASN A 108 -15.61 -11.90 -10.48
N LEU A 109 -15.32 -10.62 -10.17
CA LEU A 109 -15.35 -9.53 -11.16
C LEU A 109 -14.39 -9.76 -12.31
N ALA A 110 -13.24 -10.40 -12.03
CA ALA A 110 -12.28 -10.74 -13.06
C ALA A 110 -12.88 -11.69 -14.09
N ALA A 111 -13.48 -12.80 -13.60
CA ALA A 111 -14.20 -13.73 -14.46
C ALA A 111 -15.38 -13.06 -15.18
N ILE A 112 -16.03 -12.10 -14.51
CA ILE A 112 -17.09 -11.28 -15.11
C ILE A 112 -16.57 -10.56 -16.35
N HIS A 113 -15.47 -9.79 -16.18
CA HIS A 113 -14.82 -9.14 -17.32
C HIS A 113 -14.35 -10.14 -18.38
N ALA A 114 -13.96 -11.34 -17.93
CA ALA A 114 -13.64 -12.49 -18.78
C ALA A 114 -14.87 -13.12 -19.43
N LYS A 115 -16.08 -12.68 -19.04
CA LYS A 115 -17.38 -13.07 -19.60
C LYS A 115 -17.67 -14.55 -19.44
N ARG A 116 -17.43 -15.06 -18.23
CA ARG A 116 -17.66 -16.46 -17.91
C ARG A 116 -18.45 -16.50 -16.60
N VAL A 117 -18.73 -17.72 -16.13
CA VAL A 117 -19.44 -17.91 -14.87
C VAL A 117 -18.70 -18.83 -13.90
N THR A 118 -17.80 -19.68 -14.38
CA THR A 118 -17.04 -20.60 -13.55
C THR A 118 -15.63 -20.06 -13.32
N ILE A 119 -15.10 -20.34 -12.13
CA ILE A 119 -13.79 -19.86 -11.75
C ILE A 119 -12.68 -20.57 -12.53
N MET A 120 -11.50 -19.99 -12.48
CA MET A 120 -10.30 -20.41 -13.18
C MET A 120 -9.12 -19.94 -12.33
N PRO A 121 -7.91 -20.48 -12.57
CA PRO A 121 -6.79 -20.04 -11.73
C PRO A 121 -6.12 -18.76 -12.22
N LYS A 122 -6.17 -18.53 -13.54
CA LYS A 122 -5.45 -17.42 -14.17
C LYS A 122 -5.90 -16.04 -13.69
N ASP A 123 -7.21 -15.82 -13.50
CA ASP A 123 -7.71 -14.59 -12.88
C ASP A 123 -7.11 -14.34 -11.49
N ILE A 124 -7.02 -15.41 -10.68
CA ILE A 124 -6.43 -15.32 -9.33
C ILE A 124 -4.97 -14.92 -9.42
N GLN A 125 -4.28 -15.50 -10.42
CA GLN A 125 -2.86 -15.23 -10.65
C GLN A 125 -2.69 -13.77 -11.06
N LEU A 126 -3.55 -13.32 -11.98
CA LEU A 126 -3.53 -11.93 -12.41
C LEU A 126 -3.95 -10.96 -11.31
N ALA A 127 -4.80 -11.39 -10.38
CA ALA A 127 -5.14 -10.57 -9.21
C ALA A 127 -3.91 -10.31 -8.35
N ARG A 128 -3.23 -11.40 -7.95
CA ARG A 128 -1.95 -11.31 -7.24
C ARG A 128 -0.91 -10.50 -8.02
N ARG A 129 -0.90 -10.67 -9.35
CA ARG A 129 -0.02 -9.95 -10.25
C ARG A 129 -0.23 -8.45 -10.19
N ILE A 130 -1.48 -8.00 -10.40
CA ILE A 130 -1.81 -6.57 -10.38
C ILE A 130 -1.51 -5.96 -9.02
N ARG A 131 -1.80 -6.69 -7.94
CA ARG A 131 -1.29 -6.18 -6.66
C ARG A 131 0.23 -6.40 -6.46
N GLY A 132 1.03 -6.87 -7.41
CA GLY A 132 2.45 -7.09 -7.21
C GLY A 132 2.82 -8.20 -6.25
N GLU A 133 1.87 -9.03 -5.82
CA GLU A 133 2.11 -10.13 -4.90
C GLU A 133 2.76 -11.31 -5.60
N ARG A 134 2.82 -11.29 -6.92
CA ARG A 134 3.51 -12.30 -7.71
C ARG A 134 3.88 -11.69 -9.05
N ARG B 23 0.28 -35.47 9.66
CA ARG B 23 0.38 -34.07 10.03
C ARG B 23 0.43 -33.21 8.77
N ASP B 24 -0.66 -33.18 8.01
CA ASP B 24 -0.78 -32.23 6.92
C ASP B 24 -1.73 -31.10 7.29
N ASN B 25 -3.01 -31.43 7.60
CA ASN B 25 -4.13 -30.56 7.98
C ASN B 25 -4.60 -29.57 6.90
N ILE B 26 -3.90 -29.49 5.76
CA ILE B 26 -4.27 -28.58 4.69
C ILE B 26 -5.43 -29.18 3.91
N GLN B 27 -5.50 -30.50 3.84
CA GLN B 27 -6.73 -31.10 3.37
C GLN B 27 -7.85 -31.03 4.40
N GLY B 28 -7.55 -30.68 5.66
CA GLY B 28 -8.58 -30.42 6.66
C GLY B 28 -9.50 -29.23 6.35
N ILE B 29 -9.19 -28.37 5.39
CA ILE B 29 -10.11 -27.33 4.98
C ILE B 29 -10.99 -28.01 3.93
N THR B 30 -12.10 -28.57 4.40
CA THR B 30 -13.03 -29.34 3.59
C THR B 30 -13.55 -28.50 2.43
N LYS B 31 -13.56 -29.11 1.25
CA LYS B 31 -14.13 -28.54 0.02
C LYS B 31 -15.52 -27.88 0.17
N PRO B 32 -16.54 -28.49 0.81
CA PRO B 32 -17.80 -27.72 0.95
C PRO B 32 -17.69 -26.48 1.85
N ALA B 33 -16.82 -26.47 2.87
CA ALA B 33 -16.52 -25.23 3.59
C ALA B 33 -15.96 -24.16 2.66
N ILE B 34 -14.97 -24.54 1.83
CA ILE B 34 -14.41 -23.67 0.80
C ILE B 34 -15.50 -23.17 -0.15
N ARG B 35 -16.47 -24.04 -0.43
CA ARG B 35 -17.57 -23.72 -1.33
C ARG B 35 -18.47 -22.67 -0.70
N ARG B 36 -18.83 -22.87 0.59
CA ARG B 36 -19.56 -21.89 1.39
C ARG B 36 -18.87 -20.54 1.42
N LEU B 37 -17.54 -20.56 1.63
CA LEU B 37 -16.74 -19.34 1.69
C LEU B 37 -16.79 -18.60 0.35
N ALA B 38 -16.57 -19.34 -0.74
CA ALA B 38 -16.63 -18.79 -2.09
C ALA B 38 -18.02 -18.25 -2.42
N ARG B 39 -19.06 -18.93 -1.91
CA ARG B 39 -20.45 -18.44 -2.03
C ARG B 39 -20.60 -17.10 -1.33
N ARG B 40 -20.09 -16.98 -0.10
CA ARG B 40 -20.03 -15.68 0.58
C ARG B 40 -19.23 -14.65 -0.21
N GLY B 41 -18.25 -15.09 -0.98
CA GLY B 41 -17.56 -14.31 -1.96
C GLY B 41 -18.29 -14.09 -3.27
N GLY B 42 -19.55 -14.51 -3.36
CA GLY B 42 -20.34 -14.29 -4.56
C GLY B 42 -19.91 -15.08 -5.78
N VAL B 43 -20.17 -16.39 -5.80
CA VAL B 43 -19.75 -17.25 -6.89
C VAL B 43 -20.95 -18.03 -7.40
N LYS B 44 -21.02 -18.19 -8.72
CA LYS B 44 -22.09 -18.96 -9.33
C LYS B 44 -21.63 -20.40 -9.53
N ARG B 45 -20.61 -20.62 -10.34
CA ARG B 45 -20.16 -21.97 -10.59
C ARG B 45 -18.69 -22.08 -10.20
N ILE B 46 -18.29 -23.28 -9.79
CA ILE B 46 -17.10 -23.50 -8.99
C ILE B 46 -16.37 -24.63 -9.69
N SER B 47 -15.26 -24.31 -10.35
CA SER B 47 -14.34 -25.31 -10.89
C SER B 47 -13.72 -26.16 -9.79
N GLY B 48 -13.69 -27.48 -10.03
CA GLY B 48 -13.20 -28.43 -9.05
C GLY B 48 -11.70 -28.47 -8.83
N LEU B 49 -10.92 -27.68 -9.57
CA LEU B 49 -9.47 -27.74 -9.45
C LEU B 49 -8.93 -26.72 -8.45
N ILE B 50 -9.71 -25.68 -8.16
CA ILE B 50 -9.24 -24.48 -7.47
C ILE B 50 -8.95 -24.70 -5.98
N TYR B 51 -9.34 -25.84 -5.42
CA TYR B 51 -9.23 -26.07 -3.98
C TYR B 51 -7.78 -26.18 -3.50
N GLU B 52 -6.96 -26.97 -4.18
CA GLU B 52 -5.55 -27.06 -3.80
C GLU B 52 -4.79 -25.78 -4.12
N GLU B 53 -5.17 -25.10 -5.22
CA GLU B 53 -4.67 -23.76 -5.58
C GLU B 53 -4.83 -22.78 -4.43
N THR B 54 -6.08 -22.60 -3.98
CA THR B 54 -6.38 -21.66 -2.91
C THR B 54 -5.77 -22.11 -1.60
N ARG B 55 -5.72 -23.43 -1.36
CA ARG B 55 -5.04 -24.03 -0.21
C ARG B 55 -3.59 -23.55 -0.14
N GLY B 56 -2.89 -23.65 -1.27
CA GLY B 56 -1.50 -23.20 -1.35
C GLY B 56 -1.38 -21.70 -1.16
N VAL B 57 -2.29 -20.94 -1.77
CA VAL B 57 -2.22 -19.48 -1.72
C VAL B 57 -2.48 -18.98 -0.30
N LEU B 58 -3.55 -19.48 0.34
CA LEU B 58 -3.84 -19.19 1.75
C LEU B 58 -2.69 -19.64 2.65
N LYS B 59 -2.06 -20.77 2.31
CA LYS B 59 -0.89 -21.30 3.03
C LYS B 59 0.25 -20.30 3.01
N VAL B 60 0.55 -19.75 1.82
CA VAL B 60 1.59 -18.74 1.62
C VAL B 60 1.29 -17.51 2.48
N PHE B 61 0.02 -17.03 2.41
CA PHE B 61 -0.48 -15.91 3.21
C PHE B 61 -0.25 -16.12 4.70
N LEU B 62 -0.69 -17.29 5.22
CA LEU B 62 -0.52 -17.63 6.63
C LEU B 62 0.95 -17.70 7.01
N GLU B 63 1.78 -18.19 6.08
CA GLU B 63 3.23 -18.27 6.32
C GLU B 63 3.81 -16.88 6.55
N ASN B 64 3.47 -15.92 5.68
CA ASN B 64 3.83 -14.51 5.86
C ASN B 64 3.41 -13.96 7.22
N VAL B 65 2.10 -14.07 7.54
CA VAL B 65 1.55 -13.53 8.80
C VAL B 65 2.24 -14.15 10.01
N ILE B 66 2.31 -15.49 10.06
CA ILE B 66 2.79 -16.24 11.21
C ILE B 66 4.28 -15.99 11.39
N ARG B 67 5.05 -15.87 10.27
CA ARG B 67 6.46 -15.52 10.34
C ARG B 67 6.66 -14.13 10.98
N ASP B 68 5.83 -13.14 10.59
CA ASP B 68 5.93 -11.82 11.19
C ASP B 68 5.62 -11.86 12.69
N ALA B 69 4.51 -12.51 13.04
CA ALA B 69 4.08 -12.62 14.44
C ALA B 69 5.08 -13.39 15.31
N VAL B 70 5.70 -14.45 14.75
CA VAL B 70 6.72 -15.18 15.52
C VAL B 70 7.94 -14.30 15.77
N THR B 71 8.42 -13.52 14.74
CA THR B 71 9.55 -12.61 14.92
C THR B 71 9.27 -11.58 16.02
N TYR B 72 8.04 -11.03 16.00
CA TYR B 72 7.50 -10.17 17.05
C TYR B 72 7.66 -10.83 18.41
N THR B 73 7.02 -12.01 18.56
CA THR B 73 6.99 -12.80 19.79
C THR B 73 8.41 -13.10 20.32
N GLU B 74 9.36 -13.32 19.39
CA GLU B 74 10.76 -13.57 19.75
C GLU B 74 11.39 -12.34 20.39
N HIS B 75 11.32 -11.18 19.72
CA HIS B 75 11.82 -9.96 20.39
C HIS B 75 10.97 -9.54 21.61
N ALA B 76 9.74 -10.04 21.71
CA ALA B 76 8.94 -9.86 22.91
C ALA B 76 9.35 -10.79 24.06
N LYS B 77 10.35 -11.66 23.84
CA LYS B 77 10.91 -12.63 24.81
C LYS B 77 9.85 -13.54 25.43
N ARG B 78 8.77 -13.77 24.71
CA ARG B 78 7.62 -14.49 25.23
C ARG B 78 7.70 -15.95 24.83
N LYS B 79 6.98 -16.76 25.57
CA LYS B 79 6.79 -18.17 25.24
C LYS B 79 5.39 -18.42 24.71
N THR B 80 4.40 -17.77 25.28
CA THR B 80 3.08 -17.69 24.68
C THR B 80 3.05 -16.60 23.62
N VAL B 81 1.94 -16.54 22.88
CA VAL B 81 1.73 -15.53 21.85
C VAL B 81 0.46 -14.77 22.18
N THR B 82 0.50 -13.45 22.01
CA THR B 82 -0.60 -12.55 22.24
C THR B 82 -1.22 -12.13 20.92
N ALA B 83 -2.13 -11.16 20.99
CA ALA B 83 -2.83 -10.66 19.81
C ALA B 83 -2.24 -9.36 19.26
N MET B 84 -1.63 -8.52 20.10
CA MET B 84 -1.18 -7.19 19.67
C MET B 84 -0.03 -7.25 18.67
N ASP B 85 0.92 -8.18 18.86
CA ASP B 85 1.92 -8.55 17.84
C ASP B 85 1.30 -8.80 16.47
N VAL B 86 0.22 -9.61 16.44
CA VAL B 86 -0.52 -9.91 15.22
C VAL B 86 -1.08 -8.63 14.62
N VAL B 87 -1.64 -7.76 15.48
CA VAL B 87 -2.16 -6.46 15.04
C VAL B 87 -1.06 -5.66 14.32
N TYR B 88 0.13 -5.64 14.91
CA TYR B 88 1.25 -4.94 14.30
C TYR B 88 1.65 -5.59 12.97
N ALA B 89 1.63 -6.93 12.92
CA ALA B 89 1.89 -7.71 11.70
C ALA B 89 0.95 -7.33 10.57
N LEU B 90 -0.37 -7.32 10.85
CA LEU B 90 -1.39 -6.98 9.86
C LEU B 90 -1.22 -5.54 9.40
N LYS B 91 -1.02 -4.63 10.37
CA LYS B 91 -0.74 -3.21 10.15
C LYS B 91 0.40 -3.05 9.14
N ARG B 92 1.57 -3.62 9.47
CA ARG B 92 2.75 -3.56 8.62
C ARG B 92 2.53 -4.27 7.27
N GLN B 93 1.57 -5.19 7.18
CA GLN B 93 1.16 -5.73 5.89
C GLN B 93 0.03 -4.96 5.25
N GLY B 94 -0.29 -3.77 5.76
CA GLY B 94 -1.36 -2.91 5.25
C GLY B 94 -2.74 -3.53 5.34
N ARG B 95 -3.02 -4.26 6.41
CA ARG B 95 -4.26 -5.00 6.61
C ARG B 95 -4.88 -4.60 7.93
N THR B 96 -4.99 -3.28 8.16
CA THR B 96 -5.40 -2.69 9.42
C THR B 96 -6.81 -3.09 9.87
N LEU B 97 -6.86 -3.69 11.06
CA LEU B 97 -8.06 -4.20 11.68
C LEU B 97 -8.08 -3.79 13.14
N TYR B 98 -9.28 -3.59 13.64
CA TYR B 98 -9.55 -3.26 15.03
C TYR B 98 -10.41 -4.36 15.65
N GLY B 99 -10.94 -4.09 16.84
CA GLY B 99 -11.80 -5.06 17.50
C GLY B 99 -11.10 -6.18 18.22
N PHE B 100 -9.78 -6.14 18.30
CA PHE B 100 -8.99 -7.13 19.01
C PHE B 100 -8.02 -6.41 19.92
N GLY B 101 -8.54 -5.44 20.65
CA GLY B 101 -7.78 -4.59 21.51
C GLY B 101 -6.99 -3.56 20.73
N GLY B 102 -6.11 -2.87 21.44
CA GLY B 102 -5.35 -1.79 20.86
C GLY B 102 -6.15 -0.53 20.61
N ALA C 10 48.52 15.91 26.44
CA ALA C 10 47.33 15.27 25.91
C ALA C 10 47.10 15.69 24.46
N ARG C 11 45.81 15.80 24.10
CA ARG C 11 45.30 16.19 22.77
C ARG C 11 45.87 15.27 21.67
N ALA C 12 45.52 13.99 21.79
CA ALA C 12 45.90 12.97 20.81
C ALA C 12 45.22 13.23 19.47
N LYS C 13 45.69 12.49 18.44
CA LYS C 13 45.18 12.59 17.08
C LYS C 13 43.72 12.18 17.05
N ALA C 14 42.87 13.03 16.46
CA ALA C 14 41.47 12.70 16.31
C ALA C 14 41.29 11.51 15.38
N LYS C 15 40.45 10.57 15.80
CA LYS C 15 40.29 9.33 15.07
C LYS C 15 38.81 9.06 14.87
N THR C 16 38.48 8.61 13.66
CA THR C 16 37.11 8.24 13.34
C THR C 16 36.75 6.96 14.07
N ARG C 17 35.52 6.90 14.57
CA ARG C 17 35.01 5.67 15.19
C ARG C 17 34.80 4.57 14.14
N SER C 18 34.69 4.96 12.87
CA SER C 18 34.60 4.04 11.75
C SER C 18 35.86 3.22 11.59
N SER C 19 37.03 3.80 11.86
CA SER C 19 38.27 3.03 11.88
C SER C 19 38.24 1.99 12.99
N ARG C 20 37.78 2.39 14.19
CA ARG C 20 37.57 1.47 15.30
C ARG C 20 36.46 0.43 15.03
N ALA C 21 35.62 0.67 14.05
CA ALA C 21 34.74 -0.36 13.49
C ALA C 21 35.26 -0.95 12.19
N GLY C 22 36.34 -0.39 11.65
CA GLY C 22 37.00 -0.85 10.43
C GLY C 22 36.10 -0.80 9.21
N LEU C 23 35.35 0.28 9.06
CA LEU C 23 34.34 0.40 8.02
C LEU C 23 34.50 1.75 7.34
N GLN C 24 33.70 1.99 6.31
CA GLN C 24 33.82 3.18 5.48
C GLN C 24 32.70 4.20 5.69
N PHE C 25 31.81 4.00 6.72
CA PHE C 25 30.65 4.87 6.95
C PHE C 25 30.89 5.87 8.08
N PRO C 26 30.30 7.07 8.04
CA PRO C 26 30.44 8.00 9.18
C PRO C 26 29.65 7.55 10.40
N VAL C 27 30.33 7.46 11.53
CA VAL C 27 29.68 7.09 12.78
C VAL C 27 29.21 8.32 13.55
N GLY C 28 30.04 9.37 13.54
CA GLY C 28 29.66 10.63 14.16
C GLY C 28 28.45 11.28 13.52
N ARG C 29 28.48 11.43 12.18
CA ARG C 29 27.35 11.95 11.40
C ARG C 29 26.08 11.14 11.62
N VAL C 30 26.20 9.79 11.55
CA VAL C 30 25.06 8.88 11.75
C VAL C 30 24.44 9.11 13.14
N HIS C 31 25.26 9.06 14.20
CA HIS C 31 24.76 9.21 15.56
C HIS C 31 24.17 10.60 15.76
N ARG C 32 24.72 11.62 15.08
CA ARG C 32 24.19 12.97 15.10
C ARG C 32 22.78 13.00 14.53
N LEU C 33 22.62 12.52 13.28
CA LEU C 33 21.32 12.50 12.59
C LEU C 33 20.32 11.61 13.33
N LEU C 34 20.81 10.54 13.96
CA LEU C 34 20.02 9.74 14.88
C LEU C 34 19.47 10.60 16.00
N ARG C 35 20.36 11.29 16.73
CA ARG C 35 19.95 12.27 17.73
C ARG C 35 19.21 13.49 17.14
N LYS C 36 19.30 13.73 15.84
CA LYS C 36 18.43 14.67 15.17
C LYS C 36 17.20 13.99 14.56
N GLY C 37 17.01 12.70 14.83
CA GLY C 37 15.87 12.00 14.29
C GLY C 37 14.64 11.91 15.16
N ASN C 38 14.74 12.38 16.41
CA ASN C 38 13.62 12.48 17.39
C ASN C 38 12.88 11.16 17.60
N TYR C 39 13.65 10.14 17.97
CA TYR C 39 13.10 8.82 18.24
C TYR C 39 13.11 8.46 19.72
N ALA C 40 14.27 8.52 20.38
CA ALA C 40 14.35 7.98 21.73
C ALA C 40 15.06 8.95 22.65
N GLU C 41 15.40 8.50 23.85
CA GLU C 41 16.04 9.37 24.84
C GLU C 41 17.50 9.02 25.02
N ARG C 42 17.82 7.74 25.10
CA ARG C 42 19.20 7.30 25.15
C ARG C 42 19.40 6.37 23.97
N VAL C 43 20.66 6.24 23.53
CA VAL C 43 21.00 5.54 22.29
C VAL C 43 22.17 4.63 22.61
N GLY C 44 21.93 3.32 22.55
CA GLY C 44 22.92 2.26 22.69
C GLY C 44 24.11 2.43 21.78
N ALA C 45 25.32 2.45 22.37
CA ALA C 45 26.57 2.83 21.71
C ALA C 45 26.86 2.03 20.44
N GLY C 46 26.53 0.73 20.44
CA GLY C 46 26.77 -0.06 19.26
C GLY C 46 25.72 0.03 18.17
N ALA C 47 24.49 0.45 18.52
CA ALA C 47 23.37 0.60 17.56
C ALA C 47 23.68 1.44 16.32
N PRO C 48 24.33 2.64 16.38
CA PRO C 48 24.73 3.29 15.12
C PRO C 48 25.76 2.49 14.33
N VAL C 49 26.75 1.92 15.03
CA VAL C 49 27.72 1.01 14.42
C VAL C 49 27.02 -0.18 13.78
N TYR C 50 26.07 -0.80 14.52
CA TYR C 50 25.28 -1.93 14.03
C TYR C 50 24.56 -1.61 12.73
N LEU C 51 23.79 -0.51 12.74
CA LEU C 51 23.02 -0.07 11.58
C LEU C 51 23.94 0.25 10.41
N ALA C 52 25.05 0.94 10.70
CA ALA C 52 26.01 1.33 9.69
C ALA C 52 26.61 0.10 9.01
N ALA C 53 26.95 -0.93 9.79
CA ALA C 53 27.46 -2.18 9.23
C ALA C 53 26.43 -2.87 8.34
N VAL C 54 25.16 -2.87 8.80
CA VAL C 54 24.00 -3.34 8.02
C VAL C 54 23.96 -2.64 6.67
N LEU C 55 23.94 -1.29 6.70
CA LEU C 55 23.82 -0.47 5.51
C LEU C 55 25.02 -0.66 4.57
N GLU C 56 26.20 -0.88 5.15
CA GLU C 56 27.41 -1.12 4.37
C GLU C 56 27.30 -2.42 3.58
N TYR C 57 26.91 -3.52 4.27
CA TYR C 57 26.68 -4.79 3.60
C TYR C 57 25.62 -4.71 2.49
N LEU C 58 24.54 -3.94 2.73
CA LEU C 58 23.47 -3.82 1.76
C LEU C 58 23.94 -3.06 0.52
N THR C 59 24.51 -1.85 0.72
CA THR C 59 25.01 -1.06 -0.41
C THR C 59 26.12 -1.77 -1.16
N ALA C 60 26.90 -2.64 -0.47
CA ALA C 60 27.87 -3.48 -1.15
C ALA C 60 27.17 -4.43 -2.11
N GLU C 61 26.17 -5.18 -1.59
CA GLU C 61 25.29 -6.05 -2.38
C GLU C 61 24.69 -5.32 -3.59
N ILE C 62 24.27 -4.07 -3.39
CA ILE C 62 23.69 -3.25 -4.46
C ILE C 62 24.73 -2.98 -5.53
N LEU C 63 25.81 -2.26 -5.14
CA LEU C 63 26.75 -1.69 -6.11
C LEU C 63 27.53 -2.77 -6.84
N GLU C 64 27.72 -3.94 -6.19
CA GLU C 64 28.24 -5.15 -6.79
C GLU C 64 27.49 -5.49 -8.06
N LEU C 65 26.20 -5.83 -7.91
CA LEU C 65 25.35 -6.24 -9.02
C LEU C 65 25.12 -5.11 -10.01
N ALA C 66 25.17 -3.87 -9.51
CA ALA C 66 25.08 -2.68 -10.34
C ALA C 66 26.21 -2.65 -11.36
N GLY C 67 27.46 -2.67 -10.88
CA GLY C 67 28.61 -2.74 -11.75
C GLY C 67 28.67 -3.99 -12.60
N ASN C 68 28.17 -5.13 -12.07
CA ASN C 68 28.01 -6.38 -12.81
C ASN C 68 27.19 -6.16 -14.08
N ALA C 69 25.95 -5.71 -13.88
CA ALA C 69 25.04 -5.36 -14.97
C ALA C 69 25.68 -4.35 -15.92
N ALA C 70 26.30 -3.30 -15.36
CA ALA C 70 26.94 -2.22 -16.11
C ALA C 70 28.01 -2.75 -17.07
N ARG C 71 28.90 -3.61 -16.58
CA ARG C 71 29.90 -4.21 -17.45
C ARG C 71 29.25 -5.18 -18.43
N ASP C 72 28.16 -5.86 -18.02
CA ASP C 72 27.39 -6.69 -18.95
C ASP C 72 26.74 -5.88 -20.08
N ASN C 73 26.56 -4.57 -19.89
CA ASN C 73 26.16 -3.66 -20.96
C ASN C 73 27.35 -3.05 -21.67
N LYS C 74 28.57 -3.47 -21.30
CA LYS C 74 29.85 -2.98 -21.81
C LYS C 74 30.01 -1.48 -21.54
N LYS C 75 29.72 -1.08 -20.30
CA LYS C 75 29.65 0.33 -19.95
C LYS C 75 30.53 0.60 -18.74
N THR C 76 30.95 1.86 -18.62
CA THR C 76 31.87 2.34 -17.61
C THR C 76 31.19 3.05 -16.45
N ARG C 77 30.23 3.92 -16.74
CA ARG C 77 29.45 4.69 -15.78
C ARG C 77 28.04 4.14 -15.72
N ILE C 78 27.24 4.68 -14.79
CA ILE C 78 26.03 4.00 -14.35
C ILE C 78 24.81 4.85 -14.72
N ILE C 79 23.75 4.15 -15.12
CA ILE C 79 22.47 4.73 -15.55
C ILE C 79 21.37 3.94 -14.86
N PRO C 80 20.19 4.55 -14.66
CA PRO C 80 19.10 3.85 -13.91
C PRO C 80 18.60 2.54 -14.52
N ARG C 81 18.83 2.29 -15.81
CA ARG C 81 18.34 1.13 -16.57
C ARG C 81 18.78 -0.19 -15.94
N HIS C 82 20.09 -0.47 -15.98
CA HIS C 82 20.66 -1.72 -15.46
C HIS C 82 20.40 -1.90 -13.97
N LEU C 83 20.30 -0.77 -13.25
CA LEU C 83 19.97 -0.76 -11.83
C LEU C 83 18.61 -1.38 -11.62
N GLN C 84 17.58 -0.81 -12.31
CA GLN C 84 16.22 -1.33 -12.23
C GLN C 84 16.11 -2.77 -12.73
N LEU C 85 16.92 -3.12 -13.74
CA LEU C 85 17.01 -4.51 -14.24
C LEU C 85 17.42 -5.46 -13.13
N ALA C 86 18.62 -5.24 -12.56
CA ALA C 86 19.14 -6.00 -11.42
C ALA C 86 18.15 -6.07 -10.26
N ILE C 87 17.46 -4.95 -9.97
CA ILE C 87 16.39 -4.91 -8.96
C ILE C 87 15.33 -5.96 -9.29
N ARG C 88 14.64 -5.79 -10.46
CA ARG C 88 13.60 -6.70 -10.94
C ARG C 88 14.14 -8.10 -11.38
N ASN C 89 15.40 -8.44 -11.20
CA ASN C 89 15.94 -9.78 -11.44
C ASN C 89 16.09 -10.59 -10.17
N ASP C 90 16.53 -9.96 -9.09
CA ASP C 90 16.62 -10.62 -7.79
C ASP C 90 15.22 -10.87 -7.23
N GLU C 91 15.11 -11.88 -6.37
CA GLU C 91 13.84 -12.15 -5.70
C GLU C 91 13.66 -11.25 -4.47
N GLU C 92 14.57 -11.37 -3.49
CA GLU C 92 14.46 -10.71 -2.18
C GLU C 92 14.42 -9.20 -2.30
N LEU C 93 15.26 -8.64 -3.16
CA LEU C 93 15.39 -7.18 -3.27
C LEU C 93 14.18 -6.58 -3.96
N ASN C 94 13.76 -7.19 -5.08
CA ASN C 94 12.56 -6.78 -5.81
C ASN C 94 11.32 -6.79 -4.92
N LYS C 95 11.09 -7.91 -4.23
CA LYS C 95 10.00 -8.00 -3.26
C LYS C 95 10.10 -6.91 -2.19
N LEU C 96 11.32 -6.65 -1.70
CA LEU C 96 11.55 -5.54 -0.78
C LEU C 96 11.27 -4.20 -1.44
N LEU C 97 11.75 -4.01 -2.67
CA LEU C 97 11.60 -2.75 -3.39
C LEU C 97 10.51 -2.79 -4.44
N GLY C 98 9.31 -3.23 -4.04
CA GLY C 98 8.24 -3.48 -4.98
C GLY C 98 7.67 -2.25 -5.67
N LYS C 99 7.03 -1.37 -4.90
CA LYS C 99 6.35 -0.23 -5.47
C LYS C 99 7.30 0.95 -5.80
N VAL C 100 8.61 0.77 -5.64
CA VAL C 100 9.58 1.83 -5.90
C VAL C 100 9.58 2.21 -7.38
N THR C 101 9.59 3.50 -7.64
CA THR C 101 9.62 4.05 -8.99
C THR C 101 10.95 4.74 -9.21
N ILE C 102 11.44 4.68 -10.45
CA ILE C 102 12.79 5.09 -10.80
C ILE C 102 12.75 5.89 -12.11
N ALA C 103 13.29 7.12 -12.08
CA ALA C 103 13.34 7.97 -13.27
C ALA C 103 14.28 7.34 -14.29
N GLN C 104 13.73 7.08 -15.49
CA GLN C 104 14.39 6.47 -16.65
C GLN C 104 14.99 5.11 -16.34
N GLY C 105 14.34 4.38 -15.42
CA GLY C 105 14.76 3.04 -15.07
C GLY C 105 14.47 2.01 -16.15
N GLY C 106 13.54 2.30 -17.04
CA GLY C 106 13.16 1.36 -18.07
C GLY C 106 12.26 0.25 -17.56
N VAL C 107 11.73 -0.53 -18.50
CA VAL C 107 10.85 -1.64 -18.18
C VAL C 107 11.65 -2.93 -18.38
N LEU C 108 11.38 -3.90 -17.52
CA LEU C 108 12.00 -5.22 -17.62
C LEU C 108 11.40 -5.97 -18.80
N PRO C 109 12.13 -6.11 -19.92
CA PRO C 109 11.52 -6.64 -21.15
C PRO C 109 11.18 -8.12 -21.06
N ASN C 110 9.95 -8.45 -21.43
CA ASN C 110 9.40 -9.81 -21.49
C ASN C 110 8.11 -9.77 -22.29
N ILE C 111 7.81 -10.87 -22.98
CA ILE C 111 6.62 -10.96 -23.82
C ILE C 111 6.02 -12.34 -23.59
N GLN C 112 4.69 -12.39 -23.47
CA GLN C 112 3.98 -13.64 -23.28
C GLN C 112 4.09 -14.52 -24.53
N ALA C 113 4.34 -15.82 -24.30
CA ALA C 113 4.30 -16.83 -25.36
C ALA C 113 3.01 -16.87 -26.16
N VAL C 114 1.86 -16.54 -25.53
CA VAL C 114 0.62 -16.37 -26.27
C VAL C 114 0.75 -15.27 -27.33
N LEU C 115 1.35 -14.09 -26.99
CA LEU C 115 1.61 -13.03 -27.99
C LEU C 115 2.56 -13.46 -29.12
N LEU C 116 3.27 -14.49 -28.97
CA LEU C 116 4.19 -15.09 -29.90
C LEU C 116 3.46 -16.15 -30.72
N PRO C 117 3.81 -16.33 -32.02
CA PRO C 117 3.15 -17.34 -32.88
C PRO C 117 3.33 -18.79 -32.43
N LYS D 30 24.48 30.96 5.27
CA LYS D 30 24.69 31.50 3.92
C LYS D 30 24.84 30.38 2.90
N ARG D 31 26.09 29.89 2.75
CA ARG D 31 26.41 28.88 1.73
C ARG D 31 25.70 27.56 1.96
N SER D 32 25.44 27.22 3.24
CA SER D 32 24.68 26.05 3.69
C SER D 32 25.25 24.74 3.14
N ARG D 33 26.48 24.44 3.61
CA ARG D 33 27.16 23.18 3.33
C ARG D 33 26.30 21.97 3.71
N LYS D 34 25.90 21.23 2.69
CA LYS D 34 24.90 20.18 2.82
C LYS D 34 25.53 18.82 3.04
N GLU D 35 24.81 17.97 3.74
CA GLU D 35 25.27 16.61 3.97
C GLU D 35 24.95 15.76 2.76
N SER D 36 25.85 14.85 2.45
CA SER D 36 25.69 13.88 1.38
C SER D 36 26.61 12.71 1.69
N TYR D 37 26.15 11.52 1.36
CA TYR D 37 26.93 10.31 1.62
C TYR D 37 27.85 9.92 0.47
N SER D 38 27.85 10.74 -0.60
CA SER D 38 28.64 10.51 -1.83
C SER D 38 30.11 10.22 -1.60
N VAL D 39 30.68 10.88 -0.58
CA VAL D 39 32.03 10.57 -0.09
C VAL D 39 32.12 9.09 0.26
N TYR D 40 31.31 8.68 1.25
CA TYR D 40 31.31 7.32 1.79
C TYR D 40 30.81 6.30 0.77
N VAL D 41 29.90 6.70 -0.12
CA VAL D 41 29.44 5.86 -1.24
C VAL D 41 30.63 5.53 -2.12
N TYR D 42 31.36 6.58 -2.51
CA TYR D 42 32.58 6.40 -3.29
C TYR D 42 33.59 5.54 -2.55
N LYS D 43 33.69 5.72 -1.22
CA LYS D 43 34.58 4.92 -0.36
C LYS D 43 34.26 3.42 -0.47
N VAL D 44 33.00 3.04 -0.20
CA VAL D 44 32.58 1.62 -0.28
C VAL D 44 32.71 1.12 -1.71
N LEU D 45 32.38 2.00 -2.69
CA LEU D 45 32.50 1.71 -4.12
C LEU D 45 33.92 1.26 -4.45
N LYS D 46 34.92 2.07 -4.07
CA LYS D 46 36.32 1.69 -4.23
C LYS D 46 36.67 0.46 -3.38
N GLN D 47 35.99 0.28 -2.24
CA GLN D 47 36.24 -0.88 -1.40
C GLN D 47 35.83 -2.18 -2.09
N VAL D 48 34.87 -2.15 -3.02
CA VAL D 48 34.54 -3.34 -3.81
C VAL D 48 34.92 -3.20 -5.29
N HIS D 49 34.48 -2.14 -5.98
CA HIS D 49 34.76 -1.97 -7.40
C HIS D 49 35.41 -0.62 -7.67
N PRO D 50 36.71 -0.47 -7.37
CA PRO D 50 37.45 0.74 -7.78
C PRO D 50 37.69 0.87 -9.28
N ASP D 51 37.33 -0.12 -10.09
CA ASP D 51 37.56 -0.08 -11.53
C ASP D 51 36.43 0.62 -12.26
N THR D 52 35.30 0.82 -11.60
CA THR D 52 34.05 1.15 -12.26
C THR D 52 33.77 2.62 -12.05
N GLY D 53 33.36 3.31 -13.13
CA GLY D 53 32.95 4.69 -13.05
C GLY D 53 31.50 4.85 -12.68
N ILE D 54 31.15 6.07 -12.29
CA ILE D 54 29.84 6.32 -11.72
C ILE D 54 29.37 7.71 -12.12
N SER D 55 28.05 7.87 -12.17
CA SER D 55 27.36 9.15 -12.32
C SER D 55 26.89 9.68 -10.97
N SER D 56 26.46 10.94 -10.98
CA SER D 56 26.00 11.59 -9.76
C SER D 56 24.50 11.50 -9.56
N LYS D 57 23.75 11.30 -10.65
CA LYS D 57 22.31 11.09 -10.56
C LYS D 57 21.99 9.84 -9.74
N ALA D 58 22.57 8.68 -10.13
CA ALA D 58 22.49 7.44 -9.38
C ALA D 58 23.04 7.56 -7.98
N MET D 59 24.05 8.42 -7.78
CA MET D 59 24.61 8.70 -6.47
C MET D 59 23.54 9.26 -5.53
N GLY D 60 22.85 10.31 -5.99
CA GLY D 60 21.75 10.87 -5.22
C GLY D 60 20.62 9.87 -5.00
N ILE D 61 20.35 9.04 -6.02
CA ILE D 61 19.38 7.93 -5.91
C ILE D 61 19.73 7.01 -4.74
N MET D 62 21.02 6.63 -4.65
CA MET D 62 21.50 5.74 -3.59
C MET D 62 21.37 6.39 -2.22
N ASN D 63 21.82 7.66 -2.11
CA ASN D 63 21.73 8.44 -0.87
C ASN D 63 20.30 8.53 -0.36
N SER D 64 19.39 8.88 -1.28
CA SER D 64 17.95 8.99 -1.01
C SER D 64 17.39 7.67 -0.49
N PHE D 65 17.66 6.58 -1.22
CA PHE D 65 17.16 5.25 -0.85
C PHE D 65 17.69 4.79 0.50
N VAL D 66 18.94 5.14 0.81
CA VAL D 66 19.58 4.87 2.10
C VAL D 66 18.78 5.54 3.20
N ASN D 67 18.52 6.84 3.00
CA ASN D 67 17.70 7.62 3.93
C ASN D 67 16.33 7.00 4.13
N ASP D 68 15.69 6.52 3.05
CA ASP D 68 14.33 5.95 3.12
C ASP D 68 14.29 4.69 3.97
N ILE D 69 15.23 3.77 3.73
CA ILE D 69 15.24 2.50 4.46
C ILE D 69 15.55 2.77 5.92
N PHE D 70 16.54 3.67 6.18
CA PHE D 70 16.82 4.12 7.54
C PHE D 70 15.57 4.71 8.22
N GLU D 71 14.74 5.44 7.46
CA GLU D 71 13.51 5.99 8.03
C GLU D 71 12.55 4.89 8.43
N ARG D 72 12.35 3.93 7.51
CA ARG D 72 11.55 2.73 7.77
C ARG D 72 11.98 2.05 9.05
N ILE D 73 13.29 1.74 9.14
CA ILE D 73 13.88 1.01 10.26
C ILE D 73 13.77 1.85 11.54
N ALA D 74 13.88 3.18 11.41
CA ALA D 74 13.93 4.08 12.54
C ALA D 74 12.56 4.25 13.17
N GLY D 75 11.55 4.55 12.34
CA GLY D 75 10.16 4.54 12.78
C GLY D 75 9.72 3.21 13.34
N GLU D 76 10.23 2.11 12.77
CA GLU D 76 9.94 0.78 13.30
C GLU D 76 10.49 0.63 14.71
N ALA D 77 11.81 0.80 14.85
CA ALA D 77 12.49 0.76 16.14
C ALA D 77 11.88 1.69 17.19
N SER D 78 11.38 2.85 16.75
CA SER D 78 10.58 3.74 17.57
C SER D 78 9.32 3.05 18.08
N ARG D 79 8.48 2.55 17.15
CA ARG D 79 7.25 1.83 17.51
C ARG D 79 7.49 0.57 18.32
N LEU D 80 8.65 -0.06 18.19
CA LEU D 80 8.92 -1.31 18.89
C LEU D 80 9.30 -1.00 20.32
N ALA D 81 10.33 -0.16 20.52
CA ALA D 81 10.65 0.38 21.85
C ALA D 81 9.45 1.00 22.57
N HIS D 82 8.50 1.58 21.81
CA HIS D 82 7.19 1.91 22.37
C HIS D 82 6.45 0.68 22.89
N TYR D 83 6.32 -0.38 22.05
CA TYR D 83 5.67 -1.66 22.44
C TYR D 83 6.29 -2.34 23.66
N ASN D 84 7.53 -2.01 24.01
CA ASN D 84 8.22 -2.55 25.16
C ASN D 84 8.44 -1.48 26.21
N LYS D 85 7.95 -0.25 25.95
CA LYS D 85 7.99 0.92 26.84
C LYS D 85 9.41 1.30 27.28
N ARG D 86 10.33 1.32 26.33
CA ARG D 86 11.75 1.47 26.66
C ARG D 86 12.22 2.86 26.28
N SER D 87 13.04 3.45 27.14
CA SER D 87 13.62 4.77 26.91
C SER D 87 14.90 4.74 26.11
N THR D 88 15.28 3.60 25.53
CA THR D 88 16.61 3.40 24.96
C THR D 88 16.48 2.39 23.83
N ILE D 89 17.37 2.50 22.84
CA ILE D 89 17.39 1.57 21.71
C ILE D 89 18.80 0.97 21.61
N THR D 90 18.88 -0.35 21.53
CA THR D 90 20.17 -1.04 21.49
C THR D 90 20.28 -1.79 20.16
N SER D 91 21.44 -2.42 19.96
CA SER D 91 21.72 -3.19 18.74
C SER D 91 20.82 -4.40 18.53
N ARG D 92 20.36 -5.04 19.62
CA ARG D 92 19.39 -6.14 19.55
C ARG D 92 18.13 -5.74 18.79
N GLU D 93 17.66 -4.54 19.07
CA GLU D 93 16.48 -3.99 18.44
C GLU D 93 16.72 -3.70 16.96
N ILE D 94 17.92 -3.18 16.63
CA ILE D 94 18.34 -2.98 15.23
C ILE D 94 18.28 -4.30 14.49
N GLN D 95 18.83 -5.34 15.14
CA GLN D 95 18.92 -6.70 14.61
C GLN D 95 17.52 -7.26 14.33
N THR D 96 16.64 -7.16 15.33
CA THR D 96 15.28 -7.67 15.18
C THR D 96 14.52 -6.86 14.12
N ALA D 97 14.77 -5.55 14.03
CA ALA D 97 14.08 -4.69 13.06
C ALA D 97 14.44 -5.06 11.63
N VAL D 98 15.75 -5.15 11.32
CA VAL D 98 16.20 -5.60 10.00
C VAL D 98 15.64 -6.99 9.69
N ARG D 99 15.66 -7.91 10.68
CA ARG D 99 15.17 -9.27 10.48
C ARG D 99 13.67 -9.27 10.18
N LEU D 100 12.90 -8.46 10.90
CA LEU D 100 11.48 -8.26 10.58
C LEU D 100 11.28 -7.57 9.24
N LEU D 101 12.26 -6.87 8.70
CA LEU D 101 12.10 -6.21 7.42
C LEU D 101 12.69 -6.98 6.25
N LEU D 102 13.77 -7.71 6.45
CA LEU D 102 14.42 -8.23 5.26
C LEU D 102 14.20 -9.74 5.12
N PRO D 103 14.24 -10.28 3.90
CA PRO D 103 13.96 -11.70 3.69
C PRO D 103 15.23 -12.53 3.76
N GLY D 104 15.04 -13.76 4.27
CA GLY D 104 15.99 -14.88 4.28
C GLY D 104 17.46 -14.65 4.54
N GLU D 105 18.31 -15.18 3.64
CA GLU D 105 19.77 -15.23 3.81
C GLU D 105 20.39 -13.86 4.08
N LEU D 106 19.89 -12.83 3.36
CA LEU D 106 20.23 -11.41 3.52
C LEU D 106 20.24 -10.96 4.98
N ALA D 107 19.18 -11.34 5.71
CA ALA D 107 18.99 -10.94 7.10
C ALA D 107 20.08 -11.55 7.97
N LYS D 108 20.36 -12.85 7.76
CA LYS D 108 21.40 -13.58 8.48
C LYS D 108 22.77 -12.94 8.27
N HIS D 109 23.07 -12.56 7.02
CA HIS D 109 24.36 -11.96 6.68
C HIS D 109 24.51 -10.60 7.33
N ALA D 110 23.43 -9.79 7.31
CA ALA D 110 23.46 -8.48 7.96
C ALA D 110 23.62 -8.61 9.46
N VAL D 111 22.95 -9.62 10.07
CA VAL D 111 23.10 -9.96 11.49
C VAL D 111 24.56 -10.26 11.81
N SER D 112 25.20 -11.11 10.98
CA SER D 112 26.61 -11.48 11.10
C SER D 112 27.51 -10.24 11.08
N GLU D 113 27.35 -9.40 10.03
CA GLU D 113 28.14 -8.20 9.82
C GLU D 113 28.05 -7.24 11.00
N GLY D 114 26.80 -6.95 11.42
CA GLY D 114 26.47 -6.05 12.51
C GLY D 114 27.10 -6.51 13.80
N THR D 115 26.82 -7.78 14.18
CA THR D 115 27.33 -8.39 15.40
C THR D 115 28.85 -8.35 15.44
N LYS D 116 29.46 -8.67 14.29
CA LYS D 116 30.91 -8.72 14.15
C LYS D 116 31.52 -7.35 14.41
N ALA D 117 31.03 -6.34 13.70
CA ALA D 117 31.61 -4.99 13.81
C ALA D 117 31.36 -4.37 15.18
N VAL D 118 30.18 -4.63 15.81
CA VAL D 118 29.94 -4.11 17.17
C VAL D 118 30.91 -4.74 18.17
N THR D 119 30.98 -6.09 18.20
CA THR D 119 31.93 -6.82 19.05
C THR D 119 33.37 -6.37 18.83
N LYS D 120 33.73 -6.13 17.57
CA LYS D 120 35.01 -5.51 17.21
C LYS D 120 35.19 -4.19 17.94
N TYR D 121 34.18 -3.32 17.84
CA TYR D 121 34.21 -2.01 18.47
C TYR D 121 34.23 -2.07 20.01
N THR D 122 33.70 -3.13 20.61
CA THR D 122 33.86 -3.34 22.05
C THR D 122 35.33 -3.54 22.41
N SER D 123 36.05 -4.30 21.60
CA SER D 123 37.50 -4.38 21.64
C SER D 123 38.21 -3.19 20.96
N SER D 124 37.46 -2.18 20.50
CA SER D 124 37.93 -0.96 19.82
C SER D 124 38.67 -1.27 18.52
N LYS E 37 2.82 -5.00 -51.70
CA LYS E 37 3.44 -6.21 -52.24
C LYS E 37 4.97 -6.43 -51.99
N PRO E 38 5.91 -5.55 -52.45
CA PRO E 38 7.35 -5.91 -52.33
C PRO E 38 7.87 -6.01 -50.90
N HIS E 39 7.60 -5.01 -50.06
CA HIS E 39 8.05 -5.08 -48.67
C HIS E 39 6.95 -4.63 -47.71
N ARG E 40 5.69 -4.65 -48.14
CA ARG E 40 4.56 -4.28 -47.30
C ARG E 40 4.45 -5.24 -46.13
N TYR E 41 4.74 -4.76 -44.93
CA TYR E 41 4.87 -5.65 -43.80
C TYR E 41 3.52 -5.99 -43.18
N ARG E 42 3.46 -7.17 -42.58
CA ARG E 42 2.28 -7.66 -41.91
C ARG E 42 2.09 -6.89 -40.60
N PRO E 43 0.86 -6.86 -40.05
CA PRO E 43 0.62 -6.24 -38.73
C PRO E 43 1.42 -6.91 -37.62
N GLY E 44 1.66 -6.14 -36.56
CA GLY E 44 2.37 -6.66 -35.41
C GLY E 44 3.88 -6.80 -35.56
N THR E 45 4.37 -7.31 -36.70
CA THR E 45 5.79 -7.42 -37.04
C THR E 45 6.60 -6.15 -36.75
N VAL E 46 6.18 -5.06 -37.42
CA VAL E 46 6.71 -3.72 -37.17
C VAL E 46 6.52 -3.35 -35.71
N ALA E 47 5.34 -3.64 -35.18
CA ALA E 47 5.08 -3.41 -33.76
C ALA E 47 5.97 -4.26 -32.86
N LEU E 48 6.33 -5.50 -33.27
CA LEU E 48 7.28 -6.33 -32.50
C LEU E 48 8.66 -5.68 -32.40
N ARG E 49 9.24 -5.25 -33.54
CA ARG E 49 10.53 -4.53 -33.52
C ARG E 49 10.42 -3.25 -32.68
N GLU E 50 9.28 -2.54 -32.80
CA GLU E 50 9.01 -1.34 -32.02
C GLU E 50 9.10 -1.64 -30.52
N ILE E 51 8.38 -2.70 -30.08
CA ILE E 51 8.30 -3.10 -28.67
C ILE E 51 9.67 -3.50 -28.16
N ARG E 52 10.46 -4.15 -29.02
CA ARG E 52 11.86 -4.50 -28.74
C ARG E 52 12.68 -3.25 -28.43
N ARG E 53 12.66 -2.27 -29.36
CA ARG E 53 13.40 -1.00 -29.19
C ARG E 53 12.88 -0.21 -27.98
N TYR E 54 11.57 -0.29 -27.72
CA TYR E 54 10.92 0.50 -26.68
C TYR E 54 11.31 0.00 -25.30
N GLN E 55 11.08 -1.29 -25.04
CA GLN E 55 11.60 -1.94 -23.85
C GLN E 55 13.13 -1.88 -23.71
N LYS E 56 13.87 -1.72 -24.81
CA LYS E 56 15.29 -1.39 -24.73
C LYS E 56 15.54 0.09 -24.40
N SER E 57 14.65 0.99 -24.82
CA SER E 57 14.85 2.41 -24.60
C SER E 57 14.29 2.84 -23.24
N THR E 58 14.65 4.05 -22.83
CA THR E 58 14.21 4.62 -21.56
C THR E 58 13.65 6.02 -21.65
N GLU E 59 13.97 6.77 -22.69
CA GLU E 59 13.52 8.16 -22.86
C GLU E 59 12.00 8.26 -23.02
N LEU E 60 11.52 9.49 -22.97
CA LEU E 60 10.09 9.76 -23.05
C LEU E 60 9.59 9.89 -24.47
N LEU E 61 8.27 9.79 -24.62
CA LEU E 61 7.61 9.86 -25.93
C LEU E 61 6.63 11.02 -25.97
N ILE E 62 6.88 12.07 -25.20
CA ILE E 62 5.91 13.14 -25.02
C ILE E 62 6.54 14.47 -25.39
N ARG E 63 5.82 15.28 -26.17
CA ARG E 63 6.12 16.69 -26.32
C ARG E 63 5.68 17.39 -25.03
N LYS E 64 6.65 17.92 -24.29
CA LYS E 64 6.39 18.41 -22.93
C LYS E 64 5.50 19.64 -22.84
N LEU E 65 5.33 20.39 -23.94
CA LEU E 65 4.57 21.65 -23.94
C LEU E 65 3.07 21.48 -23.65
N PRO E 66 2.26 20.69 -24.42
CA PRO E 66 0.84 20.56 -24.05
C PRO E 66 0.67 19.87 -22.71
N PHE E 67 1.61 18.96 -22.37
CA PHE E 67 1.62 18.30 -21.07
C PHE E 67 1.66 19.32 -19.94
N GLN E 68 2.62 20.27 -20.00
CA GLN E 68 2.72 21.24 -18.92
C GLN E 68 1.63 22.28 -19.01
N ARG E 69 1.09 22.50 -20.22
CA ARG E 69 -0.13 23.28 -20.40
C ARG E 69 -1.25 22.70 -19.55
N LEU E 70 -1.47 21.38 -19.68
CA LEU E 70 -2.46 20.69 -18.85
C LEU E 70 -2.11 20.71 -17.38
N VAL E 71 -0.80 20.70 -17.06
CA VAL E 71 -0.36 20.81 -15.67
C VAL E 71 -0.86 22.11 -15.05
N ARG E 72 -0.52 23.26 -15.69
CA ARG E 72 -1.04 24.54 -15.21
C ARG E 72 -2.56 24.65 -15.31
N GLU E 73 -3.17 23.98 -16.30
CA GLU E 73 -4.62 23.94 -16.44
C GLU E 73 -5.30 23.26 -15.26
N ILE E 74 -4.76 22.13 -14.82
CA ILE E 74 -5.28 21.49 -13.62
C ILE E 74 -4.94 22.31 -12.38
N ALA E 75 -3.73 22.90 -12.37
CA ALA E 75 -3.20 23.64 -11.24
C ALA E 75 -4.04 24.88 -10.90
N GLN E 76 -4.39 25.68 -11.92
CA GLN E 76 -5.11 26.95 -11.78
C GLN E 76 -6.47 26.82 -11.10
N ASP E 77 -7.08 25.62 -11.16
CA ASP E 77 -8.36 25.33 -10.54
C ASP E 77 -8.29 25.56 -9.03
N PHE E 78 -7.35 24.85 -8.39
CA PHE E 78 -7.06 25.01 -6.97
C PHE E 78 -6.53 26.40 -6.65
N LYS E 79 -5.54 26.86 -7.44
CA LYS E 79 -5.00 28.22 -7.37
C LYS E 79 -4.16 28.50 -8.60
N THR E 80 -4.36 29.69 -9.17
CA THR E 80 -3.59 30.16 -10.31
C THR E 80 -2.40 30.96 -9.75
N ASP E 81 -1.68 31.70 -10.61
CA ASP E 81 -0.61 32.64 -10.29
C ASP E 81 0.55 31.96 -9.54
N LEU E 82 1.04 30.87 -10.12
CA LEU E 82 2.15 30.16 -9.51
C LEU E 82 3.14 29.74 -10.58
N ARG E 83 4.41 29.86 -10.23
CA ARG E 83 5.55 29.50 -11.07
C ARG E 83 6.06 28.13 -10.64
N PHE E 84 7.08 27.62 -11.35
CA PHE E 84 7.64 26.29 -11.10
C PHE E 84 8.94 26.10 -11.88
N GLN E 85 9.81 25.25 -11.34
CA GLN E 85 10.99 24.83 -12.08
C GLN E 85 10.65 23.64 -12.96
N SER E 86 11.30 23.59 -14.13
CA SER E 86 11.11 22.51 -15.11
C SER E 86 11.47 21.12 -14.61
N SER E 87 12.32 21.03 -13.57
CA SER E 87 12.76 19.77 -12.99
C SER E 87 11.56 18.97 -12.49
N ALA E 88 10.72 19.63 -11.69
CA ALA E 88 9.49 19.04 -11.17
C ALA E 88 8.56 18.60 -12.30
N VAL E 89 8.54 19.37 -13.40
CA VAL E 89 7.69 19.06 -14.56
C VAL E 89 8.15 17.76 -15.20
N MET E 90 9.47 17.64 -15.39
CA MET E 90 10.07 16.42 -15.93
C MET E 90 9.82 15.24 -15.01
N ALA E 91 9.90 15.48 -13.69
CA ALA E 91 9.58 14.46 -12.69
C ALA E 91 8.13 14.00 -12.83
N LEU E 92 7.22 14.95 -13.08
CA LEU E 92 5.81 14.66 -13.28
C LEU E 92 5.61 13.78 -14.51
N GLN E 93 6.24 14.19 -15.63
CA GLN E 93 6.17 13.46 -16.89
C GLN E 93 6.71 12.04 -16.71
N GLU E 94 7.81 11.91 -15.96
CA GLU E 94 8.43 10.63 -15.64
C GLU E 94 7.48 9.74 -14.87
N ALA E 95 7.00 10.23 -13.71
CA ALA E 95 6.13 9.45 -12.82
C ALA E 95 4.82 9.07 -13.47
N SER E 96 4.24 10.00 -14.25
CA SER E 96 2.99 9.77 -14.96
C SER E 96 3.18 8.70 -16.03
N GLU E 97 4.23 8.84 -16.88
CA GLU E 97 4.59 7.87 -17.90
C GLU E 97 4.81 6.49 -17.30
N ALA E 98 5.48 6.45 -16.13
CA ALA E 98 5.77 5.22 -15.41
C ALA E 98 4.49 4.53 -14.97
N TYR E 99 3.63 5.28 -14.27
CA TYR E 99 2.35 4.76 -13.79
C TYR E 99 1.49 4.23 -14.95
N LEU E 100 1.42 4.98 -16.07
CA LEU E 100 0.57 4.55 -17.20
C LEU E 100 1.15 3.35 -17.92
N VAL E 101 2.48 3.25 -18.03
CA VAL E 101 3.07 2.11 -18.72
C VAL E 101 2.94 0.85 -17.86
N GLY E 102 3.04 1.00 -16.51
CA GLY E 102 2.66 -0.08 -15.61
C GLY E 102 1.23 -0.56 -15.81
N LEU E 103 0.29 0.40 -15.93
CA LEU E 103 -1.11 0.07 -16.26
C LEU E 103 -1.23 -0.62 -17.61
N PHE E 104 -0.41 -0.18 -18.58
CA PHE E 104 -0.37 -0.78 -19.91
C PHE E 104 -0.02 -2.26 -19.80
N GLU E 105 1.05 -2.60 -19.05
CA GLU E 105 1.41 -4.01 -18.91
C GLU E 105 0.36 -4.80 -18.15
N ASP E 106 -0.24 -4.19 -17.11
CA ASP E 106 -1.30 -4.85 -16.35
C ASP E 106 -2.54 -5.13 -17.20
N THR E 107 -3.04 -4.11 -17.92
CA THR E 107 -4.17 -4.28 -18.84
C THR E 107 -3.84 -5.21 -19.99
N ASN E 108 -2.57 -5.23 -20.42
CA ASN E 108 -2.11 -6.17 -21.43
C ASN E 108 -2.33 -7.60 -20.97
N LEU E 109 -1.76 -7.94 -19.79
CA LEU E 109 -1.96 -9.25 -19.16
C LEU E 109 -3.42 -9.56 -18.88
N ALA E 110 -4.21 -8.53 -18.55
CA ALA E 110 -5.63 -8.68 -18.32
C ALA E 110 -6.33 -9.18 -19.59
N ALA E 111 -6.09 -8.48 -20.71
CA ALA E 111 -6.61 -8.92 -22.02
C ALA E 111 -6.08 -10.30 -22.42
N ILE E 112 -4.83 -10.60 -22.03
CA ILE E 112 -4.24 -11.93 -22.23
C ILE E 112 -5.09 -12.99 -21.55
N HIS E 113 -5.34 -12.83 -20.23
CA HIS E 113 -6.24 -13.73 -19.49
C HIS E 113 -7.64 -13.76 -20.09
N ALA E 114 -8.08 -12.63 -20.64
CA ALA E 114 -9.32 -12.49 -21.40
C ALA E 114 -9.25 -13.14 -22.78
N LYS E 115 -8.06 -13.61 -23.20
CA LYS E 115 -7.79 -14.37 -24.43
C LYS E 115 -8.12 -13.58 -25.69
N ARG E 116 -7.67 -12.32 -25.71
CA ARG E 116 -7.89 -11.44 -26.84
C ARG E 116 -6.56 -10.79 -27.19
N VAL E 117 -6.57 -9.91 -28.19
CA VAL E 117 -5.36 -9.20 -28.61
C VAL E 117 -5.56 -7.69 -28.64
N THR E 118 -6.79 -7.19 -28.75
CA THR E 118 -7.08 -5.76 -28.80
C THR E 118 -7.58 -5.29 -27.43
N ILE E 119 -7.24 -4.05 -27.11
CA ILE E 119 -7.59 -3.47 -25.82
C ILE E 119 -9.10 -3.19 -25.74
N MET E 120 -9.54 -2.96 -24.52
CA MET E 120 -10.93 -2.74 -24.14
C MET E 120 -10.91 -1.87 -22.90
N PRO E 121 -12.03 -1.23 -22.53
CA PRO E 121 -11.99 -0.38 -21.33
C PRO E 121 -12.20 -1.13 -20.03
N LYS E 122 -12.95 -2.24 -20.10
CA LYS E 122 -13.36 -3.00 -18.91
C LYS E 122 -12.19 -3.58 -18.12
N ASP E 123 -11.17 -4.12 -18.80
CA ASP E 123 -9.93 -4.54 -18.12
C ASP E 123 -9.28 -3.41 -17.32
N ILE E 124 -9.23 -2.20 -17.91
CA ILE E 124 -8.66 -1.02 -17.24
C ILE E 124 -9.47 -0.68 -16.01
N GLN E 125 -10.80 -0.80 -16.13
CA GLN E 125 -11.71 -0.51 -15.04
C GLN E 125 -11.49 -1.52 -13.92
N LEU E 126 -11.39 -2.79 -14.29
CA LEU E 126 -11.11 -3.85 -13.33
C LEU E 126 -9.72 -3.74 -12.72
N ALA E 127 -8.74 -3.19 -13.45
CA ALA E 127 -7.41 -2.94 -12.89
C ALA E 127 -7.49 -1.94 -11.76
N ARG E 128 -8.11 -0.76 -12.04
CA ARG E 128 -8.38 0.25 -11.02
C ARG E 128 -9.20 -0.31 -9.87
N ARG E 129 -10.18 -1.18 -10.19
CA ARG E 129 -11.03 -1.85 -9.22
C ARG E 129 -10.24 -2.70 -8.24
N ILE E 130 -9.41 -3.62 -8.77
CA ILE E 130 -8.61 -4.53 -7.94
C ILE E 130 -7.63 -3.73 -7.08
N ARG E 131 -7.03 -2.68 -7.64
CA ARG E 131 -6.29 -1.80 -6.72
C ARG E 131 -7.18 -0.90 -5.85
N GLY E 132 -8.51 -0.98 -5.82
CA GLY E 132 -9.34 -0.12 -5.01
C GLY E 132 -9.39 1.34 -5.43
N GLU E 133 -8.85 1.69 -6.61
CA GLU E 133 -8.85 3.06 -7.10
C GLU E 133 -10.21 3.47 -7.66
N ARG E 134 -11.12 2.51 -7.81
CA ARG E 134 -12.49 2.76 -8.23
C ARG E 134 -13.36 1.61 -7.73
N LEU F 22 -6.50 29.73 -23.33
CA LEU F 22 -5.75 28.52 -23.62
C LEU F 22 -6.60 27.29 -23.33
N ARG F 23 -7.29 26.80 -24.35
CA ARG F 23 -8.27 25.73 -24.22
C ARG F 23 -7.95 24.58 -25.14
N ASP F 24 -8.58 23.44 -24.83
CA ASP F 24 -8.47 22.16 -25.54
C ASP F 24 -7.02 21.70 -25.65
N ASN F 25 -6.40 21.60 -24.50
CA ASN F 25 -5.07 21.01 -24.41
C ASN F 25 -5.13 19.54 -24.04
N ILE F 26 -6.30 19.09 -23.55
CA ILE F 26 -6.54 17.68 -23.29
C ILE F 26 -6.45 16.89 -24.59
N GLN F 27 -6.88 17.49 -25.71
CA GLN F 27 -6.69 16.86 -27.00
C GLN F 27 -5.31 17.12 -27.57
N GLY F 28 -4.43 17.82 -26.84
CA GLY F 28 -3.01 17.82 -27.14
C GLY F 28 -2.32 16.48 -26.91
N ILE F 29 -3.00 15.53 -26.27
CA ILE F 29 -2.48 14.19 -26.07
C ILE F 29 -2.73 13.52 -27.40
N THR F 30 -1.72 13.57 -28.27
CA THR F 30 -1.79 12.94 -29.58
C THR F 30 -1.91 11.43 -29.44
N LYS F 31 -2.87 10.88 -30.18
CA LYS F 31 -3.08 9.43 -30.30
C LYS F 31 -1.83 8.61 -30.62
N PRO F 32 -0.96 8.96 -31.61
CA PRO F 32 0.25 8.13 -31.81
C PRO F 32 1.20 8.09 -30.62
N ALA F 33 1.30 9.18 -29.84
CA ALA F 33 2.03 9.15 -28.56
C ALA F 33 1.48 8.06 -27.65
N ILE F 34 0.15 8.05 -27.46
CA ILE F 34 -0.55 7.00 -26.71
C ILE F 34 -0.22 5.62 -27.27
N ARG F 35 -0.15 5.53 -28.62
CA ARG F 35 0.08 4.26 -29.31
C ARG F 35 1.48 3.75 -29.03
N ARG F 36 2.49 4.62 -29.20
CA ARG F 36 3.88 4.32 -28.88
C ARG F 36 4.07 3.99 -27.40
N LEU F 37 3.35 4.72 -26.53
CA LEU F 37 3.40 4.52 -25.09
C LEU F 37 2.88 3.12 -24.77
N ALA F 38 1.78 2.74 -25.41
CA ALA F 38 1.20 1.43 -25.20
C ALA F 38 2.04 0.35 -25.85
N ARG F 39 2.80 0.72 -26.88
CA ARG F 39 3.78 -0.18 -27.48
C ARG F 39 4.88 -0.50 -26.49
N ARG F 40 5.44 0.54 -25.84
CA ARG F 40 6.36 0.33 -24.72
C ARG F 40 5.68 -0.43 -23.58
N GLY F 41 4.37 -0.25 -23.42
CA GLY F 41 3.53 -1.05 -22.61
C GLY F 41 3.19 -2.43 -23.14
N GLY F 42 3.71 -2.83 -24.29
CA GLY F 42 3.61 -4.20 -24.73
C GLY F 42 2.24 -4.68 -25.17
N VAL F 43 1.49 -3.87 -25.89
CA VAL F 43 0.18 -4.28 -26.38
C VAL F 43 0.28 -4.39 -27.89
N LYS F 44 -0.70 -5.08 -28.49
CA LYS F 44 -0.58 -5.48 -29.89
C LYS F 44 -1.59 -4.76 -30.77
N ARG F 45 -2.89 -4.83 -30.51
CA ARG F 45 -3.84 -4.10 -31.33
C ARG F 45 -4.55 -3.08 -30.48
N ILE F 46 -4.84 -1.92 -31.05
CA ILE F 46 -5.12 -0.71 -30.28
C ILE F 46 -6.50 -0.24 -30.71
N SER F 47 -7.54 -0.67 -29.97
CA SER F 47 -8.93 -0.22 -30.10
C SER F 47 -9.08 1.30 -30.09
N GLY F 48 -9.91 1.80 -31.01
CA GLY F 48 -10.05 3.23 -31.26
C GLY F 48 -10.73 4.03 -30.16
N LEU F 49 -11.30 3.38 -29.14
CA LEU F 49 -12.04 4.10 -28.11
C LEU F 49 -11.21 4.48 -26.90
N ILE F 50 -10.04 3.85 -26.74
CA ILE F 50 -9.31 3.84 -25.47
C ILE F 50 -8.60 5.15 -25.17
N TYR F 51 -8.52 6.05 -26.16
CA TYR F 51 -7.73 7.27 -26.00
C TYR F 51 -8.39 8.26 -25.06
N GLU F 52 -9.70 8.46 -25.15
CA GLU F 52 -10.35 9.39 -24.22
C GLU F 52 -10.48 8.82 -22.82
N GLU F 53 -10.69 7.49 -22.72
CA GLU F 53 -10.57 6.75 -21.47
C GLU F 53 -9.23 6.99 -20.80
N THR F 54 -8.16 6.83 -21.59
CA THR F 54 -6.78 7.06 -21.15
C THR F 54 -6.60 8.48 -20.67
N ARG F 55 -7.13 9.44 -21.45
CA ARG F 55 -7.04 10.86 -21.14
C ARG F 55 -7.70 11.17 -19.80
N GLY F 56 -8.90 10.61 -19.60
CA GLY F 56 -9.64 10.83 -18.34
C GLY F 56 -8.93 10.24 -17.13
N VAL F 57 -8.48 8.98 -17.25
CA VAL F 57 -7.83 8.28 -16.15
C VAL F 57 -6.50 8.95 -15.81
N LEU F 58 -5.73 9.29 -16.86
CA LEU F 58 -4.51 10.08 -16.75
C LEU F 58 -4.77 11.41 -16.05
N LYS F 59 -5.87 12.06 -16.42
CA LYS F 59 -6.25 13.37 -15.89
C LYS F 59 -6.55 13.32 -14.40
N VAL F 60 -7.35 12.32 -13.99
CA VAL F 60 -7.72 12.20 -12.57
C VAL F 60 -6.50 11.84 -11.73
N PHE F 61 -5.58 11.02 -12.28
CA PHE F 61 -4.29 10.76 -11.64
C PHE F 61 -3.51 12.05 -11.40
N LEU F 62 -3.38 12.88 -12.45
CA LEU F 62 -2.72 14.19 -12.38
C LEU F 62 -3.34 15.06 -11.30
N GLU F 63 -4.67 15.08 -11.26
CA GLU F 63 -5.41 15.89 -10.30
C GLU F 63 -5.11 15.43 -8.88
N ASN F 64 -5.16 14.09 -8.65
CA ASN F 64 -4.79 13.46 -7.37
C ASN F 64 -3.39 13.85 -6.90
N VAL F 65 -2.47 14.07 -7.84
CA VAL F 65 -1.14 14.53 -7.47
C VAL F 65 -1.16 16.02 -7.15
N ILE F 66 -1.72 16.80 -8.08
CA ILE F 66 -1.47 18.23 -8.13
C ILE F 66 -2.24 18.98 -7.04
N ARG F 67 -3.39 18.44 -6.57
CA ARG F 67 -4.10 19.01 -5.41
C ARG F 67 -3.19 19.08 -4.16
N ASP F 68 -2.57 17.96 -3.81
CA ASP F 68 -1.67 17.88 -2.69
C ASP F 68 -0.41 18.69 -2.94
N ALA F 69 0.06 18.72 -4.20
CA ALA F 69 1.21 19.55 -4.58
C ALA F 69 0.95 21.05 -4.32
N VAL F 70 -0.25 21.52 -4.69
CA VAL F 70 -0.69 22.90 -4.42
C VAL F 70 -0.72 23.15 -2.92
N THR F 71 -1.30 22.20 -2.17
CA THR F 71 -1.39 22.30 -0.71
C THR F 71 -0.01 22.39 -0.05
N TYR F 72 0.93 21.55 -0.52
CA TYR F 72 2.35 21.54 -0.18
C TYR F 72 2.97 22.92 -0.33
N THR F 73 3.02 23.42 -1.58
CA THR F 73 3.68 24.69 -1.89
C THR F 73 3.03 25.84 -1.13
N GLU F 74 1.70 25.76 -0.93
CA GLU F 74 0.95 26.77 -0.22
C GLU F 74 1.39 26.83 1.24
N HIS F 75 1.45 25.66 1.92
CA HIS F 75 1.94 25.63 3.30
C HIS F 75 3.41 26.01 3.36
N ALA F 76 4.16 25.71 2.31
CA ALA F 76 5.53 26.16 2.09
C ALA F 76 5.64 27.67 1.81
N LYS F 77 4.50 28.40 1.69
CA LYS F 77 4.39 29.85 1.51
C LYS F 77 5.13 30.36 0.28
N ARG F 78 5.31 29.51 -0.70
CA ARG F 78 5.98 29.87 -1.93
C ARG F 78 4.99 30.16 -3.04
N LYS F 79 5.33 31.18 -3.85
CA LYS F 79 4.63 31.49 -5.09
C LYS F 79 5.11 30.58 -6.24
N THR F 80 5.94 29.59 -5.92
CA THR F 80 6.58 28.74 -6.89
C THR F 80 6.39 27.31 -6.47
N VAL F 81 6.89 26.39 -7.31
CA VAL F 81 6.79 24.96 -7.10
C VAL F 81 8.21 24.43 -7.22
N THR F 82 8.64 23.65 -6.25
CA THR F 82 9.90 22.94 -6.31
C THR F 82 9.63 21.52 -6.75
N ALA F 83 10.64 20.66 -6.64
CA ALA F 83 10.41 19.25 -6.93
C ALA F 83 10.24 18.40 -5.67
N MET F 84 10.72 18.88 -4.52
CA MET F 84 10.69 18.10 -3.28
C MET F 84 9.27 17.85 -2.80
N ASP F 85 8.41 18.88 -2.83
CA ASP F 85 6.95 18.75 -2.62
C ASP F 85 6.34 17.65 -3.46
N VAL F 86 6.66 17.64 -4.78
CA VAL F 86 6.18 16.62 -5.71
C VAL F 86 6.59 15.23 -5.24
N VAL F 87 7.88 15.11 -4.87
CA VAL F 87 8.43 13.87 -4.29
C VAL F 87 7.59 13.43 -3.10
N TYR F 88 7.32 14.35 -2.16
CA TYR F 88 6.55 14.06 -0.94
C TYR F 88 5.12 13.65 -1.27
N ALA F 89 4.58 14.20 -2.37
CA ALA F 89 3.24 13.83 -2.86
C ALA F 89 3.25 12.36 -3.24
N LEU F 90 4.22 11.98 -4.10
CA LEU F 90 4.42 10.58 -4.48
C LEU F 90 4.63 9.69 -3.26
N LYS F 91 5.36 10.19 -2.25
CA LYS F 91 5.65 9.48 -0.99
C LYS F 91 4.34 9.13 -0.31
N ARG F 92 3.57 10.17 0.09
CA ARG F 92 2.27 9.98 0.71
C ARG F 92 1.30 9.16 -0.15
N GLN F 93 1.43 9.22 -1.47
CA GLN F 93 0.66 8.35 -2.35
C GLN F 93 1.31 6.98 -2.53
N GLY F 94 2.43 6.72 -1.87
CA GLY F 94 3.10 5.44 -1.92
C GLY F 94 3.70 5.10 -3.26
N ARG F 95 4.14 6.10 -4.01
CA ARG F 95 4.71 5.95 -5.35
C ARG F 95 6.07 6.62 -5.42
N THR F 96 6.94 6.32 -4.44
CA THR F 96 8.20 7.02 -4.21
C THR F 96 9.18 6.91 -5.38
N LEU F 97 9.69 8.07 -5.80
CA LEU F 97 10.53 8.16 -6.97
C LEU F 97 11.90 8.72 -6.63
N TYR F 98 12.88 8.33 -7.44
CA TYR F 98 14.23 8.82 -7.36
C TYR F 98 14.59 9.49 -8.68
N GLY F 99 15.81 10.00 -8.75
CA GLY F 99 16.33 10.62 -9.96
C GLY F 99 16.24 12.13 -9.99
N PHE F 100 15.62 12.73 -9.00
CA PHE F 100 15.48 14.17 -8.87
C PHE F 100 15.80 14.58 -7.46
N GLY F 101 16.84 13.98 -6.90
CA GLY F 101 17.17 14.12 -5.50
C GLY F 101 16.54 13.06 -4.62
N GLY F 102 15.37 12.55 -5.01
CA GLY F 102 14.67 11.54 -4.24
C GLY F 102 14.09 12.08 -2.94
N ALA G 10 -6.80 29.47 48.33
CA ALA G 10 -6.09 30.32 47.38
C ALA G 10 -6.02 29.65 46.02
N ARG G 11 -6.70 28.52 45.87
CA ARG G 11 -6.75 27.84 44.59
C ARG G 11 -7.67 28.57 43.61
N ALA G 12 -7.73 28.05 42.39
CA ALA G 12 -8.55 28.63 41.33
C ALA G 12 -9.30 27.51 40.62
N LYS G 13 -10.05 26.72 41.42
CA LYS G 13 -10.58 25.36 41.20
C LYS G 13 -10.99 25.06 39.76
N ALA G 14 -10.48 23.93 39.25
CA ALA G 14 -10.31 23.59 37.83
C ALA G 14 -11.51 23.85 36.94
N LYS G 15 -11.28 24.64 35.90
CA LYS G 15 -12.16 24.79 34.76
C LYS G 15 -11.44 24.14 33.58
N THR G 16 -11.92 22.95 33.19
CA THR G 16 -11.23 22.08 32.23
C THR G 16 -11.08 22.77 30.88
N ARG G 17 -9.89 22.65 30.30
CA ARG G 17 -9.60 23.18 28.97
C ARG G 17 -10.50 22.59 27.88
N SER G 18 -11.03 21.39 28.09
CA SER G 18 -12.11 20.86 27.26
C SER G 18 -13.35 21.74 27.33
N SER G 19 -13.77 22.10 28.56
CA SER G 19 -14.87 23.06 28.73
C SER G 19 -14.46 24.45 28.23
N ARG G 20 -13.21 24.85 28.47
CA ARG G 20 -12.69 26.15 27.99
C ARG G 20 -12.65 26.26 26.47
N ALA G 21 -12.67 25.14 25.76
CA ALA G 21 -12.95 25.11 24.33
C ALA G 21 -14.33 24.58 24.03
N GLY G 22 -15.10 24.21 25.05
CA GLY G 22 -16.47 23.78 24.95
C GLY G 22 -16.67 22.50 24.17
N LEU G 23 -15.85 21.50 24.50
CA LEU G 23 -15.84 20.24 23.79
C LEU G 23 -15.74 19.13 24.81
N GLN G 24 -15.93 17.90 24.33
CA GLN G 24 -15.87 16.72 25.20
C GLN G 24 -14.48 16.11 25.26
N PHE G 25 -13.79 16.09 24.11
CA PHE G 25 -12.49 15.44 23.97
C PHE G 25 -11.45 16.11 24.87
N PRO G 26 -10.53 15.32 25.46
CA PRO G 26 -9.55 15.89 26.40
C PRO G 26 -8.56 16.86 25.76
N VAL G 27 -8.01 17.72 26.60
CA VAL G 27 -6.91 18.60 26.22
C VAL G 27 -5.67 18.30 27.06
N GLY G 28 -5.85 18.05 28.36
CA GLY G 28 -4.76 17.66 29.22
C GLY G 28 -4.18 16.28 28.89
N ARG G 29 -5.04 15.26 28.84
CA ARG G 29 -4.65 13.89 28.45
C ARG G 29 -4.02 13.88 27.07
N VAL G 30 -4.66 14.59 26.13
CA VAL G 30 -4.18 14.72 24.76
C VAL G 30 -2.78 15.33 24.75
N HIS G 31 -2.64 16.55 25.30
CA HIS G 31 -1.37 17.29 25.40
C HIS G 31 -0.26 16.47 26.07
N ARG G 32 -0.64 15.67 27.09
CA ARG G 32 0.26 14.69 27.70
C ARG G 32 0.79 13.74 26.64
N LEU G 33 -0.14 13.05 25.93
CA LEU G 33 0.20 12.12 24.84
C LEU G 33 1.04 12.76 23.75
N LEU G 34 0.80 14.06 23.49
CA LEU G 34 1.55 14.81 22.48
C LEU G 34 3.00 14.93 22.90
N ARG G 35 3.24 15.60 24.05
CA ARG G 35 4.59 15.72 24.59
C ARG G 35 5.24 14.36 24.86
N LYS G 36 4.50 13.42 25.47
CA LYS G 36 4.96 12.04 25.61
C LYS G 36 4.71 11.21 24.35
N GLY G 37 5.12 11.69 23.19
CA GLY G 37 5.02 10.92 21.97
C GLY G 37 6.31 10.94 21.21
N ASN G 38 7.29 11.67 21.78
CA ASN G 38 8.62 11.92 21.21
C ASN G 38 8.53 12.56 19.83
N TYR G 39 7.60 13.50 19.68
CA TYR G 39 7.46 14.24 18.44
C TYR G 39 8.25 15.53 18.50
N ALA G 40 7.92 16.41 19.45
CA ALA G 40 8.58 17.70 19.57
C ALA G 40 8.83 17.98 21.04
N GLU G 41 9.81 18.84 21.30
CA GLU G 41 10.12 19.22 22.69
C GLU G 41 9.02 20.12 23.24
N ARG G 42 8.72 21.21 22.56
CA ARG G 42 7.59 22.03 22.94
C ARG G 42 6.46 21.78 21.95
N VAL G 43 5.23 22.03 22.39
CA VAL G 43 4.03 21.84 21.58
C VAL G 43 3.11 23.00 21.93
N GLY G 44 2.68 23.76 20.90
CA GLY G 44 1.75 24.86 21.08
C GLY G 44 0.43 24.46 21.72
N ALA G 45 -0.13 25.39 22.49
CA ALA G 45 -1.30 25.15 23.32
C ALA G 45 -2.58 24.97 22.50
N GLY G 46 -2.64 25.56 21.31
CA GLY G 46 -3.85 25.45 20.51
C GLY G 46 -3.90 24.20 19.65
N ALA G 47 -2.72 23.61 19.39
CA ALA G 47 -2.62 22.32 18.68
C ALA G 47 -3.48 21.20 19.31
N PRO G 48 -3.48 20.92 20.65
CA PRO G 48 -4.43 19.93 21.19
C PRO G 48 -5.88 20.35 21.01
N VAL G 49 -6.16 21.65 21.14
CA VAL G 49 -7.51 22.19 20.93
C VAL G 49 -7.97 21.87 19.51
N TYR G 50 -7.16 22.27 18.51
CA TYR G 50 -7.41 22.01 17.09
C TYR G 50 -7.67 20.53 16.85
N LEU G 51 -6.76 19.68 17.37
CA LEU G 51 -6.80 18.23 17.27
C LEU G 51 -8.11 17.71 17.84
N ALA G 52 -8.30 17.90 19.15
CA ALA G 52 -9.50 17.42 19.84
C ALA G 52 -10.79 17.86 19.14
N ALA G 53 -10.81 19.09 18.59
CA ALA G 53 -11.94 19.57 17.81
C ALA G 53 -12.17 18.79 16.52
N VAL G 54 -11.12 18.67 15.67
CA VAL G 54 -11.22 17.88 14.41
C VAL G 54 -11.64 16.44 14.70
N LEU G 55 -11.00 15.79 15.68
CA LEU G 55 -11.25 14.39 15.97
C LEU G 55 -12.65 14.17 16.53
N GLU G 56 -13.09 15.05 17.44
CA GLU G 56 -14.45 15.02 17.97
C GLU G 56 -15.48 15.20 16.87
N TYR G 57 -15.21 16.12 15.94
CA TYR G 57 -16.08 16.39 14.80
C TYR G 57 -16.24 15.15 13.91
N LEU G 58 -15.10 14.54 13.55
CA LEU G 58 -15.07 13.31 12.76
C LEU G 58 -15.78 12.18 13.48
N THR G 59 -15.48 12.01 14.77
CA THR G 59 -16.08 11.01 15.66
C THR G 59 -17.60 11.07 15.61
N ALA G 60 -18.15 12.27 15.90
CA ALA G 60 -19.59 12.50 15.88
C ALA G 60 -20.18 12.23 14.50
N GLU G 61 -19.46 12.65 13.44
CA GLU G 61 -19.85 12.38 12.05
C GLU G 61 -20.06 10.88 11.81
N ILE G 62 -19.10 10.07 12.27
CA ILE G 62 -19.19 8.61 12.19
C ILE G 62 -20.40 8.11 12.96
N LEU G 63 -20.45 8.44 14.27
CA LEU G 63 -21.46 7.93 15.21
C LEU G 63 -22.88 8.27 14.78
N GLU G 64 -23.05 9.41 14.10
CA GLU G 64 -24.28 9.89 13.46
C GLU G 64 -24.81 8.80 12.53
N LEU G 65 -24.03 8.51 11.48
CA LEU G 65 -24.37 7.50 10.47
C LEU G 65 -24.49 6.11 11.08
N ALA G 66 -23.70 5.85 12.14
CA ALA G 66 -23.75 4.59 12.88
C ALA G 66 -25.15 4.37 13.46
N GLY G 67 -25.61 5.36 14.26
CA GLY G 67 -26.96 5.31 14.81
C GLY G 67 -28.04 5.27 13.74
N ASN G 68 -27.82 5.99 12.63
CA ASN G 68 -28.69 5.98 11.45
C ASN G 68 -28.92 4.57 10.95
N ALA G 69 -27.82 3.92 10.53
CA ALA G 69 -27.82 2.53 10.07
C ALA G 69 -28.49 1.61 11.08
N ALA G 70 -28.02 1.65 12.35
CA ALA G 70 -28.52 0.80 13.43
C ALA G 70 -30.04 0.88 13.61
N ARG G 71 -30.58 2.11 13.64
CA ARG G 71 -32.03 2.28 13.76
C ARG G 71 -32.74 1.80 12.51
N ASP G 72 -32.11 1.98 11.33
CA ASP G 72 -32.66 1.45 10.09
C ASP G 72 -32.70 -0.07 10.13
N ASN G 73 -31.69 -0.68 10.75
CA ASN G 73 -31.62 -2.12 10.92
C ASN G 73 -32.55 -2.64 12.00
N LYS G 74 -33.12 -1.74 12.83
CA LYS G 74 -34.11 -2.01 13.89
C LYS G 74 -33.44 -2.77 15.03
N LYS G 75 -32.29 -2.27 15.48
CA LYS G 75 -31.53 -2.91 16.54
C LYS G 75 -31.41 -1.97 17.73
N THR G 76 -30.88 -2.49 18.83
CA THR G 76 -30.77 -1.71 20.06
C THR G 76 -29.36 -1.22 20.32
N ARG G 77 -28.35 -2.05 20.14
CA ARG G 77 -26.97 -1.64 20.29
C ARG G 77 -26.31 -1.61 18.92
N ILE G 78 -25.01 -1.36 18.91
CA ILE G 78 -24.25 -1.13 17.67
C ILE G 78 -23.38 -2.35 17.40
N ILE G 79 -23.46 -2.83 16.17
CA ILE G 79 -22.76 -4.03 15.72
C ILE G 79 -21.85 -3.57 14.58
N PRO G 80 -20.79 -4.33 14.24
CA PRO G 80 -19.88 -3.94 13.15
C PRO G 80 -20.52 -3.78 11.79
N ARG G 81 -21.50 -4.64 11.48
CA ARG G 81 -22.19 -4.70 10.18
C ARG G 81 -22.66 -3.33 9.74
N HIS G 82 -23.34 -2.62 10.66
CA HIS G 82 -23.82 -1.24 10.50
C HIS G 82 -22.67 -0.32 10.08
N LEU G 83 -21.54 -0.48 10.77
CA LEU G 83 -20.39 0.41 10.59
C LEU G 83 -19.76 0.21 9.21
N GLN G 84 -19.56 -1.06 8.83
CA GLN G 84 -19.01 -1.41 7.52
C GLN G 84 -19.89 -0.91 6.39
N LEU G 85 -21.22 -1.13 6.53
CA LEU G 85 -22.24 -0.64 5.59
C LEU G 85 -22.10 0.87 5.40
N ALA G 86 -22.24 1.62 6.51
CA ALA G 86 -22.23 3.08 6.54
C ALA G 86 -20.94 3.65 5.94
N ILE G 87 -19.78 3.10 6.35
CA ILE G 87 -18.47 3.49 5.84
C ILE G 87 -18.42 3.30 4.33
N ARG G 88 -18.80 2.12 3.85
CA ARG G 88 -18.80 1.89 2.40
C ARG G 88 -19.95 2.57 1.66
N ASN G 89 -21.01 3.00 2.37
CA ASN G 89 -22.04 3.84 1.75
C ASN G 89 -21.75 5.33 1.89
N ASP G 90 -20.52 5.71 1.57
CA ASP G 90 -20.02 7.08 1.51
C ASP G 90 -18.69 7.03 0.79
N GLU G 91 -18.47 7.97 -0.13
CA GLU G 91 -17.16 8.07 -0.80
C GLU G 91 -16.06 8.42 0.20
N GLU G 92 -16.09 9.65 0.78
CA GLU G 92 -14.99 10.28 1.54
C GLU G 92 -14.54 9.44 2.71
N LEU G 93 -15.47 8.73 3.36
CA LEU G 93 -15.11 7.78 4.40
C LEU G 93 -14.33 6.65 3.77
N ASN G 94 -14.97 5.91 2.85
CA ASN G 94 -14.34 4.78 2.14
C ASN G 94 -13.08 5.23 1.38
N LYS G 95 -13.08 6.46 0.84
CA LYS G 95 -11.84 7.04 0.32
C LYS G 95 -10.75 7.09 1.39
N LEU G 96 -11.09 7.57 2.59
CA LEU G 96 -10.08 7.66 3.64
C LEU G 96 -9.96 6.39 4.47
N LEU G 97 -10.86 5.41 4.28
CA LEU G 97 -10.86 4.19 5.09
C LEU G 97 -11.04 2.97 4.22
N GLY G 98 -10.31 2.92 3.10
CA GLY G 98 -10.44 1.86 2.12
C GLY G 98 -9.88 0.57 2.66
N LYS G 99 -8.57 0.51 2.84
CA LYS G 99 -7.94 -0.76 3.18
C LYS G 99 -8.11 -1.17 4.64
N VAL G 100 -8.90 -0.44 5.45
CA VAL G 100 -9.18 -0.96 6.77
C VAL G 100 -10.08 -2.18 6.64
N THR G 101 -9.99 -3.07 7.63
CA THR G 101 -10.72 -4.32 7.61
C THR G 101 -11.49 -4.37 8.91
N ILE G 102 -12.60 -5.11 8.91
CA ILE G 102 -13.54 -5.07 10.03
C ILE G 102 -14.00 -6.49 10.36
N ALA G 103 -13.74 -6.92 11.59
CA ALA G 103 -14.21 -8.22 12.04
C ALA G 103 -15.70 -8.15 12.30
N GLN G 104 -16.41 -9.18 11.81
CA GLN G 104 -17.87 -9.37 11.88
C GLN G 104 -18.64 -8.21 11.26
N GLY G 105 -18.01 -7.56 10.27
CA GLY G 105 -18.56 -6.42 9.58
C GLY G 105 -19.38 -6.77 8.35
N GLY G 106 -19.17 -7.95 7.81
CA GLY G 106 -19.85 -8.35 6.58
C GLY G 106 -19.34 -7.60 5.35
N VAL G 107 -19.94 -7.94 4.22
CA VAL G 107 -19.61 -7.34 2.94
C VAL G 107 -20.86 -6.60 2.47
N LEU G 108 -20.67 -5.58 1.65
CA LEU G 108 -21.78 -4.95 0.93
C LEU G 108 -22.40 -5.96 -0.02
N PRO G 109 -23.67 -6.32 0.16
CA PRO G 109 -24.31 -7.24 -0.79
C PRO G 109 -24.48 -6.56 -2.15
N ASN G 110 -24.03 -7.25 -3.21
CA ASN G 110 -24.01 -6.69 -4.55
C ASN G 110 -23.78 -7.83 -5.54
N ILE G 111 -24.46 -7.75 -6.68
CA ILE G 111 -24.39 -8.77 -7.71
C ILE G 111 -24.54 -8.05 -9.05
N GLN G 112 -23.64 -8.35 -9.98
CA GLN G 112 -23.71 -7.81 -11.33
C GLN G 112 -24.96 -8.32 -12.05
N ALA G 113 -25.61 -7.41 -12.79
CA ALA G 113 -26.83 -7.74 -13.54
C ALA G 113 -26.65 -8.86 -14.57
N VAL G 114 -25.44 -9.03 -15.10
CA VAL G 114 -25.12 -10.13 -16.01
C VAL G 114 -25.28 -11.51 -15.36
N LEU G 115 -25.21 -11.61 -14.03
CA LEU G 115 -25.38 -12.86 -13.28
C LEU G 115 -26.84 -13.27 -13.10
N LEU G 116 -27.78 -12.65 -13.79
CA LEU G 116 -29.20 -12.86 -13.53
C LEU G 116 -29.92 -13.38 -14.77
N ARG H 31 -4.08 -2.56 40.54
CA ARG H 31 -2.95 -1.65 40.45
C ARG H 31 -2.45 -1.54 39.01
N SER H 32 -3.38 -1.60 38.06
CA SER H 32 -3.05 -1.55 36.65
C SER H 32 -4.07 -0.69 35.89
N ARG H 33 -4.29 0.53 36.41
CA ARG H 33 -5.10 1.55 35.76
C ARG H 33 -4.61 1.83 34.35
N LYS H 34 -5.51 1.73 33.38
CA LYS H 34 -5.17 2.05 32.00
C LYS H 34 -6.14 3.09 31.47
N GLU H 35 -5.62 3.96 30.61
CA GLU H 35 -6.44 5.00 30.05
C GLU H 35 -7.22 4.48 28.84
N SER H 36 -8.41 5.06 28.65
CA SER H 36 -9.19 4.77 27.46
C SER H 36 -9.96 6.03 27.12
N TYR H 37 -10.73 5.96 26.05
CA TYR H 37 -11.42 7.12 25.55
C TYR H 37 -12.92 6.94 25.48
N SER H 38 -13.42 5.74 25.84
CA SER H 38 -14.83 5.37 26.02
C SER H 38 -15.69 6.36 26.79
N VAL H 39 -15.06 7.06 27.75
CA VAL H 39 -15.60 8.22 28.41
C VAL H 39 -16.00 9.26 27.37
N TYR H 40 -15.01 9.83 26.64
CA TYR H 40 -15.24 10.89 25.65
C TYR H 40 -16.06 10.41 24.47
N VAL H 41 -15.90 9.13 24.10
CA VAL H 41 -16.71 8.50 23.05
C VAL H 41 -18.17 8.55 23.44
N TYR H 42 -18.45 8.08 24.66
CA TYR H 42 -19.82 8.09 25.17
C TYR H 42 -20.34 9.52 25.32
N LYS H 43 -19.46 10.47 25.71
CA LYS H 43 -19.82 11.89 25.80
C LYS H 43 -20.31 12.44 24.48
N VAL H 44 -19.49 12.31 23.42
CA VAL H 44 -19.86 12.80 22.08
C VAL H 44 -21.08 12.03 21.54
N LEU H 45 -21.13 10.71 21.82
CA LEU H 45 -22.26 9.85 21.48
C LEU H 45 -23.56 10.39 22.03
N LYS H 46 -23.63 10.61 23.35
CA LYS H 46 -24.84 11.12 23.99
C LYS H 46 -25.12 12.55 23.56
N GLN H 47 -24.08 13.32 23.22
CA GLN H 47 -24.26 14.65 22.64
C GLN H 47 -25.07 14.57 21.35
N VAL H 48 -24.59 13.82 20.35
CA VAL H 48 -25.36 13.74 19.11
C VAL H 48 -26.54 12.78 19.19
N HIS H 49 -26.52 11.78 20.08
CA HIS H 49 -27.56 10.75 20.15
C HIS H 49 -27.60 10.13 21.54
N PRO H 50 -28.36 10.69 22.47
CA PRO H 50 -28.47 10.09 23.81
C PRO H 50 -29.45 8.95 23.95
N ASP H 51 -29.47 8.00 23.01
CA ASP H 51 -30.53 7.01 23.00
C ASP H 51 -30.04 5.61 22.62
N THR H 52 -28.74 5.33 22.72
CA THR H 52 -28.13 4.20 22.04
C THR H 52 -27.17 3.46 22.98
N GLY H 53 -27.28 2.13 22.98
CA GLY H 53 -26.27 1.26 23.57
C GLY H 53 -25.28 0.84 22.49
N ILE H 54 -24.31 0.01 22.88
CA ILE H 54 -23.21 -0.38 21.99
C ILE H 54 -22.70 -1.71 22.54
N SER H 55 -22.23 -2.56 21.64
CA SER H 55 -21.32 -3.66 21.97
C SER H 55 -19.91 -3.08 21.99
N SER H 56 -19.19 -3.28 23.11
CA SER H 56 -17.87 -2.67 23.39
C SER H 56 -16.76 -2.99 22.39
N LYS H 57 -16.97 -3.92 21.45
CA LYS H 57 -16.06 -4.15 20.33
C LYS H 57 -15.77 -2.84 19.58
N ALA H 58 -16.83 -2.22 19.05
CA ALA H 58 -16.82 -0.93 18.35
C ALA H 58 -16.17 0.20 19.14
N MET H 59 -16.23 0.13 20.47
CA MET H 59 -15.63 1.11 21.37
C MET H 59 -14.12 1.17 21.13
N GLY H 60 -13.45 0.04 21.37
CA GLY H 60 -12.04 -0.09 21.09
C GLY H 60 -11.70 0.11 19.63
N ILE H 61 -12.63 -0.26 18.71
CA ILE H 61 -12.45 0.00 17.28
C ILE H 61 -12.22 1.48 17.03
N MET H 62 -13.12 2.33 17.56
CA MET H 62 -13.00 3.76 17.31
C MET H 62 -11.82 4.37 18.05
N ASN H 63 -11.53 3.86 19.27
CA ASN H 63 -10.35 4.28 20.05
C ASN H 63 -9.06 4.07 19.26
N SER H 64 -8.79 2.81 18.90
CA SER H 64 -7.66 2.41 18.05
C SER H 64 -7.60 3.19 16.75
N PHE H 65 -8.78 3.36 16.13
CA PHE H 65 -8.95 4.08 14.87
C PHE H 65 -8.42 5.51 14.96
N VAL H 66 -9.03 6.32 15.86
CA VAL H 66 -8.69 7.74 16.03
C VAL H 66 -7.22 7.88 16.40
N ASN H 67 -6.71 6.94 17.22
CA ASN H 67 -5.31 6.93 17.61
C ASN H 67 -4.41 6.81 16.39
N ASP H 68 -4.69 5.80 15.54
CA ASP H 68 -3.96 5.57 14.29
C ASP H 68 -4.00 6.79 13.37
N ILE H 69 -5.17 7.45 13.33
CA ILE H 69 -5.37 8.67 12.54
C ILE H 69 -4.43 9.75 13.02
N PHE H 70 -4.53 10.07 14.33
CA PHE H 70 -3.65 11.02 15.01
C PHE H 70 -2.16 10.69 14.81
N GLU H 71 -1.81 9.40 14.73
CA GLU H 71 -0.44 8.99 14.48
C GLU H 71 0.03 9.45 13.10
N ARG H 72 -0.81 9.19 12.07
CA ARG H 72 -0.56 9.72 10.71
C ARG H 72 -0.34 11.23 10.75
N ILE H 73 -1.23 11.94 11.46
CA ILE H 73 -1.20 13.40 11.57
C ILE H 73 0.10 13.86 12.22
N ALA H 74 0.49 13.19 13.30
CA ALA H 74 1.64 13.58 14.12
C ALA H 74 2.93 13.37 13.33
N GLY H 75 3.10 12.16 12.75
CA GLY H 75 4.22 11.88 11.87
C GLY H 75 4.29 12.84 10.70
N GLU H 76 3.11 13.20 10.15
CA GLU H 76 3.02 14.11 9.02
C GLU H 76 3.55 15.48 9.39
N ALA H 77 2.94 16.09 10.42
CA ALA H 77 3.37 17.39 10.96
C ALA H 77 4.83 17.40 11.41
N SER H 78 5.34 16.24 11.84
CA SER H 78 6.75 16.09 12.17
C SER H 78 7.59 16.30 10.91
N ARG H 79 7.25 15.57 9.83
CA ARG H 79 7.90 15.74 8.54
C ARG H 79 7.80 17.18 8.02
N LEU H 80 6.68 17.85 8.30
CA LEU H 80 6.48 19.24 7.86
C LEU H 80 7.41 20.17 8.61
N ALA H 81 7.31 20.16 9.96
CA ALA H 81 8.20 20.92 10.82
C ALA H 81 9.68 20.65 10.57
N HIS H 82 10.01 19.42 10.13
CA HIS H 82 11.34 19.12 9.61
C HIS H 82 11.65 19.94 8.37
N TYR H 83 10.77 19.86 7.33
CA TYR H 83 10.84 20.73 6.14
C TYR H 83 10.85 22.22 6.47
N ASN H 84 10.22 22.61 7.58
CA ASN H 84 10.14 23.98 8.02
C ASN H 84 11.21 24.32 9.04
N LYS H 85 12.00 23.31 9.45
CA LYS H 85 13.15 23.40 10.37
C LYS H 85 12.74 24.00 11.71
N ARG H 86 11.55 23.62 12.16
CA ARG H 86 10.98 24.16 13.39
C ARG H 86 11.17 23.23 14.57
N SER H 87 10.96 23.79 15.76
CA SER H 87 11.20 23.10 17.02
C SER H 87 9.92 22.76 17.77
N THR H 88 8.77 23.27 17.33
CA THR H 88 7.51 23.05 18.02
C THR H 88 6.40 23.00 16.97
N ILE H 89 5.17 22.81 17.44
CA ILE H 89 4.03 22.61 16.55
C ILE H 89 2.89 23.49 17.03
N THR H 90 2.28 24.22 16.09
CA THR H 90 1.08 25.01 16.33
C THR H 90 -0.02 24.40 15.48
N SER H 91 -1.14 25.09 15.29
CA SER H 91 -2.25 24.54 14.52
C SER H 91 -2.23 24.86 13.03
N ARG H 92 -1.43 25.84 12.58
CA ARG H 92 -1.30 26.13 11.14
C ARG H 92 -0.81 24.94 10.33
N GLU H 93 0.32 24.34 10.77
CA GLU H 93 0.87 23.13 10.16
C GLU H 93 -0.11 21.97 10.23
N ILE H 94 -0.84 21.88 11.35
CA ILE H 94 -1.88 20.88 11.56
C ILE H 94 -2.95 20.98 10.48
N GLN H 95 -3.54 22.17 10.35
CA GLN H 95 -4.61 22.45 9.38
C GLN H 95 -4.16 22.18 7.95
N THR H 96 -2.90 22.54 7.63
CA THR H 96 -2.39 22.33 6.28
C THR H 96 -2.24 20.85 5.99
N ALA H 97 -1.63 20.10 6.94
CA ALA H 97 -1.52 18.64 6.83
C ALA H 97 -2.89 17.97 6.69
N VAL H 98 -3.88 18.47 7.44
CA VAL H 98 -5.28 18.03 7.33
C VAL H 98 -5.74 18.18 5.88
N ARG H 99 -5.62 19.41 5.34
CA ARG H 99 -5.96 19.75 3.95
C ARG H 99 -5.25 18.81 2.97
N LEU H 100 -3.97 18.57 3.23
CA LEU H 100 -3.15 17.66 2.44
C LEU H 100 -3.68 16.22 2.49
N LEU H 101 -4.32 15.83 3.59
CA LEU H 101 -4.63 14.42 3.80
C LEU H 101 -6.11 14.07 3.74
N LEU H 102 -7.02 15.04 3.71
CA LEU H 102 -8.41 14.69 3.97
C LEU H 102 -9.22 14.76 2.68
N PRO H 103 -10.35 14.03 2.61
CA PRO H 103 -11.14 14.02 1.37
C PRO H 103 -12.15 15.16 1.34
N GLY H 104 -12.06 15.98 0.29
CA GLY H 104 -13.04 16.98 -0.14
C GLY H 104 -13.54 17.92 0.93
N GLU H 105 -14.84 18.25 0.86
CA GLU H 105 -15.44 19.30 1.68
C GLU H 105 -15.42 19.03 3.19
N LEU H 106 -15.27 17.75 3.59
CA LEU H 106 -15.00 17.36 4.98
C LEU H 106 -13.83 18.12 5.59
N ALA H 107 -12.78 18.34 4.79
CA ALA H 107 -11.59 19.06 5.23
C ALA H 107 -11.94 20.51 5.56
N LYS H 108 -12.71 21.16 4.67
CA LYS H 108 -13.13 22.56 4.86
C LYS H 108 -14.02 22.68 6.08
N HIS H 109 -14.90 21.69 6.27
CA HIS H 109 -15.75 21.56 7.46
C HIS H 109 -14.89 21.54 8.72
N ALA H 110 -14.01 20.54 8.82
CA ALA H 110 -13.13 20.35 9.98
C ALA H 110 -12.23 21.57 10.22
N VAL H 111 -11.82 22.26 9.14
CA VAL H 111 -11.05 23.50 9.22
C VAL H 111 -11.85 24.56 9.95
N SER H 112 -13.12 24.76 9.52
CA SER H 112 -14.08 25.65 10.20
C SER H 112 -14.18 25.30 11.68
N GLU H 113 -14.37 23.99 11.98
CA GLU H 113 -14.56 23.49 13.34
C GLU H 113 -13.39 23.86 14.23
N GLY H 114 -12.19 23.44 13.79
CA GLY H 114 -10.96 23.69 14.54
C GLY H 114 -10.66 25.16 14.74
N THR H 115 -10.71 25.94 13.65
CA THR H 115 -10.44 27.39 13.67
C THR H 115 -11.36 28.11 14.64
N LYS H 116 -12.68 27.82 14.57
CA LYS H 116 -13.63 28.54 15.40
C LYS H 116 -13.46 28.12 16.86
N ALA H 117 -13.21 26.82 17.14
CA ALA H 117 -13.01 26.39 18.51
C ALA H 117 -11.72 26.95 19.12
N VAL H 118 -10.63 27.05 18.32
CA VAL H 118 -9.38 27.62 18.85
C VAL H 118 -9.54 29.12 19.13
N THR H 119 -10.11 29.88 18.17
CA THR H 119 -10.37 31.31 18.38
C THR H 119 -11.28 31.54 19.58
N LYS H 120 -12.29 30.69 19.74
CA LYS H 120 -13.15 30.69 20.92
C LYS H 120 -12.34 30.50 22.20
N TYR H 121 -11.47 29.48 22.20
CA TYR H 121 -10.65 29.13 23.36
C TYR H 121 -9.64 30.22 23.73
N THR H 122 -9.09 30.92 22.73
CA THR H 122 -8.21 32.07 23.00
C THR H 122 -8.92 33.18 23.76
N SER H 123 -10.21 33.35 23.51
CA SER H 123 -11.06 34.26 24.27
C SER H 123 -11.57 33.61 25.56
N SER H 124 -10.67 33.07 26.38
CA SER H 124 -11.05 32.46 27.65
C SER H 124 -9.94 32.69 28.66
N GLU K 11 -76.30 15.48 29.80
CA GLU K 11 -77.00 14.25 29.47
C GLU K 11 -76.48 13.67 28.15
N PRO K 12 -76.13 12.38 28.16
CA PRO K 12 -75.53 11.75 26.95
C PRO K 12 -76.39 11.73 25.69
N ASP K 13 -77.72 11.90 25.82
CA ASP K 13 -78.60 11.87 24.65
C ASP K 13 -78.44 13.12 23.78
N LYS K 14 -78.38 14.30 24.41
CA LYS K 14 -78.05 15.54 23.69
C LYS K 14 -76.67 15.48 23.03
N LEU K 15 -75.72 14.78 23.67
CA LEU K 15 -74.40 14.60 23.09
C LEU K 15 -74.47 13.69 21.86
N LYS K 16 -75.29 12.62 21.93
CA LYS K 16 -75.50 11.76 20.77
C LYS K 16 -76.22 12.47 19.64
N LYS K 17 -77.16 13.38 19.93
CA LYS K 17 -77.87 14.07 18.85
C LYS K 17 -76.94 15.05 18.12
N VAL K 18 -76.15 15.84 18.87
CA VAL K 18 -75.16 16.71 18.21
C VAL K 18 -74.08 15.86 17.52
N LEU K 19 -73.78 14.67 18.05
CA LEU K 19 -72.89 13.70 17.40
C LEU K 19 -73.46 13.27 16.05
N ASP K 20 -74.77 13.03 15.99
CA ASP K 20 -75.42 12.63 14.75
C ASP K 20 -75.50 13.80 13.77
N LYS K 21 -75.59 15.03 14.30
CA LYS K 21 -75.46 16.22 13.47
C LYS K 21 -74.09 16.26 12.81
N LEU K 22 -73.05 16.02 13.60
CA LEU K 22 -71.70 15.90 13.05
C LEU K 22 -71.61 14.76 12.04
N ARG K 23 -72.35 13.65 12.26
CA ARG K 23 -72.41 12.54 11.31
C ARG K 23 -73.06 12.94 9.98
N LEU K 24 -74.15 13.73 10.03
CA LEU K 24 -74.81 14.20 8.80
C LEU K 24 -73.91 15.16 8.04
N LYS K 25 -73.25 16.08 8.78
CA LYS K 25 -72.23 16.95 8.20
C LYS K 25 -71.10 16.14 7.60
N ARG K 26 -70.74 15.02 8.24
CA ARG K 26 -69.72 14.11 7.73
C ARG K 26 -70.20 13.44 6.44
N LYS K 27 -71.51 13.22 6.30
CA LYS K 27 -72.02 12.67 5.06
C LYS K 27 -71.94 13.69 3.92
N ASP K 28 -72.13 14.97 4.24
CA ASP K 28 -71.85 16.02 3.26
C ASP K 28 -70.36 16.09 2.87
N ILE K 29 -69.47 16.06 3.89
CA ILE K 29 -68.03 16.09 3.70
C ILE K 29 -67.50 14.89 2.92
N SER K 30 -68.15 13.72 3.03
CA SER K 30 -67.84 12.51 2.23
C SER K 30 -67.82 12.80 0.73
N GLU K 31 -68.98 13.22 0.18
CA GLU K 31 -69.10 13.62 -1.22
C GLU K 31 -68.11 14.74 -1.57
N ALA K 32 -68.14 15.83 -0.79
CA ALA K 32 -67.37 17.05 -1.08
C ALA K 32 -65.87 16.74 -1.08
N ALA K 33 -65.36 16.33 0.08
CA ALA K 33 -63.97 15.96 0.28
C ALA K 33 -63.55 14.72 -0.50
N GLU K 34 -64.47 13.94 -1.06
CA GLU K 34 -64.08 12.79 -1.85
C GLU K 34 -63.77 13.23 -3.27
N THR K 35 -64.63 14.09 -3.86
CA THR K 35 -64.28 14.84 -5.07
C THR K 35 -62.96 15.59 -4.92
N VAL K 36 -62.77 16.24 -3.76
CA VAL K 36 -61.51 16.92 -3.44
C VAL K 36 -60.34 15.94 -3.43
N ASN K 37 -60.50 14.78 -2.77
CA ASN K 37 -59.41 13.82 -2.62
C ASN K 37 -59.01 13.21 -3.96
N LYS K 38 -60.00 12.94 -4.82
CA LYS K 38 -59.72 12.40 -6.14
C LYS K 38 -58.99 13.43 -7.02
N VAL K 39 -59.43 14.71 -7.00
CA VAL K 39 -58.74 15.69 -7.87
C VAL K 39 -57.33 16.00 -7.38
N VAL K 40 -57.07 16.04 -6.05
CA VAL K 40 -55.69 16.27 -5.64
C VAL K 40 -54.86 15.00 -5.81
N GLU K 41 -55.48 13.81 -5.81
CA GLU K 41 -54.76 12.60 -6.18
C GLU K 41 -54.33 12.64 -7.64
N ARG K 42 -55.25 13.02 -8.54
CA ARG K 42 -54.96 13.29 -9.95
C ARG K 42 -53.82 14.30 -10.11
N LEU K 43 -53.93 15.43 -9.39
CA LEU K 43 -52.96 16.53 -9.48
C LEU K 43 -51.59 16.08 -9.00
N LEU K 44 -51.56 15.40 -7.86
CA LEU K 44 -50.32 14.88 -7.29
C LEU K 44 -49.69 13.84 -8.21
N ARG K 45 -50.52 13.01 -8.84
CA ARG K 45 -50.05 12.11 -9.91
C ARG K 45 -49.37 12.90 -11.03
N ARG K 46 -49.96 14.02 -11.42
CA ARG K 46 -49.36 14.91 -12.42
C ARG K 46 -48.04 15.50 -11.92
N MET K 47 -47.96 15.78 -10.61
CA MET K 47 -46.72 16.28 -10.00
C MET K 47 -45.54 15.33 -10.20
N GLN K 48 -45.78 14.02 -10.07
CA GLN K 48 -44.67 13.05 -10.17
C GLN K 48 -44.13 12.93 -11.59
N LYS K 49 -44.97 13.04 -12.61
CA LYS K 49 -44.44 13.04 -13.96
C LYS K 49 -43.85 14.39 -14.35
N ARG K 50 -44.30 15.46 -13.74
CA ARG K 50 -43.69 16.78 -13.95
C ARG K 50 -42.30 16.84 -13.30
N GLU K 51 -41.28 17.14 -14.11
CA GLU K 51 -39.91 17.22 -13.63
C GLU K 51 -39.75 18.42 -12.71
N SER K 52 -39.14 18.19 -11.54
CA SER K 52 -38.96 19.17 -10.47
C SER K 52 -38.03 18.56 -9.43
N GLU K 53 -37.64 19.37 -8.44
CA GLU K 53 -37.07 18.82 -7.19
C GLU K 53 -38.13 18.10 -6.34
N PHE K 54 -39.41 18.21 -6.71
CA PHE K 54 -40.56 17.62 -6.04
C PHE K 54 -41.08 16.41 -6.79
N LYS K 55 -40.17 15.64 -7.42
CA LYS K 55 -40.49 14.35 -8.05
C LYS K 55 -41.21 13.42 -7.10
N GLY K 56 -40.57 13.07 -5.99
CA GLY K 56 -41.27 12.26 -5.02
C GLY K 56 -41.96 13.12 -3.98
N VAL K 57 -43.23 13.45 -4.22
CA VAL K 57 -44.06 14.18 -3.28
C VAL K 57 -45.45 13.54 -3.35
N GLU K 58 -45.81 12.80 -2.32
CA GLU K 58 -47.02 12.01 -2.31
C GLU K 58 -47.87 12.48 -1.12
N GLN K 59 -49.15 12.14 -1.16
CA GLN K 59 -50.08 12.61 -0.15
C GLN K 59 -49.91 11.85 1.15
N LEU K 60 -49.81 12.60 2.23
CA LEU K 60 -49.75 12.02 3.57
C LEU K 60 -51.18 11.82 4.02
N ASN K 61 -51.63 10.58 4.08
CA ASN K 61 -53.00 10.34 4.49
C ASN K 61 -53.06 10.42 6.02
N THR K 62 -54.09 11.04 6.54
CA THR K 62 -54.37 10.98 7.97
C THR K 62 -55.73 10.38 8.25
N GLY K 63 -56.32 9.71 7.26
CA GLY K 63 -57.70 9.29 7.34
C GLY K 63 -58.65 10.33 6.76
N SER K 64 -59.95 10.07 6.89
CA SER K 64 -60.95 10.99 6.36
C SER K 64 -61.97 11.50 7.36
N TYR K 65 -62.16 10.84 8.51
CA TYR K 65 -63.10 11.24 9.57
C TYR K 65 -62.83 12.65 10.12
N TYR K 66 -63.84 13.18 10.83
CA TYR K 66 -63.69 14.40 11.62
C TYR K 66 -62.59 14.26 12.67
N GLU K 67 -62.51 13.09 13.31
CA GLU K 67 -61.38 12.74 14.15
C GLU K 67 -60.10 12.44 13.39
N HIS K 68 -60.09 12.53 12.05
CA HIS K 68 -58.90 12.27 11.26
C HIS K 68 -58.40 13.44 10.45
N VAL K 69 -59.24 14.45 10.17
CA VAL K 69 -58.82 15.69 9.53
C VAL K 69 -59.34 16.86 10.35
N LYS K 70 -58.49 17.85 10.54
CA LYS K 70 -58.80 19.12 11.17
C LYS K 70 -59.62 19.98 10.21
N ILE K 71 -60.90 20.25 10.56
CA ILE K 71 -61.90 20.75 9.64
C ILE K 71 -62.57 21.96 10.29
N SER K 72 -63.22 22.78 9.47
CA SER K 72 -63.97 23.98 9.78
C SER K 72 -65.07 24.03 8.72
N ALA K 73 -65.52 25.25 8.39
CA ALA K 73 -66.48 25.67 7.34
C ALA K 73 -66.27 24.94 6.02
N PRO K 74 -67.34 24.52 5.31
CA PRO K 74 -67.19 23.68 4.09
C PRO K 74 -66.43 24.32 2.93
N ASN K 75 -66.18 25.63 2.97
CA ASN K 75 -65.40 26.37 1.99
C ASN K 75 -63.89 26.21 2.19
N GLU K 76 -63.46 25.39 3.16
CA GLU K 76 -62.06 25.07 3.41
C GLU K 76 -61.90 23.58 3.67
N PHE K 77 -60.76 23.03 3.21
CA PHE K 77 -60.39 21.64 3.43
C PHE K 77 -58.87 21.64 3.56
N ASP K 78 -58.28 20.48 3.86
CA ASP K 78 -56.84 20.36 4.05
C ASP K 78 -56.45 18.93 3.70
N VAL K 79 -55.36 18.78 2.93
CA VAL K 79 -54.79 17.47 2.62
C VAL K 79 -53.29 17.56 2.87
N MET K 80 -52.75 16.58 3.61
CA MET K 80 -51.35 16.63 4.00
C MET K 80 -50.51 15.98 2.90
N PHE K 81 -49.41 16.63 2.52
CA PHE K 81 -48.50 16.08 1.52
C PHE K 81 -47.17 15.74 2.18
N LYS K 82 -46.55 14.65 1.77
CA LYS K 82 -45.24 14.28 2.33
C LYS K 82 -44.16 14.42 1.26
N LEU K 83 -42.94 14.72 1.69
CA LEU K 83 -41.78 14.77 0.80
C LEU K 83 -40.54 14.37 1.58
N GLU K 84 -39.86 13.30 1.14
CA GLU K 84 -38.66 12.87 1.85
C GLU K 84 -37.53 13.92 1.71
N VAL K 85 -36.61 13.91 2.67
CA VAL K 85 -35.51 14.87 2.75
C VAL K 85 -34.24 14.10 3.12
N PRO K 86 -33.06 14.48 2.60
CA PRO K 86 -31.80 13.87 3.09
C PRO K 86 -31.40 14.33 4.50
N ARG K 87 -30.16 14.02 4.90
CA ARG K 87 -29.54 14.43 6.18
C ARG K 87 -29.76 15.90 6.54
N ILE K 88 -30.39 16.15 7.70
CA ILE K 88 -30.78 17.50 8.13
C ILE K 88 -30.35 17.77 9.57
N GLU K 89 -29.47 18.77 9.75
CA GLU K 89 -29.20 19.31 11.08
C GLU K 89 -30.38 20.15 11.57
N LEU K 90 -30.62 20.09 12.87
CA LEU K 90 -31.71 20.82 13.51
C LEU K 90 -31.16 21.97 14.36
N GLN K 91 -31.40 23.20 13.93
CA GLN K 91 -30.92 24.42 14.58
C GLN K 91 -32.04 25.15 15.30
N GLU K 92 -32.05 25.10 16.63
CA GLU K 92 -33.11 25.75 17.39
C GLU K 92 -32.91 27.26 17.43
N TYR K 93 -33.95 28.01 17.07
CA TYR K 93 -34.04 29.43 17.38
C TYR K 93 -35.06 29.72 18.45
N TYR K 94 -36.15 28.97 18.45
CA TYR K 94 -37.19 29.06 19.47
C TYR K 94 -36.76 28.15 20.61
N GLU K 95 -35.94 28.71 21.52
CA GLU K 95 -35.44 28.05 22.72
C GLU K 95 -36.51 27.65 23.74
N THR K 96 -37.79 27.99 23.54
CA THR K 96 -38.82 27.27 24.27
C THR K 96 -38.87 25.81 23.83
N GLY K 97 -38.55 25.52 22.57
CA GLY K 97 -38.61 24.17 22.06
C GLY K 97 -39.74 23.84 21.09
N ALA K 98 -40.29 24.82 20.39
CA ALA K 98 -41.41 24.58 19.49
C ALA K 98 -41.06 24.76 18.02
N PHE K 99 -40.01 25.52 17.70
CA PHE K 99 -39.67 25.83 16.31
C PHE K 99 -38.15 25.77 16.17
N TYR K 100 -37.69 25.41 14.97
CA TYR K 100 -36.26 25.29 14.67
C TYR K 100 -35.96 26.01 13.36
N LEU K 101 -34.68 26.01 12.98
CA LEU K 101 -34.26 26.44 11.66
C LEU K 101 -34.10 25.24 10.73
N VAL K 102 -33.75 25.53 9.48
CA VAL K 102 -33.76 24.58 8.36
C VAL K 102 -32.38 24.61 7.70
N LYS K 103 -31.51 23.68 8.07
CA LYS K 103 -30.20 23.52 7.45
C LYS K 103 -29.91 22.04 7.24
N PHE K 104 -28.95 21.77 6.35
CA PHE K 104 -28.59 20.41 6.00
C PHE K 104 -27.45 19.89 6.89
N LYS K 105 -26.86 18.79 6.46
CA LYS K 105 -25.62 18.22 6.97
C LYS K 105 -24.62 18.28 5.84
N ARG K 106 -23.46 17.61 6.04
CA ARG K 106 -22.30 17.60 5.13
C ARG K 106 -22.64 17.40 3.64
N ILE K 107 -23.38 16.32 3.34
CA ILE K 107 -23.85 15.89 2.00
C ILE K 107 -22.70 15.77 1.01
N PRO K 108 -21.91 14.68 1.06
CA PRO K 108 -20.78 14.51 0.12
C PRO K 108 -21.19 14.46 -1.34
N ARG K 109 -22.34 13.83 -1.63
CA ARG K 109 -22.87 13.73 -2.99
C ARG K 109 -23.16 15.10 -3.59
N GLY K 110 -23.72 15.99 -2.78
CA GLY K 110 -24.10 17.32 -3.21
C GLY K 110 -25.61 17.39 -3.31
N ASN K 111 -26.21 18.20 -2.46
CA ASN K 111 -27.65 18.34 -2.41
C ASN K 111 -28.13 19.31 -3.49
N PRO K 112 -29.12 18.93 -4.31
CA PRO K 112 -29.51 19.77 -5.47
C PRO K 112 -30.44 20.94 -5.14
N LEU K 113 -30.17 21.66 -4.04
CA LEU K 113 -30.99 22.78 -3.61
C LEU K 113 -30.15 23.97 -3.15
N SER K 114 -28.89 24.07 -3.62
CA SER K 114 -28.00 25.16 -3.21
C SER K 114 -28.54 26.53 -3.62
N HIS K 115 -29.10 26.62 -4.84
CA HIS K 115 -29.76 27.85 -5.29
C HIS K 115 -30.95 28.22 -4.42
N PHE K 116 -31.61 27.22 -3.84
CA PHE K 116 -32.64 27.37 -2.83
C PHE K 116 -32.10 27.49 -1.41
N LEU K 117 -30.84 27.17 -1.19
CA LEU K 117 -30.21 27.28 0.13
C LEU K 117 -29.75 28.71 0.41
N GLU K 118 -30.38 29.41 1.39
CA GLU K 118 -29.88 30.75 1.72
C GLU K 118 -28.55 30.57 2.44
N GLY K 119 -27.44 30.60 1.71
CA GLY K 119 -26.17 30.19 2.29
C GLY K 119 -26.24 28.76 2.76
N GLU K 120 -26.25 28.62 4.09
CA GLU K 120 -26.46 27.37 4.81
C GLU K 120 -27.93 27.13 5.19
N VAL K 121 -28.70 28.19 5.52
CA VAL K 121 -30.12 28.01 5.83
C VAL K 121 -30.89 27.61 4.55
N LEU K 122 -32.07 27.03 4.72
CA LEU K 122 -32.96 26.69 3.62
C LEU K 122 -34.00 27.78 3.43
N SER K 123 -34.10 28.34 2.22
CA SER K 123 -35.06 29.40 1.92
C SER K 123 -36.42 28.79 1.62
N ALA K 124 -37.26 28.66 2.67
CA ALA K 124 -38.65 28.18 2.54
C ALA K 124 -39.49 29.06 1.60
N THR K 125 -39.17 30.36 1.54
CA THR K 125 -39.80 31.31 0.62
C THR K 125 -39.67 30.88 -0.84
N LYS K 126 -38.43 30.60 -1.28
CA LYS K 126 -38.16 30.29 -2.70
C LYS K 126 -38.83 29.01 -3.13
N MET K 127 -38.70 27.94 -2.33
CA MET K 127 -39.30 26.66 -2.68
C MET K 127 -40.82 26.75 -2.66
N LEU K 128 -41.39 27.46 -1.65
CA LEU K 128 -42.84 27.66 -1.63
C LEU K 128 -43.30 28.46 -2.84
N SER K 129 -42.51 29.46 -3.27
CA SER K 129 -42.80 30.26 -4.45
C SER K 129 -42.83 29.41 -5.71
N LYS K 130 -41.75 28.65 -5.94
CA LYS K 130 -41.61 27.80 -7.11
C LYS K 130 -42.63 26.66 -7.10
N PHE K 131 -42.99 26.18 -5.91
CA PHE K 131 -43.98 25.11 -5.78
C PHE K 131 -45.35 25.65 -6.17
N ARG K 132 -45.71 26.86 -5.69
CA ARG K 132 -46.94 27.52 -6.11
C ARG K 132 -46.94 27.76 -7.62
N LYS K 133 -45.76 28.11 -8.17
CA LYS K 133 -45.57 28.30 -9.61
C LYS K 133 -45.87 27.02 -10.40
N ILE K 134 -45.20 25.92 -10.04
CA ILE K 134 -45.39 24.68 -10.78
C ILE K 134 -46.81 24.11 -10.58
N ILE K 135 -47.43 24.33 -9.40
CA ILE K 135 -48.78 23.81 -9.18
C ILE K 135 -49.81 24.62 -9.99
N LYS K 136 -49.60 25.95 -10.13
CA LYS K 136 -50.51 26.74 -10.97
C LYS K 136 -50.27 26.47 -12.44
N GLU K 137 -48.99 26.24 -12.81
CA GLU K 137 -48.60 25.77 -14.14
C GLU K 137 -49.36 24.51 -14.53
N GLU K 138 -49.37 23.52 -13.63
CA GLU K 138 -50.02 22.24 -13.91
C GLU K 138 -51.54 22.38 -13.89
N VAL K 139 -52.07 23.22 -12.97
CA VAL K 139 -53.50 23.52 -12.93
C VAL K 139 -53.97 24.12 -14.26
N LYS K 140 -53.18 25.03 -14.87
CA LYS K 140 -53.64 25.50 -16.17
C LYS K 140 -53.22 24.56 -17.31
N GLU K 141 -52.40 23.54 -17.04
CA GLU K 141 -52.07 22.60 -18.12
C GLU K 141 -53.21 21.64 -18.42
N ILE K 142 -53.87 21.09 -17.40
CA ILE K 142 -54.97 20.15 -17.61
C ILE K 142 -56.14 20.60 -16.77
N LYS K 143 -57.32 20.71 -17.39
CA LYS K 143 -58.49 21.33 -16.78
C LYS K 143 -59.71 20.42 -16.89
N ASP K 144 -59.56 19.14 -16.51
CA ASP K 144 -60.69 18.21 -16.49
C ASP K 144 -61.81 18.69 -15.56
N ILE K 145 -61.50 18.83 -14.28
CA ILE K 145 -62.43 19.41 -13.31
C ILE K 145 -62.08 20.89 -13.15
N ASP K 146 -63.09 21.72 -12.83
CA ASP K 146 -62.95 23.16 -12.66
C ASP K 146 -62.12 23.49 -11.42
N VAL K 147 -60.83 23.77 -11.63
CA VAL K 147 -59.89 24.01 -10.54
C VAL K 147 -59.08 25.27 -10.86
N SER K 148 -58.74 26.03 -9.82
CA SER K 148 -57.88 27.21 -9.95
C SER K 148 -57.22 27.48 -8.60
N VAL K 149 -56.02 28.08 -8.65
CA VAL K 149 -55.26 28.43 -7.46
C VAL K 149 -55.67 29.81 -6.97
N GLU K 150 -55.88 29.95 -5.67
CA GLU K 150 -56.26 31.22 -5.06
C GLU K 150 -55.03 31.81 -4.39
N LYS K 151 -54.74 33.08 -4.67
CA LYS K 151 -53.62 33.81 -4.07
C LYS K 151 -54.12 34.62 -2.86
N GLU K 152 -53.85 34.12 -1.66
CA GLU K 152 -54.29 34.78 -0.44
C GLU K 152 -53.06 35.55 0.09
N LYS K 153 -53.16 36.12 1.28
CA LYS K 153 -52.11 36.95 1.86
C LYS K 153 -50.86 36.14 2.21
N PRO K 154 -49.66 36.66 1.92
CA PRO K 154 -48.43 35.94 2.28
C PRO K 154 -48.10 35.86 3.77
N GLY K 155 -49.02 35.37 4.61
CA GLY K 155 -48.77 35.18 6.02
C GLY K 155 -49.03 33.75 6.45
N SER K 156 -49.86 33.05 5.68
CA SER K 156 -50.18 31.65 5.93
C SER K 156 -49.79 30.83 4.71
N PRO K 157 -48.66 30.09 4.77
CA PRO K 157 -48.20 29.32 3.60
C PRO K 157 -49.01 28.07 3.25
N ALA K 158 -50.31 28.24 3.01
CA ALA K 158 -51.21 27.16 2.65
C ALA K 158 -51.81 27.52 1.29
N VAL K 159 -51.40 26.80 0.25
CA VAL K 159 -51.81 27.08 -1.12
C VAL K 159 -53.27 26.68 -1.30
N THR K 160 -54.18 27.66 -1.28
CA THR K 160 -55.60 27.38 -1.44
C THR K 160 -55.95 27.20 -2.91
N LEU K 161 -56.62 26.09 -3.21
CA LEU K 161 -57.06 25.76 -4.56
C LEU K 161 -58.59 25.77 -4.63
N LEU K 162 -59.14 26.84 -5.20
CA LEU K 162 -60.59 26.93 -5.39
C LEU K 162 -61.06 25.93 -6.44
N ILE K 163 -62.06 25.13 -6.08
CA ILE K 163 -62.62 24.08 -6.93
C ILE K 163 -64.10 24.34 -7.03
N ARG K 164 -64.61 24.53 -8.24
CA ARG K 164 -66.05 24.69 -8.46
C ARG K 164 -66.76 23.36 -8.76
N ASN K 165 -66.56 22.33 -7.92
CA ASN K 165 -67.17 21.00 -8.11
C ASN K 165 -67.31 20.28 -6.78
N PRO K 166 -68.53 20.20 -6.20
CA PRO K 166 -69.79 20.79 -6.68
C PRO K 166 -70.04 22.24 -6.27
N GLU K 167 -69.65 22.58 -5.03
CA GLU K 167 -69.69 23.92 -4.50
C GLU K 167 -68.26 24.44 -4.47
N GLU K 168 -68.08 25.68 -4.04
CA GLU K 168 -66.75 26.29 -3.99
C GLU K 168 -65.95 25.64 -2.87
N ILE K 169 -65.13 24.64 -3.18
CA ILE K 169 -64.35 23.98 -2.13
C ILE K 169 -62.90 24.37 -2.32
N SER K 170 -62.38 25.22 -1.44
CA SER K 170 -60.96 25.50 -1.38
C SER K 170 -60.25 24.43 -0.56
N VAL K 171 -58.99 24.15 -0.91
CA VAL K 171 -58.15 23.18 -0.21
C VAL K 171 -56.78 23.76 0.09
N ASP K 172 -56.44 23.83 1.38
CA ASP K 172 -55.17 24.41 1.84
C ASP K 172 -54.02 23.43 1.59
N ILE K 173 -53.32 23.55 0.46
CA ILE K 173 -52.17 22.69 0.19
C ILE K 173 -50.98 23.12 1.05
N ILE K 174 -50.46 22.21 1.86
CA ILE K 174 -49.34 22.44 2.76
C ILE K 174 -48.36 21.29 2.58
N LEU K 175 -47.07 21.62 2.55
CA LEU K 175 -45.98 20.67 2.39
C LEU K 175 -45.33 20.27 3.70
N ALA K 176 -45.33 18.97 4.00
CA ALA K 176 -44.71 18.43 5.20
C ALA K 176 -43.52 17.61 4.73
N LEU K 177 -42.42 17.68 5.46
CA LEU K 177 -41.18 17.06 5.02
C LEU K 177 -40.89 15.78 5.77
N GLU K 178 -40.72 14.67 5.05
CA GLU K 178 -40.47 13.41 5.71
C GLU K 178 -38.99 13.42 6.06
N SER K 179 -38.71 13.37 7.37
CA SER K 179 -37.36 13.41 7.92
C SER K 179 -37.01 12.22 8.79
N LYS K 180 -35.88 11.59 8.48
CA LYS K 180 -35.30 10.55 9.32
C LYS K 180 -34.10 11.09 10.09
N GLY K 181 -34.04 12.41 10.30
CA GLY K 181 -32.85 13.06 10.78
C GLY K 181 -32.38 12.76 12.20
N SER K 182 -33.12 13.20 13.23
CA SER K 182 -32.45 13.16 14.53
C SER K 182 -33.29 12.55 15.64
N TRP K 183 -34.63 12.84 15.69
CA TRP K 183 -35.47 12.77 16.90
C TRP K 183 -34.79 13.62 17.96
N PRO K 184 -34.92 14.96 17.89
CA PRO K 184 -34.05 15.90 18.64
C PRO K 184 -34.09 15.76 20.16
N ILE K 185 -33.11 16.42 20.79
CA ILE K 185 -32.92 16.41 22.24
C ILE K 185 -34.06 17.06 23.01
N SER K 186 -34.83 17.93 22.36
CA SER K 186 -36.11 18.41 22.88
C SER K 186 -37.13 17.29 23.11
N THR K 187 -37.10 16.25 22.29
CA THR K 187 -37.98 15.10 22.47
C THR K 187 -37.42 13.96 23.32
N LYS K 188 -36.32 14.17 24.07
CA LYS K 188 -35.74 13.09 24.87
C LYS K 188 -36.70 12.60 25.94
N GLU K 189 -37.06 13.50 26.86
CA GLU K 189 -37.97 13.19 27.95
C GLU K 189 -39.42 13.47 27.55
N GLY K 190 -39.68 13.50 26.25
CA GLY K 190 -41.00 13.64 25.67
C GLY K 190 -41.66 12.32 25.48
N LEU K 191 -42.99 12.37 25.40
CA LEU K 191 -43.92 11.27 25.13
C LEU K 191 -43.78 10.19 26.21
N PRO K 192 -44.14 10.48 27.50
CA PRO K 192 -44.00 9.44 28.53
C PRO K 192 -45.16 8.45 28.52
N ILE K 193 -44.86 7.23 28.07
CA ILE K 193 -45.82 6.12 28.06
C ILE K 193 -45.21 4.88 28.67
N GLN K 194 -44.01 5.03 29.29
CA GLN K 194 -43.23 3.91 29.85
C GLN K 194 -44.02 3.03 30.83
N GLY K 195 -44.80 3.63 31.72
CA GLY K 195 -45.49 2.87 32.74
C GLY K 195 -46.91 2.51 32.37
N TRP K 196 -47.66 3.51 31.90
CA TRP K 196 -49.05 3.30 31.53
C TRP K 196 -49.21 2.45 30.26
N LEU K 197 -48.34 2.65 29.26
CA LEU K 197 -48.45 1.92 28.01
C LEU K 197 -47.28 0.99 27.71
N GLY K 198 -46.05 1.50 27.70
CA GLY K 198 -44.94 0.61 27.38
C GLY K 198 -43.78 1.28 26.66
N THR K 199 -42.56 0.88 27.01
CA THR K 199 -41.38 1.45 26.37
C THR K 199 -41.10 0.78 25.04
N LYS K 200 -41.47 -0.50 24.93
CA LYS K 200 -41.31 -1.32 23.73
C LYS K 200 -41.85 -0.64 22.47
N VAL K 201 -43.15 -0.32 22.49
CA VAL K 201 -43.83 0.46 21.45
C VAL K 201 -43.14 1.82 21.23
N ARG K 202 -42.89 2.55 22.33
CA ARG K 202 -42.18 3.84 22.36
C ARG K 202 -40.86 3.85 21.58
N THR K 203 -40.04 2.81 21.77
CA THR K 203 -38.82 2.64 20.98
C THR K 203 -39.13 2.45 19.50
N ASN K 204 -40.08 1.54 19.20
CA ASN K 204 -40.53 1.27 17.83
C ASN K 204 -41.08 2.53 17.19
N LEU K 205 -41.82 3.33 17.97
CA LEU K 205 -42.37 4.60 17.48
C LEU K 205 -41.26 5.58 17.14
N ARG K 206 -40.32 5.78 18.09
CA ARG K 206 -39.19 6.67 17.82
C ARG K 206 -38.21 6.14 16.78
N ARG K 207 -38.32 4.87 16.36
CA ARG K 207 -37.58 4.35 15.22
C ARG K 207 -38.10 4.90 13.90
N GLU K 208 -39.27 5.49 13.88
CA GLU K 208 -39.90 5.88 12.64
C GLU K 208 -39.52 7.32 12.31
N PRO K 209 -39.86 7.80 11.11
CA PRO K 209 -39.60 9.21 10.78
C PRO K 209 -40.54 10.22 11.41
N PHE K 210 -40.42 11.47 10.98
CA PHE K 210 -41.16 12.59 11.55
C PHE K 210 -41.15 13.74 10.55
N TYR K 211 -41.95 14.76 10.86
CA TYR K 211 -42.13 15.88 9.96
C TYR K 211 -41.87 17.21 10.67
N LEU K 212 -41.81 18.28 9.86
CA LEU K 212 -41.78 19.62 10.40
C LEU K 212 -42.59 20.52 9.45
N VAL K 213 -43.50 21.32 10.00
CA VAL K 213 -44.38 22.17 9.20
C VAL K 213 -43.78 23.56 9.07
N PRO K 214 -43.58 24.07 7.85
CA PRO K 214 -43.12 25.46 7.70
C PRO K 214 -44.21 26.47 8.04
N LYS K 215 -44.15 27.11 9.20
CA LYS K 215 -45.18 28.09 9.54
C LYS K 215 -44.54 29.29 10.24
N ASN K 216 -44.82 30.48 9.72
CA ASN K 216 -44.24 31.73 10.21
C ASN K 216 -44.82 31.98 11.59
N ALA K 217 -44.02 31.75 12.63
CA ALA K 217 -44.32 32.06 14.02
C ALA K 217 -44.30 33.56 14.33
N LYS K 218 -44.32 33.85 15.63
CA LYS K 218 -44.08 35.17 16.22
C LYS K 218 -42.85 35.84 15.59
N ASP K 219 -42.97 37.12 15.25
CA ASP K 219 -41.94 37.73 14.43
C ASP K 219 -40.73 38.25 15.23
N GLY K 220 -40.47 37.75 16.44
CA GLY K 220 -39.19 37.97 17.10
C GLY K 220 -38.08 37.09 16.54
N ASN K 221 -37.75 37.26 15.25
CA ASN K 221 -36.87 36.36 14.53
C ASN K 221 -36.46 37.08 13.25
N SER K 222 -35.29 36.72 12.74
CA SER K 222 -34.83 37.23 11.45
C SER K 222 -35.52 36.49 10.31
N PHE K 223 -35.84 35.22 10.51
CA PHE K 223 -36.37 34.34 9.48
C PHE K 223 -37.86 34.12 9.72
N GLN K 224 -38.70 34.61 8.80
CA GLN K 224 -40.14 34.42 8.85
C GLN K 224 -40.52 33.47 7.73
N GLY K 225 -41.41 32.53 8.02
CA GLY K 225 -41.70 31.42 7.10
C GLY K 225 -40.69 30.28 7.15
N GLU K 226 -39.39 30.61 7.13
CA GLU K 226 -38.25 29.74 7.40
C GLU K 226 -38.12 29.29 8.86
N THR K 227 -39.03 29.69 9.74
CA THR K 227 -39.17 29.07 11.05
C THR K 227 -40.20 27.94 10.93
N TRP K 228 -39.84 26.76 11.41
CA TRP K 228 -40.64 25.57 11.15
C TRP K 228 -41.02 24.86 12.45
N ARG K 229 -42.32 24.55 12.61
CA ARG K 229 -42.85 23.87 13.79
C ARG K 229 -42.89 22.35 13.62
N LEU K 230 -42.73 21.64 14.74
CA LEU K 230 -42.66 20.18 14.76
C LEU K 230 -44.01 19.56 14.39
N SER K 231 -43.95 18.37 13.79
CA SER K 231 -45.10 17.69 13.20
C SER K 231 -44.91 16.18 13.32
N PHE K 232 -45.87 15.49 13.94
CA PHE K 232 -45.82 14.03 14.09
C PHE K 232 -47.18 13.37 13.85
N SER K 233 -47.93 13.84 12.83
CA SER K 233 -49.32 13.43 12.57
C SER K 233 -49.54 11.92 12.44
N HIS K 234 -48.53 11.18 11.95
CA HIS K 234 -48.56 9.71 11.95
C HIS K 234 -48.70 9.16 13.37
N THR K 235 -47.89 9.68 14.31
CA THR K 235 -47.99 9.30 15.72
C THR K 235 -49.36 9.67 16.28
N GLU K 236 -49.91 10.81 15.86
CA GLU K 236 -51.19 11.26 16.40
C GLU K 236 -52.32 10.36 15.94
N LYS K 237 -52.35 9.98 14.66
CA LYS K 237 -53.37 9.03 14.22
C LYS K 237 -53.14 7.63 14.80
N TYR K 238 -51.87 7.27 15.03
CA TYR K 238 -51.52 6.03 15.75
C TYR K 238 -52.11 6.03 17.16
N ILE K 239 -51.74 7.03 17.97
CA ILE K 239 -52.24 7.15 19.34
C ILE K 239 -53.74 7.43 19.37
N LEU K 240 -54.33 7.94 18.27
CA LEU K 240 -55.77 8.04 18.16
C LEU K 240 -56.40 6.66 18.11
N ASN K 241 -56.00 5.84 17.12
CA ASN K 241 -56.50 4.46 17.08
C ASN K 241 -55.98 3.57 18.22
N ASN K 242 -55.04 4.02 19.05
CA ASN K 242 -54.51 3.25 20.17
C ASN K 242 -54.60 4.04 21.48
N HIS K 243 -55.76 4.65 21.73
CA HIS K 243 -55.91 5.54 22.88
C HIS K 243 -56.02 4.76 24.19
N GLY K 244 -56.93 3.78 24.26
CA GLY K 244 -57.18 3.06 25.50
C GLY K 244 -56.02 2.17 25.96
N ILE K 245 -56.11 1.74 27.23
CA ILE K 245 -55.17 0.75 27.78
C ILE K 245 -55.21 -0.60 27.05
N GLU K 246 -56.37 -1.00 26.53
CA GLU K 246 -56.44 -2.05 25.52
C GLU K 246 -56.46 -1.36 24.16
N LYS K 247 -55.40 -1.57 23.38
CA LYS K 247 -55.18 -0.85 22.13
C LYS K 247 -56.18 -1.19 21.03
N THR K 248 -56.91 -2.31 21.13
CA THR K 248 -57.89 -2.72 20.13
C THR K 248 -59.22 -1.96 20.17
N CYS K 249 -59.31 -0.89 20.95
CA CYS K 249 -60.51 -0.06 21.09
C CYS K 249 -60.69 0.83 19.86
N CYS K 250 -61.81 1.58 19.84
CA CYS K 250 -62.51 2.32 18.76
C CYS K 250 -63.12 1.43 17.66
N GLU K 251 -62.97 0.11 17.79
CA GLU K 251 -63.44 -0.89 16.86
C GLU K 251 -64.47 -1.73 17.62
N SER K 252 -64.89 -2.83 16.99
CA SER K 252 -65.92 -3.69 17.56
C SER K 252 -65.39 -4.69 18.59
N SER K 253 -64.07 -4.90 18.66
CA SER K 253 -63.50 -5.93 19.51
C SER K 253 -63.15 -5.46 20.93
N GLY K 254 -63.27 -4.16 21.23
CA GLY K 254 -62.93 -3.65 22.54
C GLY K 254 -64.11 -2.96 23.22
N ALA K 255 -63.92 -2.63 24.49
CA ALA K 255 -64.92 -1.90 25.26
C ALA K 255 -64.91 -0.44 24.85
N LYS K 256 -65.92 -0.04 24.05
CA LYS K 256 -66.05 1.28 23.43
C LYS K 256 -66.05 2.43 24.43
N CYS K 257 -65.03 3.27 24.39
CA CYS K 257 -64.95 4.37 25.33
C CYS K 257 -65.67 5.60 24.77
N CYS K 258 -65.45 6.75 25.41
CA CYS K 258 -65.97 8.03 24.95
C CYS K 258 -64.86 9.02 24.60
N ARG K 259 -63.66 8.52 24.31
CA ARG K 259 -62.49 9.39 24.10
C ARG K 259 -62.61 10.21 22.81
N LYS K 260 -62.88 9.55 21.68
CA LYS K 260 -63.20 10.24 20.43
C LYS K 260 -64.45 11.10 20.57
N GLU K 261 -65.42 10.59 21.34
CA GLU K 261 -66.67 11.29 21.64
C GLU K 261 -66.39 12.63 22.30
N CYS K 262 -65.81 12.60 23.52
CA CYS K 262 -65.45 13.81 24.27
C CYS K 262 -64.46 14.70 23.52
N LEU K 263 -63.59 14.06 22.72
CA LEU K 263 -62.67 14.75 21.79
C LEU K 263 -63.44 15.69 20.89
N LYS K 264 -64.38 15.13 20.12
CA LYS K 264 -65.18 15.91 19.19
C LYS K 264 -66.07 16.91 19.91
N LEU K 265 -66.61 16.52 21.08
CA LEU K 265 -67.44 17.39 21.92
C LEU K 265 -66.70 18.67 22.26
N MET K 266 -65.53 18.56 22.92
CA MET K 266 -64.75 19.73 23.31
C MET K 266 -64.24 20.49 22.08
N LYS K 267 -63.81 19.74 21.03
CA LYS K 267 -63.31 20.31 19.78
C LYS K 267 -64.33 21.23 19.12
N TYR K 268 -65.53 20.73 18.89
CA TYR K 268 -66.52 21.52 18.18
C TYR K 268 -67.29 22.44 19.11
N LEU K 269 -67.23 22.19 20.42
CA LEU K 269 -67.61 23.19 21.41
C LEU K 269 -66.73 24.42 21.28
N LEU K 270 -65.41 24.22 21.21
CA LEU K 270 -64.49 25.34 21.04
C LEU K 270 -64.59 25.97 19.65
N GLU K 271 -64.89 25.17 18.61
CA GLU K 271 -65.21 25.67 17.27
C GLU K 271 -66.38 26.66 17.30
N GLN K 272 -67.51 26.23 17.87
CA GLN K 272 -68.68 27.11 18.01
C GLN K 272 -68.36 28.29 18.91
N LEU K 273 -67.56 28.06 19.95
CA LEU K 273 -67.22 29.10 20.92
C LEU K 273 -66.38 30.20 20.29
N LYS K 274 -65.40 29.85 19.41
CA LYS K 274 -64.65 30.93 18.77
C LYS K 274 -65.46 31.56 17.64
N LYS K 275 -66.32 30.77 16.98
CA LYS K 275 -67.18 31.36 15.96
C LYS K 275 -68.29 32.23 16.55
N GLU K 276 -68.54 32.17 17.86
CA GLU K 276 -69.45 33.12 18.49
C GLU K 276 -68.73 34.12 19.39
N PHE K 277 -67.46 33.88 19.72
CA PHE K 277 -66.64 34.85 20.45
C PHE K 277 -65.37 34.97 19.61
N GLN K 278 -65.31 35.98 18.76
CA GLN K 278 -64.25 36.19 17.78
C GLN K 278 -62.96 36.84 18.32
N GLU K 279 -62.83 37.09 19.62
CA GLU K 279 -61.60 37.67 20.14
C GLU K 279 -60.53 36.59 20.32
N LEU K 280 -60.96 35.34 20.47
CA LEU K 280 -60.13 34.22 20.90
C LEU K 280 -59.99 33.21 19.77
N ASP K 281 -58.86 33.27 19.07
CA ASP K 281 -58.59 32.42 17.91
C ASP K 281 -57.26 31.69 17.95
N ALA K 282 -56.31 32.10 18.79
CA ALA K 282 -54.99 31.46 18.85
C ALA K 282 -55.04 30.04 19.43
N PHE K 283 -56.03 29.71 20.25
CA PHE K 283 -56.12 28.38 20.86
C PHE K 283 -56.57 27.34 19.85
N CYS K 284 -55.62 26.93 19.00
CA CYS K 284 -55.91 26.01 17.90
C CYS K 284 -56.05 24.57 18.43
N SER K 285 -56.27 23.65 17.49
CA SER K 285 -56.60 22.23 17.75
C SER K 285 -55.56 21.48 18.60
N TYR K 286 -54.27 21.81 18.47
CA TYR K 286 -53.19 21.07 19.14
C TYR K 286 -53.26 21.16 20.68
N HIS K 287 -53.84 22.26 21.20
CA HIS K 287 -53.99 22.50 22.63
C HIS K 287 -54.76 21.38 23.34
N VAL K 288 -55.97 21.08 22.87
CA VAL K 288 -56.76 20.03 23.49
C VAL K 288 -56.13 18.65 23.25
N LYS K 289 -55.37 18.49 22.16
CA LYS K 289 -54.68 17.22 21.87
C LYS K 289 -53.61 16.91 22.92
N THR K 290 -52.70 17.86 23.16
CA THR K 290 -51.71 17.68 24.23
C THR K 290 -52.38 17.60 25.61
N ALA K 291 -53.49 18.33 25.80
CA ALA K 291 -54.26 18.31 27.06
C ALA K 291 -54.80 16.91 27.36
N ILE K 292 -55.43 16.27 26.37
CA ILE K 292 -56.00 14.94 26.55
C ILE K 292 -54.87 13.91 26.70
N PHE K 293 -53.72 14.15 26.04
CA PHE K 293 -52.54 13.29 26.22
C PHE K 293 -52.09 13.27 27.69
N HIS K 294 -52.02 14.46 28.32
CA HIS K 294 -51.60 14.55 29.72
C HIS K 294 -52.66 14.03 30.67
N MET K 295 -53.92 14.23 30.31
CA MET K 295 -55.03 13.65 31.05
C MET K 295 -54.91 12.13 31.06
N TRP K 296 -54.66 11.56 29.87
CA TRP K 296 -54.46 10.11 29.70
C TRP K 296 -53.28 9.58 30.51
N THR K 297 -52.13 10.26 30.44
CA THR K 297 -50.96 9.86 31.23
C THR K 297 -51.19 10.02 32.74
N GLN K 298 -52.18 10.81 33.16
CA GLN K 298 -52.60 10.81 34.55
C GLN K 298 -53.89 10.00 34.77
N ASP K 299 -54.52 9.48 33.70
CA ASP K 299 -55.70 8.60 33.81
C ASP K 299 -55.28 7.12 33.88
N PRO K 300 -55.36 6.45 35.03
CA PRO K 300 -54.94 5.05 35.07
C PRO K 300 -56.03 4.03 34.75
N GLN K 301 -57.29 4.44 34.80
CA GLN K 301 -58.44 3.53 34.77
C GLN K 301 -59.24 3.69 33.50
N ASP K 302 -59.69 2.56 32.94
CA ASP K 302 -60.57 2.58 31.77
C ASP K 302 -62.04 2.73 32.14
N SER K 303 -62.41 2.28 33.36
CA SER K 303 -63.76 2.40 33.92
C SER K 303 -64.32 3.83 33.92
N GLN K 304 -63.46 4.83 34.06
CA GLN K 304 -63.80 6.23 33.88
C GLN K 304 -63.67 6.70 32.44
N TRP K 305 -63.80 5.79 31.46
CA TRP K 305 -63.96 6.15 30.04
C TRP K 305 -64.92 5.15 29.40
N ASP K 306 -66.20 5.51 29.38
CA ASP K 306 -67.32 4.71 28.89
C ASP K 306 -68.55 5.62 28.88
N PRO K 307 -69.51 5.38 27.96
CA PRO K 307 -70.75 6.19 27.91
C PRO K 307 -71.58 6.27 29.20
N ARG K 308 -71.47 5.28 30.09
CA ARG K 308 -72.06 5.38 31.42
C ARG K 308 -71.36 6.44 32.26
N ASN K 309 -70.04 6.56 32.13
CA ASN K 309 -69.22 7.55 32.81
C ASN K 309 -68.86 8.76 31.95
N LEU K 310 -69.48 8.87 30.76
CA LEU K 310 -69.36 10.00 29.83
C LEU K 310 -69.50 11.39 30.47
N SER K 311 -70.57 11.62 31.22
CA SER K 311 -70.72 12.90 31.93
C SER K 311 -69.70 13.09 33.05
N SER K 312 -69.44 12.04 33.84
CA SER K 312 -68.44 12.08 34.91
C SER K 312 -67.05 12.39 34.36
N CYS K 313 -66.65 11.65 33.31
CA CYS K 313 -65.35 11.85 32.69
C CYS K 313 -65.28 13.19 31.98
N PHE K 314 -66.40 13.73 31.50
CA PHE K 314 -66.33 15.01 30.81
C PHE K 314 -66.18 16.18 31.79
N ASP K 315 -66.86 16.11 32.96
CA ASP K 315 -66.61 17.12 34.00
C ASP K 315 -65.20 16.96 34.57
N LYS K 316 -64.72 15.71 34.65
CA LYS K 316 -63.33 15.41 34.98
C LYS K 316 -62.35 16.08 34.00
N LEU K 317 -62.65 16.04 32.69
CA LEU K 317 -61.78 16.67 31.70
C LEU K 317 -61.75 18.18 31.85
N LEU K 318 -62.94 18.77 32.09
CA LEU K 318 -63.06 20.21 32.36
C LEU K 318 -62.27 20.60 33.60
N ALA K 319 -62.38 19.78 34.66
CA ALA K 319 -61.64 20.01 35.90
C ALA K 319 -60.13 19.95 35.68
N PHE K 320 -59.67 18.95 34.91
CA PHE K 320 -58.24 18.81 34.62
C PHE K 320 -57.70 20.00 33.82
N PHE K 321 -58.46 20.44 32.80
CA PHE K 321 -58.00 21.55 31.96
C PHE K 321 -57.99 22.86 32.73
N LEU K 322 -59.04 23.11 33.54
CA LEU K 322 -59.05 24.32 34.37
C LEU K 322 -57.99 24.28 35.45
N GLU K 323 -57.62 23.07 35.93
CA GLU K 323 -56.51 22.93 36.87
C GLU K 323 -55.19 23.30 36.20
N CYS K 324 -54.99 22.85 34.96
CA CYS K 324 -53.83 23.30 34.19
C CYS K 324 -53.81 24.81 33.96
N LEU K 325 -54.97 25.43 33.72
CA LEU K 325 -55.00 26.90 33.56
C LEU K 325 -54.60 27.66 34.83
N ARG K 326 -55.14 27.29 35.99
CA ARG K 326 -54.77 27.99 37.24
C ARG K 326 -53.30 27.80 37.60
N THR K 327 -52.78 26.57 37.50
CA THR K 327 -51.34 26.33 37.60
C THR K 327 -50.52 27.02 36.50
N GLU K 328 -51.16 27.46 35.39
CA GLU K 328 -50.58 28.10 34.21
C GLU K 328 -49.48 27.25 33.54
N LYS K 329 -49.50 25.94 33.73
CA LYS K 329 -48.48 25.11 33.09
C LYS K 329 -49.20 24.08 32.24
N LEU K 330 -48.74 23.95 31.00
CA LEU K 330 -49.12 22.86 30.13
C LEU K 330 -47.81 22.52 29.43
N ASP K 331 -47.03 21.64 30.03
CA ASP K 331 -45.83 21.15 29.39
C ASP K 331 -46.27 20.23 28.27
N HIS K 332 -45.79 20.49 27.04
CA HIS K 332 -46.13 19.70 25.85
C HIS K 332 -45.74 18.24 26.00
N TYR K 333 -46.50 17.38 25.33
CA TYR K 333 -46.29 15.94 25.40
C TYR K 333 -44.95 15.53 24.79
N PHE K 334 -44.74 15.84 23.51
CA PHE K 334 -43.42 15.64 22.93
C PHE K 334 -42.33 16.55 23.52
N ILE K 335 -42.68 17.74 24.01
CA ILE K 335 -41.69 18.71 24.49
C ILE K 335 -42.04 19.23 25.88
N PRO K 336 -41.89 18.46 26.98
CA PRO K 336 -42.15 19.02 28.32
C PRO K 336 -41.34 20.26 28.73
N LYS K 337 -40.17 20.51 28.12
CA LYS K 337 -39.50 21.79 28.34
C LYS K 337 -40.37 22.93 27.77
N PHE K 338 -41.01 22.70 26.62
CA PHE K 338 -41.85 23.71 25.99
C PHE K 338 -43.23 23.70 26.65
N ASN K 339 -43.38 24.62 27.57
CA ASN K 339 -44.63 24.87 28.28
C ASN K 339 -45.43 25.80 27.41
N LEU K 340 -46.31 25.23 26.55
CA LEU K 340 -47.13 25.99 25.60
C LEU K 340 -48.06 27.00 26.25
N PHE K 341 -48.32 26.93 27.57
CA PHE K 341 -49.07 27.96 28.29
C PHE K 341 -48.18 29.17 28.60
N SER K 342 -47.65 29.78 27.55
CA SER K 342 -46.79 30.94 27.61
C SER K 342 -47.57 32.18 27.22
N GLN K 343 -47.54 33.19 28.09
CA GLN K 343 -48.19 34.48 27.89
C GLN K 343 -47.77 35.19 26.60
N GLU K 344 -46.55 34.94 26.11
CA GLU K 344 -46.05 35.59 24.89
C GLU K 344 -46.89 35.25 23.66
N LEU K 345 -47.38 34.01 23.55
CA LEU K 345 -48.24 33.69 22.41
C LEU K 345 -49.72 33.69 22.76
N ILE K 346 -50.10 33.32 23.98
CA ILE K 346 -51.50 33.37 24.41
C ILE K 346 -51.70 34.15 25.70
N ASP K 347 -52.25 35.36 25.56
CA ASP K 347 -52.44 36.35 26.62
C ASP K 347 -53.31 35.86 27.78
N ARG K 348 -53.02 36.37 28.99
CA ARG K 348 -53.65 35.93 30.24
C ARG K 348 -55.14 36.26 30.31
N LYS K 349 -55.52 37.51 30.00
CA LYS K 349 -56.92 37.93 30.08
C LYS K 349 -57.81 37.17 29.10
N SER K 350 -57.22 36.75 27.96
CA SER K 350 -57.89 35.85 27.03
C SER K 350 -58.19 34.52 27.69
N LYS K 351 -57.20 33.96 28.41
CA LYS K 351 -57.40 32.72 29.16
C LYS K 351 -58.45 32.86 30.25
N GLU K 352 -58.53 34.05 30.87
CA GLU K 352 -59.51 34.29 31.92
C GLU K 352 -60.92 34.31 31.35
N PHE K 353 -61.10 35.04 30.24
CA PHE K 353 -62.39 35.03 29.55
C PHE K 353 -62.71 33.66 28.96
N LEU K 354 -61.68 32.89 28.56
CA LEU K 354 -61.86 31.51 28.14
C LEU K 354 -62.41 30.64 29.26
N SER K 355 -61.86 30.79 30.46
CA SER K 355 -62.37 30.10 31.66
C SER K 355 -63.81 30.53 31.94
N LYS K 356 -64.10 31.81 31.73
CA LYS K 356 -65.45 32.34 31.92
C LYS K 356 -66.44 31.72 30.92
N LYS K 357 -66.02 31.56 29.65
CA LYS K 357 -66.88 30.91 28.67
C LYS K 357 -67.04 29.42 28.95
N ILE K 358 -66.03 28.79 29.55
CA ILE K 358 -66.15 27.39 29.96
C ILE K 358 -67.17 27.28 31.09
N GLU K 359 -67.08 28.17 32.08
CA GLU K 359 -68.09 28.27 33.15
C GLU K 359 -69.49 28.56 32.59
N TYR K 360 -69.57 29.38 31.54
CA TYR K 360 -70.82 29.66 30.83
C TYR K 360 -71.42 28.37 30.27
N GLU K 361 -70.63 27.62 29.48
CA GLU K 361 -71.03 26.33 28.94
C GLU K 361 -71.37 25.33 30.05
N ARG K 362 -70.63 25.40 31.15
CA ARG K 362 -70.72 24.46 32.25
C ARG K 362 -71.99 24.64 33.06
N ASN K 363 -72.18 25.83 33.64
CA ASN K 363 -73.27 26.06 34.58
C ASN K 363 -74.64 26.20 33.92
N ASN K 364 -74.70 26.35 32.60
CA ASN K 364 -75.97 26.59 31.92
C ASN K 364 -76.45 25.42 31.06
N GLY K 365 -76.04 24.19 31.41
CA GLY K 365 -76.46 23.00 30.67
C GLY K 365 -76.09 22.95 29.20
N PHE K 366 -74.95 23.56 28.82
CA PHE K 366 -74.38 23.66 27.47
C PHE K 366 -75.34 24.24 26.45
N PRO K 367 -75.69 25.54 26.59
CA PRO K 367 -76.74 26.14 25.74
C PRO K 367 -76.40 26.20 24.26
N ILE K 368 -75.12 26.22 23.87
CA ILE K 368 -74.74 26.24 22.45
C ILE K 368 -74.88 24.88 21.78
N PHE K 369 -75.30 23.84 22.50
CA PHE K 369 -75.64 22.59 21.84
C PHE K 369 -77.12 22.22 21.92
N ASP K 370 -78.00 23.10 22.43
CA ASP K 370 -79.42 22.87 22.14
C ASP K 370 -79.81 23.16 20.69
N LYS K 371 -78.96 23.85 19.93
CA LYS K 371 -79.14 24.06 18.51
C LYS K 371 -78.50 22.91 17.73
N LEU K 372 -78.62 22.96 16.42
CA LEU K 372 -78.12 21.89 15.59
C LEU K 372 -77.55 22.39 14.26
N GLU L 11 75.06 -17.93 -31.65
CA GLU L 11 74.82 -17.91 -33.08
C GLU L 11 73.41 -18.40 -33.40
N PRO L 12 72.66 -17.63 -34.19
CA PRO L 12 71.25 -17.98 -34.50
C PRO L 12 71.01 -19.31 -35.21
N ASP L 13 72.04 -19.87 -35.87
CA ASP L 13 71.88 -21.13 -36.60
C ASP L 13 71.73 -22.31 -35.65
N LYS L 14 72.56 -22.37 -34.59
CA LYS L 14 72.38 -23.38 -33.54
C LYS L 14 71.04 -23.25 -32.83
N LEU L 15 70.53 -22.02 -32.72
CA LEU L 15 69.21 -21.80 -32.14
C LEU L 15 68.12 -22.33 -33.06
N LYS L 16 68.27 -22.12 -34.37
CA LYS L 16 67.33 -22.69 -35.34
C LYS L 16 67.38 -24.21 -35.39
N LYS L 17 68.56 -24.82 -35.20
CA LYS L 17 68.62 -26.30 -35.25
C LYS L 17 67.94 -26.91 -34.03
N VAL L 18 68.21 -26.37 -32.83
CA VAL L 18 67.48 -26.86 -31.65
C VAL L 18 65.98 -26.52 -31.75
N LEU L 19 65.64 -25.40 -32.43
CA LEU L 19 64.25 -25.05 -32.72
C LEU L 19 63.60 -26.12 -33.59
N ASP L 20 64.35 -26.62 -34.59
CA ASP L 20 63.83 -27.65 -35.48
C ASP L 20 63.74 -28.99 -34.76
N LYS L 21 64.62 -29.22 -33.78
CA LYS L 21 64.49 -30.37 -32.89
C LYS L 21 63.18 -30.30 -32.11
N LEU L 22 62.89 -29.12 -31.55
CA LEU L 22 61.60 -28.89 -30.91
C LEU L 22 60.43 -29.09 -31.89
N ARG L 23 60.63 -28.71 -33.16
CA ARG L 23 59.62 -28.93 -34.19
C ARG L 23 59.38 -30.42 -34.48
N LEU L 24 60.45 -31.23 -34.52
CA LEU L 24 60.29 -32.68 -34.73
C LEU L 24 59.60 -33.32 -33.54
N LYS L 25 60.01 -32.92 -32.32
CA LYS L 25 59.33 -33.33 -31.10
C LYS L 25 57.86 -32.91 -31.12
N ARG L 26 57.57 -31.72 -31.69
CA ARG L 26 56.21 -31.24 -31.85
C ARG L 26 55.44 -32.10 -32.85
N LYS L 27 56.15 -32.68 -33.84
CA LYS L 27 55.47 -33.59 -34.76
C LYS L 27 55.10 -34.90 -34.08
N ASP L 28 55.95 -35.36 -33.15
CA ASP L 28 55.57 -36.49 -32.30
C ASP L 28 54.37 -36.16 -31.39
N ILE L 29 54.42 -35.00 -30.73
CA ILE L 29 53.34 -34.52 -29.85
C ILE L 29 52.01 -34.31 -30.59
N SER L 30 52.05 -33.95 -31.88
CA SER L 30 50.85 -33.84 -32.74
C SER L 30 50.00 -35.12 -32.73
N GLU L 31 50.60 -36.25 -33.17
CA GLU L 31 49.95 -37.57 -33.14
C GLU L 31 49.52 -37.94 -31.72
N ALA L 32 50.48 -37.87 -30.76
CA ALA L 32 50.27 -38.33 -29.39
C ALA L 32 49.16 -37.53 -28.71
N ALA L 33 49.38 -36.23 -28.55
CA ALA L 33 48.44 -35.30 -27.97
C ALA L 33 47.16 -35.11 -28.78
N GLU L 34 47.12 -35.56 -30.05
CA GLU L 34 45.89 -35.45 -30.82
C GLU L 34 44.96 -36.62 -30.49
N THR L 35 45.52 -37.85 -30.43
CA THR L 35 44.81 -38.98 -29.80
C THR L 35 44.34 -38.66 -28.39
N VAL L 36 45.20 -37.99 -27.60
CA VAL L 36 44.84 -37.52 -26.26
C VAL L 36 43.67 -36.54 -26.30
N ASN L 37 43.73 -35.55 -27.21
CA ASN L 37 42.72 -34.50 -27.28
C ASN L 37 41.37 -35.05 -27.71
N LYS L 38 41.38 -36.01 -28.64
CA LYS L 38 40.14 -36.64 -29.09
C LYS L 38 39.52 -37.48 -27.95
N VAL L 39 40.33 -38.27 -27.22
CA VAL L 39 39.72 -39.10 -26.17
C VAL L 39 39.22 -38.26 -24.99
N VAL L 40 39.90 -37.17 -24.63
CA VAL L 40 39.34 -36.35 -23.54
C VAL L 40 38.17 -35.52 -24.05
N GLU L 41 38.10 -35.23 -25.36
CA GLU L 41 36.91 -34.61 -25.92
C GLU L 41 35.71 -35.55 -25.83
N ARG L 42 35.91 -36.82 -26.22
CA ARG L 42 34.93 -37.90 -26.03
C ARG L 42 34.49 -38.01 -24.57
N LEU L 43 35.46 -38.05 -23.65
CA LEU L 43 35.20 -38.22 -22.22
C LEU L 43 34.41 -37.04 -21.67
N LEU L 44 34.84 -35.83 -22.02
CA LEU L 44 34.17 -34.61 -21.59
C LEU L 44 32.76 -34.53 -22.15
N ARG L 45 32.57 -34.98 -23.40
CA ARG L 45 31.22 -35.16 -23.97
C ARG L 45 30.38 -36.09 -23.10
N ARG L 46 30.99 -37.20 -22.63
CA ARG L 46 30.30 -38.12 -21.71
C ARG L 46 29.99 -37.45 -20.38
N MET L 47 30.87 -36.54 -19.92
CA MET L 47 30.63 -35.78 -18.69
C MET L 47 29.35 -34.96 -18.75
N GLN L 48 29.05 -34.33 -19.90
CA GLN L 48 27.87 -33.46 -19.99
C GLN L 48 26.57 -34.26 -19.96
N LYS L 49 26.53 -35.46 -20.53
CA LYS L 49 25.32 -36.25 -20.40
C LYS L 49 25.22 -36.94 -19.05
N ARG L 50 26.34 -37.18 -18.39
CA ARG L 50 26.33 -37.70 -17.02
C ARG L 50 25.85 -36.64 -16.04
N GLU L 51 24.78 -36.95 -15.31
CA GLU L 51 24.20 -36.03 -14.34
C GLU L 51 25.16 -35.83 -13.17
N SER L 52 25.40 -34.57 -12.81
CA SER L 52 26.34 -34.14 -11.78
C SER L 52 26.14 -32.66 -11.54
N GLU L 53 26.84 -32.11 -10.54
CA GLU L 53 27.02 -30.66 -10.45
C GLU L 53 27.98 -30.13 -11.53
N PHE L 54 28.65 -31.00 -12.27
CA PHE L 54 29.58 -30.71 -13.33
C PHE L 54 28.97 -30.93 -14.71
N LYS L 55 27.66 -30.65 -14.84
CA LYS L 55 26.95 -30.66 -16.13
C LYS L 55 27.66 -29.79 -17.16
N GLY L 56 27.80 -28.50 -16.89
CA GLY L 56 28.55 -27.68 -17.81
C GLY L 56 30.00 -27.60 -17.41
N VAL L 57 30.82 -28.50 -17.96
CA VAL L 57 32.27 -28.50 -17.76
C VAL L 57 32.88 -28.85 -19.10
N GLU L 58 33.48 -27.86 -19.76
CA GLU L 58 33.98 -28.00 -21.11
C GLU L 58 35.46 -27.68 -21.10
N GLN L 59 36.16 -28.11 -22.15
CA GLN L 59 37.61 -27.98 -22.21
C GLN L 59 38.01 -26.54 -22.51
N LEU L 60 38.93 -26.03 -21.71
CA LEU L 60 39.50 -24.71 -21.93
C LEU L 60 40.66 -24.89 -22.89
N ASN L 61 40.49 -24.45 -24.13
CA ASN L 61 41.57 -24.62 -25.08
C ASN L 61 42.59 -23.52 -24.85
N THR L 62 43.87 -23.87 -24.91
CA THR L 62 44.92 -22.87 -24.93
C THR L 62 45.75 -22.96 -26.19
N GLY L 63 45.26 -23.65 -27.20
CA GLY L 63 46.06 -23.99 -28.37
C GLY L 63 46.73 -25.34 -28.21
N SER L 64 47.57 -25.69 -29.19
CA SER L 64 48.28 -26.96 -29.15
C SER L 64 49.79 -26.89 -29.22
N TYR L 65 50.37 -25.77 -29.69
CA TYR L 65 51.82 -25.57 -29.80
C TYR L 65 52.56 -25.71 -28.46
N TYR L 66 53.89 -25.87 -28.56
CA TYR L 66 54.78 -25.79 -27.40
C TYR L 66 54.66 -24.44 -26.70
N GLU L 67 54.54 -23.36 -27.47
CA GLU L 67 54.18 -22.04 -26.93
C GLU L 67 52.72 -21.94 -26.50
N HIS L 68 51.91 -22.99 -26.63
CA HIS L 68 50.52 -22.95 -26.21
C HIS L 68 50.15 -23.92 -25.11
N VAL L 69 50.94 -24.97 -24.87
CA VAL L 69 50.75 -25.88 -23.74
C VAL L 69 52.08 -26.03 -23.02
N LYS L 70 52.03 -25.99 -21.70
CA LYS L 70 53.16 -26.25 -20.80
C LYS L 70 53.43 -27.76 -20.78
N ILE L 71 54.61 -28.17 -21.29
CA ILE L 71 54.90 -29.55 -21.64
C ILE L 71 56.24 -29.93 -21.01
N SER L 72 56.48 -31.24 -20.88
CA SER L 72 57.66 -31.90 -20.35
C SER L 72 57.74 -33.21 -21.14
N ALA L 73 58.31 -34.25 -20.51
CA ALA L 73 58.46 -35.65 -20.91
C ALA L 73 57.18 -36.22 -21.55
N PRO L 74 57.29 -37.02 -22.62
CA PRO L 74 56.08 -37.48 -23.36
C PRO L 74 55.09 -38.35 -22.56
N ASN L 75 55.48 -38.84 -21.39
CA ASN L 75 54.65 -39.60 -20.47
C ASN L 75 53.71 -38.71 -19.66
N GLU L 76 53.71 -37.39 -19.89
CA GLU L 76 52.81 -36.44 -19.25
C GLU L 76 52.26 -35.46 -20.28
N PHE L 77 51.01 -35.05 -20.09
CA PHE L 77 50.33 -34.05 -20.91
C PHE L 77 49.40 -33.29 -19.97
N ASP L 78 48.74 -32.25 -20.48
CA ASP L 78 47.86 -31.42 -19.67
C ASP L 78 46.80 -30.84 -20.59
N VAL L 79 45.53 -30.87 -20.15
CA VAL L 79 44.42 -30.24 -20.87
C VAL L 79 43.63 -29.44 -19.86
N MET L 80 43.34 -28.17 -20.18
CA MET L 80 42.68 -27.29 -19.24
C MET L 80 41.17 -27.45 -19.39
N PHE L 81 40.46 -27.57 -18.27
CA PHE L 81 39.01 -27.68 -18.29
C PHE L 81 38.40 -26.43 -17.64
N LYS L 82 37.29 -25.94 -18.18
CA LYS L 82 36.63 -24.78 -17.60
C LYS L 82 35.29 -25.19 -16.98
N LEU L 83 34.87 -24.47 -15.95
CA LEU L 83 33.56 -24.67 -15.32
C LEU L 83 33.07 -23.34 -14.77
N GLU L 84 31.92 -22.86 -15.25
CA GLU L 84 31.40 -21.59 -14.75
C GLU L 84 30.98 -21.72 -13.28
N VAL L 85 30.98 -20.58 -12.59
CA VAL L 85 30.67 -20.51 -11.15
C VAL L 85 29.76 -19.30 -10.93
N PRO L 86 28.81 -19.36 -9.99
CA PRO L 86 28.03 -18.15 -9.63
C PRO L 86 28.84 -17.12 -8.83
N ARG L 87 28.15 -16.12 -8.26
CA ARG L 87 28.71 -15.08 -7.38
C ARG L 87 29.67 -15.60 -6.31
N ILE L 88 30.92 -15.11 -6.33
CA ILE L 88 32.00 -15.59 -5.46
C ILE L 88 32.72 -14.44 -4.77
N GLU L 89 32.66 -14.40 -3.44
CA GLU L 89 33.53 -13.52 -2.67
C GLU L 89 34.96 -14.06 -2.66
N LEU L 90 35.93 -13.15 -2.67
CA LEU L 90 37.34 -13.48 -2.67
C LEU L 90 37.97 -13.15 -1.32
N GLN L 91 38.35 -14.18 -0.56
CA GLN L 91 38.93 -14.04 0.78
C GLN L 91 40.42 -14.34 0.76
N GLU L 92 41.25 -13.31 0.91
CA GLU L 92 42.69 -13.50 0.88
C GLU L 92 43.19 -14.11 2.19
N TYR L 93 43.96 -15.20 2.08
CA TYR L 93 44.78 -15.68 3.19
C TYR L 93 46.26 -15.43 2.95
N TYR L 94 46.68 -15.56 1.70
CA TYR L 94 48.04 -15.26 1.28
C TYR L 94 48.12 -13.78 0.99
N GLU L 95 48.38 -13.00 2.06
CA GLU L 95 48.54 -11.55 2.01
C GLU L 95 49.72 -11.05 1.19
N THR L 96 50.59 -11.92 0.67
CA THR L 96 51.44 -11.46 -0.42
C THR L 96 50.60 -11.12 -1.65
N GLY L 97 49.48 -11.81 -1.87
CA GLY L 97 48.66 -11.58 -3.03
C GLY L 97 48.67 -12.63 -4.12
N ALA L 98 48.98 -13.89 -3.78
CA ALA L 98 49.05 -14.95 -4.78
C ALA L 98 47.97 -16.01 -4.64
N PHE L 99 47.38 -16.15 -3.46
CA PHE L 99 46.40 -17.21 -3.21
C PHE L 99 45.28 -16.63 -2.34
N TYR L 100 44.08 -17.18 -2.52
CA TYR L 100 42.89 -16.72 -1.79
C TYR L 100 42.14 -17.93 -1.23
N LEU L 101 41.06 -17.66 -0.49
CA LEU L 101 40.12 -18.71 -0.09
C LEU L 101 38.94 -18.76 -1.07
N VAL L 102 38.04 -19.71 -0.81
CA VAL L 102 36.96 -20.09 -1.70
C VAL L 102 35.64 -20.03 -0.95
N LYS L 103 34.92 -18.91 -1.09
CA LYS L 103 33.60 -18.74 -0.50
C LYS L 103 32.68 -18.06 -1.51
N PHE L 104 31.38 -18.19 -1.27
CA PHE L 104 30.37 -17.65 -2.16
C PHE L 104 29.97 -16.23 -1.75
N LYS L 105 28.85 -15.77 -2.31
CA LYS L 105 28.13 -14.57 -1.92
C LYS L 105 26.77 -15.03 -1.43
N ARG L 106 25.86 -14.06 -1.23
CA ARG L 106 24.52 -14.24 -0.66
C ARG L 106 23.72 -15.43 -1.23
N ILE L 107 23.58 -15.46 -2.56
CA ILE L 107 22.88 -16.47 -3.37
C ILE L 107 21.43 -16.67 -2.90
N PRO L 108 20.51 -15.77 -3.27
CA PRO L 108 19.10 -15.91 -2.85
C PRO L 108 18.43 -17.19 -3.35
N ARG L 109 18.76 -17.61 -4.58
CA ARG L 109 18.20 -18.83 -5.17
C ARG L 109 18.58 -20.06 -4.36
N GLY L 110 19.82 -20.11 -3.89
CA GLY L 110 20.34 -21.24 -3.16
C GLY L 110 21.29 -22.01 -4.03
N ASN L 111 22.55 -22.01 -3.65
CA ASN L 111 23.60 -22.68 -4.41
C ASN L 111 23.63 -24.16 -4.08
N PRO L 112 23.61 -25.05 -5.10
CA PRO L 112 23.48 -26.49 -4.84
C PRO L 112 24.77 -27.20 -4.45
N LEU L 113 25.57 -26.60 -3.58
CA LEU L 113 26.84 -27.17 -3.13
C LEU L 113 27.06 -27.02 -1.63
N SER L 114 25.96 -26.89 -0.86
CA SER L 114 26.07 -26.71 0.59
C SER L 114 26.72 -27.90 1.27
N HIS L 115 26.36 -29.12 0.84
CA HIS L 115 27.00 -30.34 1.34
C HIS L 115 28.49 -30.38 1.01
N PHE L 116 28.89 -29.74 -0.08
CA PHE L 116 30.28 -29.49 -0.45
C PHE L 116 30.86 -28.23 0.17
N LEU L 117 30.03 -27.34 0.73
CA LEU L 117 30.49 -26.12 1.38
C LEU L 117 30.94 -26.39 2.82
N GLU L 118 32.26 -26.26 3.12
CA GLU L 118 32.67 -26.43 4.52
C GLU L 118 32.17 -25.21 5.29
N GLY L 119 30.98 -25.30 5.88
CA GLY L 119 30.35 -24.12 6.42
C GLY L 119 30.12 -23.09 5.32
N GLU L 120 30.90 -22.02 5.40
CA GLU L 120 30.99 -20.97 4.40
C GLU L 120 32.12 -21.20 3.38
N VAL L 121 33.26 -21.79 3.78
CA VAL L 121 34.33 -22.09 2.82
C VAL L 121 33.87 -23.21 1.86
N LEU L 122 34.53 -23.32 0.70
CA LEU L 122 34.28 -24.39 -0.25
C LEU L 122 35.29 -25.50 -0.06
N SER L 123 34.82 -26.73 0.14
CA SER L 123 35.70 -27.89 0.35
C SER L 123 36.17 -28.41 -1.00
N ALA L 124 37.32 -27.93 -1.47
CA ALA L 124 37.97 -28.40 -2.70
C ALA L 124 38.29 -29.90 -2.67
N THR L 125 38.57 -30.42 -1.47
CA THR L 125 38.79 -31.86 -1.24
C THR L 125 37.61 -32.71 -1.70
N LYS L 126 36.39 -32.38 -1.23
CA LYS L 126 35.20 -33.18 -1.50
C LYS L 126 34.85 -33.20 -2.98
N MET L 127 34.85 -32.02 -3.62
CA MET L 127 34.51 -31.93 -5.03
C MET L 127 35.56 -32.61 -5.89
N LEU L 128 36.85 -32.43 -5.54
CA LEU L 128 37.91 -33.14 -6.25
C LEU L 128 37.78 -34.66 -6.09
N SER L 129 37.39 -35.11 -4.89
CA SER L 129 37.16 -36.53 -4.59
C SER L 129 36.04 -37.09 -5.47
N LYS L 130 34.87 -36.43 -5.44
CA LYS L 130 33.69 -36.87 -6.18
C LYS L 130 33.92 -36.76 -7.68
N PHE L 131 34.72 -35.77 -8.11
CA PHE L 131 35.03 -35.59 -9.53
C PHE L 131 35.91 -36.75 -10.00
N ARG L 132 36.94 -37.11 -9.20
CA ARG L 132 37.75 -38.29 -9.50
C ARG L 132 36.89 -39.55 -9.52
N LYS L 133 35.91 -39.63 -8.61
CA LYS L 133 34.95 -40.72 -8.56
C LYS L 133 34.14 -40.84 -9.85
N ILE L 134 33.48 -39.76 -10.24
CA ILE L 134 32.63 -39.80 -11.44
C ILE L 134 33.48 -40.00 -12.72
N ILE L 135 34.72 -39.49 -12.75
CA ILE L 135 35.54 -39.66 -13.95
C ILE L 135 36.04 -41.10 -14.05
N LYS L 136 36.36 -41.76 -12.92
CA LYS L 136 36.74 -43.17 -12.97
C LYS L 136 35.54 -44.06 -13.24
N GLU L 137 34.37 -43.66 -12.70
CA GLU L 137 33.09 -44.29 -13.01
C GLU L 137 32.83 -44.31 -14.52
N GLU L 138 33.02 -43.16 -15.17
CA GLU L 138 32.75 -43.05 -16.60
C GLU L 138 33.82 -43.76 -17.41
N VAL L 139 35.09 -43.69 -16.95
CA VAL L 139 36.19 -44.42 -17.58
C VAL L 139 35.91 -45.93 -17.59
N LYS L 140 35.37 -46.49 -16.48
CA LYS L 140 35.04 -47.91 -16.59
C LYS L 140 33.66 -48.15 -17.22
N GLU L 141 32.88 -47.09 -17.50
CA GLU L 141 31.60 -47.32 -18.17
C GLU L 141 31.77 -47.58 -19.66
N ILE L 142 32.63 -46.84 -20.34
CA ILE L 142 32.85 -47.03 -21.78
C ILE L 142 34.36 -47.11 -22.02
N LYS L 143 34.78 -48.15 -22.74
CA LYS L 143 36.19 -48.49 -22.87
C LYS L 143 36.57 -48.67 -24.34
N ASP L 144 36.21 -47.70 -25.19
CA ASP L 144 36.59 -47.73 -26.61
C ASP L 144 38.11 -47.73 -26.78
N ILE L 145 38.76 -46.70 -26.31
CA ILE L 145 40.22 -46.64 -26.29
C ILE L 145 40.69 -47.07 -24.89
N ASP L 146 41.88 -47.67 -24.81
CA ASP L 146 42.49 -48.16 -23.57
C ASP L 146 42.85 -47.02 -22.63
N VAL L 147 41.97 -46.75 -21.66
CA VAL L 147 42.14 -45.63 -20.75
C VAL L 147 41.90 -46.12 -19.33
N SER L 148 42.64 -45.54 -18.37
CA SER L 148 42.46 -45.82 -16.94
C SER L 148 42.99 -44.64 -16.13
N VAL L 149 42.40 -44.45 -14.94
CA VAL L 149 42.78 -43.37 -14.04
C VAL L 149 43.92 -43.83 -13.14
N GLU L 150 44.94 -43.00 -12.98
CA GLU L 150 46.08 -43.32 -12.13
C GLU L 150 45.92 -42.55 -10.82
N LYS L 151 46.07 -43.25 -9.70
CA LYS L 151 46.00 -42.65 -8.36
C LYS L 151 47.42 -42.34 -7.86
N GLU L 152 47.81 -41.06 -7.92
CA GLU L 152 49.12 -40.64 -7.50
C GLU L 152 48.96 -40.06 -6.08
N LYS L 153 50.00 -39.47 -5.52
CA LYS L 153 50.00 -38.96 -4.15
C LYS L 153 49.07 -37.77 -3.97
N PRO L 154 48.29 -37.73 -2.88
CA PRO L 154 47.41 -36.56 -2.64
C PRO L 154 48.11 -35.24 -2.28
N GLY L 155 49.05 -34.77 -3.11
CA GLY L 155 49.71 -33.50 -2.91
C GLY L 155 49.58 -32.60 -4.12
N SER L 156 49.36 -33.22 -5.28
CA SER L 156 49.16 -32.49 -6.53
C SER L 156 47.81 -32.86 -7.10
N PRO L 157 46.80 -31.97 -6.99
CA PRO L 157 45.44 -32.30 -7.47
C PRO L 157 45.25 -32.32 -8.99
N ALA L 158 46.03 -33.14 -9.69
CA ALA L 158 45.97 -33.30 -11.13
C ALA L 158 45.65 -34.76 -11.41
N VAL L 159 44.43 -35.03 -11.87
CA VAL L 159 43.96 -36.39 -12.09
C VAL L 159 44.66 -36.97 -13.31
N THR L 160 45.67 -37.82 -13.10
CA THR L 160 46.39 -38.42 -14.21
C THR L 160 45.61 -39.61 -14.77
N LEU L 161 45.43 -39.60 -16.09
CA LEU L 161 44.75 -40.67 -16.80
C LEU L 161 45.71 -41.39 -17.73
N LEU L 162 46.14 -42.59 -17.32
CA LEU L 162 47.02 -43.40 -18.16
C LEU L 162 46.27 -43.93 -19.38
N ILE L 163 46.84 -43.70 -20.56
CA ILE L 163 46.25 -44.10 -21.84
C ILE L 163 47.29 -44.94 -22.56
N ARG L 164 46.93 -46.17 -22.90
CA ARG L 164 47.81 -47.05 -23.67
C ARG L 164 47.56 -46.95 -25.18
N ASN L 165 47.55 -45.73 -25.75
CA ASN L 165 47.29 -45.50 -27.18
C ASN L 165 47.94 -44.19 -27.64
N PRO L 166 49.09 -44.26 -28.36
CA PRO L 166 49.85 -45.46 -28.73
C PRO L 166 50.86 -45.93 -27.69
N GLU L 167 51.51 -44.98 -27.03
CA GLU L 167 52.42 -45.25 -25.92
C GLU L 167 51.70 -44.85 -24.64
N GLU L 168 52.35 -45.03 -23.50
CA GLU L 168 51.74 -44.71 -22.21
C GLU L 168 51.66 -43.20 -22.07
N ILE L 169 50.52 -42.59 -22.39
CA ILE L 169 50.40 -41.14 -22.29
C ILE L 169 49.46 -40.84 -21.12
N SER L 170 50.03 -40.35 -20.03
CA SER L 170 49.23 -39.81 -18.92
C SER L 170 48.84 -38.36 -19.22
N VAL L 171 47.67 -37.95 -18.71
CA VAL L 171 47.16 -36.58 -18.87
C VAL L 171 46.68 -36.03 -17.54
N ASP L 172 47.31 -34.94 -17.08
CA ASP L 172 46.98 -34.31 -15.80
C ASP L 172 45.66 -33.54 -15.90
N ILE L 173 44.54 -34.15 -15.54
CA ILE L 173 43.26 -33.45 -15.55
C ILE L 173 43.18 -32.49 -14.37
N ILE L 174 42.98 -31.20 -14.65
CA ILE L 174 42.90 -30.14 -13.66
C ILE L 174 41.68 -29.30 -13.99
N LEU L 175 40.94 -28.92 -12.95
CA LEU L 175 39.73 -28.11 -13.06
C LEU L 175 39.97 -26.63 -12.78
N ALA L 176 39.63 -25.79 -13.76
CA ALA L 176 39.76 -24.34 -13.63
C ALA L 176 38.34 -23.79 -13.62
N LEU L 177 38.09 -22.79 -12.80
CA LEU L 177 36.74 -22.29 -12.57
C LEU L 177 36.52 -20.97 -13.30
N GLU L 178 35.50 -20.93 -14.15
CA GLU L 178 35.25 -19.70 -14.89
C GLU L 178 34.50 -18.79 -13.94
N SER L 179 35.12 -17.66 -13.61
CA SER L 179 34.58 -16.66 -12.69
C SER L 179 34.42 -15.28 -13.28
N LYS L 180 33.22 -14.72 -13.13
CA LYS L 180 32.94 -13.33 -13.46
C LYS L 180 32.85 -12.48 -12.20
N GLY L 181 33.48 -12.93 -11.12
CA GLY L 181 33.26 -12.35 -9.80
C GLY L 181 33.71 -10.92 -9.55
N SER L 182 35.03 -10.68 -9.51
CA SER L 182 35.39 -9.37 -8.97
C SER L 182 36.41 -8.59 -9.78
N TRP L 183 37.45 -9.28 -10.36
CA TRP L 183 38.74 -8.69 -10.76
C TRP L 183 39.30 -7.99 -9.52
N PRO L 184 39.88 -8.74 -8.57
CA PRO L 184 40.16 -8.23 -7.21
C PRO L 184 41.08 -7.03 -7.12
N ILE L 185 41.10 -6.45 -5.91
CA ILE L 185 41.87 -5.25 -5.61
C ILE L 185 43.38 -5.47 -5.68
N SER L 186 43.83 -6.72 -5.56
CA SER L 186 45.20 -7.11 -5.90
C SER L 186 45.57 -6.84 -7.35
N THR L 187 44.61 -6.96 -8.27
CA THR L 187 44.85 -6.65 -9.67
C THR L 187 44.57 -5.21 -10.09
N LYS L 188 44.39 -4.27 -9.16
CA LYS L 188 44.07 -2.88 -9.54
C LYS L 188 45.19 -2.25 -10.34
N GLU L 189 46.37 -2.14 -9.73
CA GLU L 189 47.53 -1.56 -10.38
C GLU L 189 48.36 -2.62 -11.10
N GLY L 190 47.72 -3.75 -11.42
CA GLY L 190 48.29 -4.82 -12.18
C GLY L 190 48.09 -4.62 -13.65
N LEU L 191 48.93 -5.29 -14.43
CA LEU L 191 48.94 -5.37 -15.89
C LEU L 191 49.09 -3.97 -16.51
N PRO L 192 50.25 -3.28 -16.31
CA PRO L 192 50.39 -1.94 -16.89
C PRO L 192 50.76 -1.98 -18.37
N ILE L 193 49.79 -1.61 -19.21
CA ILE L 193 49.98 -1.50 -20.66
C ILE L 193 49.45 -0.17 -21.17
N GLN L 194 49.11 0.74 -20.24
CA GLN L 194 48.50 2.04 -20.54
C GLN L 194 49.28 2.87 -21.57
N GLY L 195 50.61 2.92 -21.46
CA GLY L 195 51.41 3.76 -22.32
C GLY L 195 51.97 3.04 -23.53
N TRP L 196 52.57 1.88 -23.27
CA TRP L 196 53.17 1.08 -24.33
C TRP L 196 52.14 0.45 -25.27
N LEU L 197 51.02 -0.02 -24.72
CA LEU L 197 50.00 -0.68 -25.54
C LEU L 197 48.67 0.05 -25.60
N GLY L 198 48.03 0.34 -24.45
CA GLY L 198 46.75 1.00 -24.52
C GLY L 198 45.79 0.63 -23.40
N THR L 199 45.05 1.63 -22.91
CA THR L 199 44.09 1.38 -21.84
C THR L 199 42.80 0.80 -22.39
N LYS L 200 42.45 1.18 -23.61
CA LYS L 200 41.26 0.72 -24.34
C LYS L 200 41.10 -0.80 -24.32
N VAL L 201 42.10 -1.50 -24.85
CA VAL L 201 42.21 -2.96 -24.80
C VAL L 201 42.16 -3.49 -23.36
N ARG L 202 42.98 -2.89 -22.47
CA ARG L 202 43.05 -3.16 -21.03
C ARG L 202 41.68 -3.20 -20.33
N THR L 203 40.84 -2.19 -20.62
CA THR L 203 39.46 -2.19 -20.12
C THR L 203 38.67 -3.36 -20.68
N ASN L 204 38.73 -3.56 -22.00
CA ASN L 204 38.06 -4.68 -22.68
C ASN L 204 38.53 -6.02 -22.12
N LEU L 205 39.83 -6.12 -21.83
CA LEU L 205 40.39 -7.33 -21.26
C LEU L 205 39.84 -7.57 -19.86
N ARG L 206 39.90 -6.56 -18.98
CA ARG L 206 39.33 -6.68 -17.64
C ARG L 206 37.81 -6.80 -17.61
N ARG L 207 37.11 -6.56 -18.73
CA ARG L 207 35.70 -6.86 -18.86
C ARG L 207 35.42 -8.35 -18.93
N GLU L 208 36.42 -9.16 -19.18
CA GLU L 208 36.21 -10.57 -19.44
C GLU L 208 36.34 -11.34 -18.13
N PRO L 209 35.99 -12.64 -18.13
CA PRO L 209 36.19 -13.45 -16.92
C PRO L 209 37.62 -13.86 -16.62
N PHE L 210 37.75 -14.74 -15.63
CA PHE L 210 39.06 -15.16 -15.12
C PHE L 210 38.89 -16.47 -14.36
N TYR L 211 40.02 -17.08 -14.01
CA TYR L 211 40.03 -18.38 -13.36
C TYR L 211 40.83 -18.36 -12.07
N LEU L 212 40.71 -19.45 -11.32
CA LEU L 212 41.58 -19.67 -10.16
C LEU L 212 41.87 -21.18 -10.10
N VAL L 213 43.15 -21.53 -9.95
CA VAL L 213 43.57 -22.94 -9.94
C VAL L 213 43.64 -23.44 -8.51
N PRO L 214 42.95 -24.53 -8.16
CA PRO L 214 43.11 -25.11 -6.81
C PRO L 214 44.44 -25.81 -6.64
N LYS L 215 45.41 -25.21 -5.94
CA LYS L 215 46.69 -25.86 -5.74
C LYS L 215 47.19 -25.61 -4.32
N ASN L 216 47.53 -26.71 -3.64
CA ASN L 216 47.95 -26.68 -2.24
C ASN L 216 49.32 -26.00 -2.21
N ALA L 217 49.34 -24.75 -1.74
CA ALA L 217 50.54 -23.96 -1.49
C ALA L 217 51.32 -24.44 -0.27
N LYS L 218 52.29 -23.59 0.14
CA LYS L 218 53.02 -23.67 1.40
C LYS L 218 52.08 -23.93 2.57
N ASP L 219 52.46 -24.86 3.45
CA ASP L 219 51.51 -25.33 4.45
C ASP L 219 51.42 -24.45 5.69
N GLY L 220 51.80 -23.16 5.64
CA GLY L 220 51.46 -22.21 6.67
C GLY L 220 50.01 -21.75 6.59
N ASN L 221 49.06 -22.65 6.73
CA ASN L 221 47.65 -22.39 6.48
C ASN L 221 46.86 -23.54 7.09
N SER L 222 45.61 -23.24 7.46
CA SER L 222 44.71 -24.26 7.95
C SER L 222 44.15 -25.08 6.80
N PHE L 223 43.98 -24.45 5.63
CA PHE L 223 43.32 -25.06 4.48
C PHE L 223 44.37 -25.42 3.44
N GLN L 224 44.55 -26.71 3.18
CA GLN L 224 45.46 -27.21 2.16
C GLN L 224 44.62 -27.79 1.03
N GLY L 225 45.01 -27.50 -0.21
CA GLY L 225 44.19 -27.80 -1.39
C GLY L 225 43.09 -26.78 -1.65
N GLU L 226 42.34 -26.39 -0.61
CA GLU L 226 41.41 -25.26 -0.55
C GLU L 226 42.06 -23.88 -0.61
N THR L 227 43.39 -23.79 -0.73
CA THR L 227 44.05 -22.56 -1.11
C THR L 227 44.21 -22.56 -2.64
N TRP L 228 43.80 -21.47 -3.27
CA TRP L 228 43.68 -21.45 -4.73
C TRP L 228 44.46 -20.29 -5.33
N ARG L 229 45.31 -20.58 -6.33
CA ARG L 229 46.13 -19.58 -7.02
C ARG L 229 45.44 -19.00 -8.25
N LEU L 230 45.76 -17.74 -8.56
CA LEU L 230 45.14 -17.00 -9.65
C LEU L 230 45.54 -17.57 -11.01
N SER L 231 44.64 -17.44 -11.98
CA SER L 231 44.76 -18.06 -13.31
C SER L 231 44.11 -17.16 -14.35
N PHE L 232 44.86 -16.78 -15.39
CA PHE L 232 44.34 -15.94 -16.47
C PHE L 232 44.82 -16.40 -17.85
N SER L 233 44.87 -17.73 -18.07
CA SER L 233 45.46 -18.34 -19.28
C SER L 233 44.92 -17.81 -20.62
N HIS L 234 43.65 -17.39 -20.65
CA HIS L 234 43.07 -16.70 -21.81
C HIS L 234 43.84 -15.41 -22.13
N THR L 235 44.10 -14.59 -21.09
CA THR L 235 44.91 -13.38 -21.26
C THR L 235 46.32 -13.72 -21.71
N GLU L 236 46.87 -14.83 -21.22
CA GLU L 236 48.24 -15.19 -21.57
C GLU L 236 48.34 -15.60 -23.04
N LYS L 237 47.39 -16.40 -23.52
CA LYS L 237 47.41 -16.74 -24.95
C LYS L 237 47.07 -15.52 -25.81
N TYR L 238 46.23 -14.61 -25.30
CA TYR L 238 45.95 -13.33 -25.95
C TYR L 238 47.23 -12.51 -26.11
N ILE L 239 47.90 -12.22 -24.98
CA ILE L 239 49.14 -11.45 -25.00
C ILE L 239 50.28 -12.21 -25.69
N LEU L 240 50.18 -13.54 -25.81
CA LEU L 240 51.11 -14.30 -26.62
C LEU L 240 50.93 -13.96 -28.09
N ASN L 241 49.71 -14.15 -28.63
CA ASN L 241 49.46 -13.73 -30.01
C ASN L 241 49.48 -12.21 -30.24
N ASN L 242 49.56 -11.38 -29.19
CA ASN L 242 49.61 -9.93 -29.31
C ASN L 242 50.82 -9.36 -28.57
N HIS L 243 51.99 -9.96 -28.76
CA HIS L 243 53.16 -9.57 -27.99
C HIS L 243 53.76 -8.25 -28.47
N GLY L 244 54.00 -8.11 -29.78
CA GLY L 244 54.67 -6.93 -30.33
C GLY L 244 53.83 -5.66 -30.24
N ILE L 245 54.51 -4.52 -30.45
CA ILE L 245 53.85 -3.22 -30.57
C ILE L 245 52.87 -3.15 -31.76
N GLU L 246 53.16 -3.85 -32.85
CA GLU L 246 52.13 -4.16 -33.85
C GLU L 246 51.57 -5.53 -33.52
N LYS L 247 50.29 -5.57 -33.15
CA LYS L 247 49.63 -6.77 -32.63
C LYS L 247 49.47 -7.89 -33.66
N THR L 248 49.58 -7.58 -34.97
CA THR L 248 49.42 -8.58 -36.04
C THR L 248 50.64 -9.49 -36.24
N CYS L 249 51.62 -9.45 -35.35
CA CYS L 249 52.83 -10.25 -35.40
C CYS L 249 52.54 -11.71 -35.00
N CYS L 250 53.58 -12.57 -35.10
CA CYS L 250 53.66 -14.05 -35.11
C CYS L 250 52.99 -14.72 -36.32
N GLU L 251 52.46 -13.92 -37.23
CA GLU L 251 51.78 -14.36 -38.45
C GLU L 251 52.60 -13.84 -39.62
N SER L 252 52.04 -13.95 -40.82
CA SER L 252 52.74 -13.56 -42.04
C SER L 252 52.63 -12.08 -42.35
N SER L 253 51.73 -11.35 -41.70
CA SER L 253 51.47 -9.95 -42.04
C SER L 253 52.33 -8.95 -41.25
N GLY L 254 53.11 -9.39 -40.27
CA GLY L 254 53.91 -8.49 -39.47
C GLY L 254 55.39 -8.81 -39.56
N ALA L 255 56.22 -7.92 -39.00
CA ALA L 255 57.66 -8.11 -38.93
C ALA L 255 57.99 -9.13 -37.84
N LYS L 256 58.31 -10.36 -38.27
CA LYS L 256 58.53 -11.52 -37.41
C LYS L 256 59.62 -11.32 -36.37
N CYS L 257 59.26 -11.30 -35.09
CA CYS L 257 60.24 -11.08 -34.04
C CYS L 257 60.86 -12.41 -33.60
N CYS L 258 61.58 -12.37 -32.48
CA CYS L 258 62.15 -13.57 -31.86
C CYS L 258 61.59 -13.82 -30.47
N ARG L 259 60.40 -13.28 -30.16
CA ARG L 259 59.85 -13.35 -28.81
C ARG L 259 59.44 -14.77 -28.43
N LYS L 260 58.65 -15.44 -29.27
CA LYS L 260 58.34 -16.87 -29.10
C LYS L 260 59.61 -17.70 -29.17
N GLU L 261 60.54 -17.30 -30.05
CA GLU L 261 61.83 -17.94 -30.21
C GLU L 261 62.60 -17.96 -28.91
N CYS L 262 62.98 -16.76 -28.41
CA CYS L 262 63.70 -16.61 -27.13
C CYS L 262 62.92 -17.18 -25.95
N LEU L 263 61.58 -17.11 -26.02
CA LEU L 263 60.66 -17.74 -25.06
C LEU L 263 60.98 -19.22 -24.93
N LYS L 264 60.90 -19.95 -26.05
CA LYS L 264 61.15 -21.39 -26.05
C LYS L 264 62.61 -21.70 -25.71
N LEU L 265 63.54 -20.85 -26.18
CA LEU L 265 64.98 -20.99 -25.88
C LEU L 265 65.21 -21.03 -24.38
N MET L 266 64.80 -19.96 -23.67
CA MET L 266 65.00 -19.88 -22.22
C MET L 266 64.19 -20.96 -21.50
N LYS L 267 62.95 -21.21 -21.97
CA LYS L 267 62.06 -22.22 -21.39
C LYS L 267 62.68 -23.61 -21.39
N TYR L 268 63.14 -24.06 -22.56
CA TYR L 268 63.67 -25.41 -22.63
C TYR L 268 65.13 -25.49 -22.24
N LEU L 269 65.82 -24.35 -22.22
CA LEU L 269 67.10 -24.24 -21.53
C LEU L 269 66.92 -24.54 -20.06
N LEU L 270 65.92 -23.93 -19.43
CA LEU L 270 65.65 -24.19 -18.01
C LEU L 270 65.10 -25.59 -17.78
N GLU L 271 64.33 -26.13 -18.74
CA GLU L 271 63.88 -27.53 -18.72
C GLU L 271 65.07 -28.49 -18.66
N GLN L 272 66.02 -28.34 -19.60
CA GLN L 272 67.23 -29.16 -19.61
C GLN L 272 68.06 -28.91 -18.37
N LEU L 273 68.10 -27.65 -17.90
CA LEU L 273 68.90 -27.26 -16.75
C LEU L 273 68.38 -27.90 -15.47
N LYS L 274 67.05 -27.98 -15.27
CA LYS L 274 66.58 -28.66 -14.07
C LYS L 274 66.65 -30.16 -14.23
N LYS L 275 66.49 -30.68 -15.46
CA LYS L 275 66.65 -32.11 -15.67
C LYS L 275 68.11 -32.56 -15.58
N GLU L 276 69.08 -31.65 -15.59
CA GLU L 276 70.46 -32.01 -15.31
C GLU L 276 70.95 -31.48 -13.97
N PHE L 277 70.22 -30.57 -13.33
CA PHE L 277 70.53 -30.11 -11.98
C PHE L 277 69.20 -30.25 -11.24
N GLN L 278 69.04 -31.37 -10.52
CA GLN L 278 67.79 -31.76 -9.86
C GLN L 278 67.54 -31.10 -8.49
N GLU L 279 68.38 -30.17 -8.03
CA GLU L 279 68.12 -29.51 -6.75
C GLU L 279 67.10 -28.39 -6.92
N LEU L 280 66.97 -27.86 -8.13
CA LEU L 280 66.24 -26.63 -8.45
C LEU L 280 65.03 -26.95 -9.31
N ASP L 281 63.87 -27.04 -8.67
CA ASP L 281 62.62 -27.39 -9.33
C ASP L 281 61.46 -26.43 -9.10
N ALA L 282 61.53 -25.58 -8.07
CA ALA L 282 60.44 -24.65 -7.76
C ALA L 282 60.25 -23.54 -8.82
N PHE L 283 61.30 -23.19 -9.56
CA PHE L 283 61.21 -22.13 -10.57
C PHE L 283 60.45 -22.60 -11.80
N CYS L 284 59.12 -22.64 -11.67
CA CYS L 284 58.26 -23.16 -12.72
C CYS L 284 58.09 -22.13 -13.84
N SER L 285 57.28 -22.49 -14.84
CA SER L 285 57.09 -21.76 -16.09
C SER L 285 56.64 -20.31 -15.94
N TYR L 286 55.83 -20.01 -14.91
CA TYR L 286 55.25 -18.67 -14.74
C TYR L 286 56.29 -17.57 -14.49
N HIS L 287 57.45 -17.95 -13.92
CA HIS L 287 58.55 -17.04 -13.61
C HIS L 287 59.06 -16.29 -14.85
N VAL L 288 59.44 -17.04 -15.89
CA VAL L 288 59.93 -16.41 -17.11
C VAL L 288 58.81 -15.66 -17.83
N LYS L 289 57.55 -16.08 -17.66
CA LYS L 289 56.40 -15.40 -18.25
C LYS L 289 56.23 -13.98 -17.71
N THR L 290 56.16 -13.84 -16.37
CA THR L 290 56.11 -12.52 -15.76
C THR L 290 57.39 -11.71 -16.04
N ALA L 291 58.55 -12.41 -16.11
CA ALA L 291 59.84 -11.79 -16.42
C ALA L 291 59.83 -11.12 -17.80
N ILE L 292 59.36 -11.85 -18.82
CA ILE L 292 59.32 -11.31 -20.18
C ILE L 292 58.25 -10.22 -20.27
N PHE L 293 57.17 -10.32 -19.48
CA PHE L 293 56.16 -9.26 -19.40
C PHE L 293 56.77 -7.94 -18.94
N HIS L 294 57.60 -7.99 -17.88
CA HIS L 294 58.25 -6.79 -17.35
C HIS L 294 59.33 -6.27 -18.28
N MET L 295 60.03 -7.20 -18.93
CA MET L 295 61.00 -6.83 -19.95
C MET L 295 60.32 -6.05 -21.06
N TRP L 296 59.16 -6.56 -21.53
CA TRP L 296 58.35 -5.93 -22.57
C TRP L 296 57.87 -4.54 -22.14
N THR L 297 57.32 -4.42 -20.92
CA THR L 297 56.88 -3.11 -20.41
C THR L 297 58.06 -2.14 -20.21
N GLN L 298 59.31 -2.64 -20.14
CA GLN L 298 60.46 -1.75 -20.20
C GLN L 298 61.13 -1.75 -21.58
N ASP L 299 60.66 -2.59 -22.52
CA ASP L 299 61.14 -2.60 -23.91
C ASP L 299 60.32 -1.67 -24.79
N PRO L 300 60.84 -0.50 -25.21
CA PRO L 300 60.02 0.39 -26.04
C PRO L 300 60.14 0.15 -27.55
N GLN L 301 61.17 -0.56 -27.99
CA GLN L 301 61.54 -0.64 -29.39
C GLN L 301 61.33 -2.04 -29.95
N ASP L 302 60.83 -2.12 -31.17
CA ASP L 302 60.68 -3.41 -31.86
C ASP L 302 61.95 -3.82 -32.59
N SER L 303 62.79 -2.85 -32.98
CA SER L 303 64.09 -3.07 -33.63
C SER L 303 65.03 -4.00 -32.87
N GLN L 304 64.95 -3.99 -31.53
CA GLN L 304 65.62 -4.95 -30.67
C GLN L 304 64.81 -6.22 -30.44
N TRP L 305 63.92 -6.58 -31.37
CA TRP L 305 63.28 -7.90 -31.39
C TRP L 305 63.09 -8.33 -32.83
N ASP L 306 64.08 -9.07 -33.35
CA ASP L 306 64.20 -9.56 -34.72
C ASP L 306 65.37 -10.54 -34.76
N PRO L 307 65.33 -11.55 -35.65
CA PRO L 307 66.46 -12.52 -35.79
C PRO L 307 67.85 -11.93 -36.05
N ARG L 308 67.93 -10.73 -36.63
CA ARG L 308 69.20 -10.02 -36.72
C ARG L 308 69.70 -9.58 -35.35
N ASN L 309 68.79 -9.16 -34.48
CA ASN L 309 69.07 -8.75 -33.09
C ASN L 309 68.78 -9.83 -32.06
N LEU L 310 68.49 -11.05 -32.52
CA LEU L 310 68.26 -12.25 -31.69
C LEU L 310 69.32 -12.51 -30.61
N SER L 311 70.61 -12.50 -30.97
CA SER L 311 71.66 -12.64 -29.96
C SER L 311 71.77 -11.43 -29.02
N SER L 312 71.67 -10.22 -29.58
CA SER L 312 71.70 -8.98 -28.79
C SER L 312 70.56 -8.96 -27.79
N CYS L 313 69.33 -9.21 -28.27
CA CYS L 313 68.16 -9.21 -27.41
C CYS L 313 68.21 -10.36 -26.41
N PHE L 314 68.86 -11.48 -26.75
CA PHE L 314 68.90 -12.59 -25.80
C PHE L 314 69.88 -12.34 -24.66
N ASP L 315 71.05 -11.71 -24.96
CA ASP L 315 71.93 -11.29 -23.87
C ASP L 315 71.30 -10.17 -23.05
N LYS L 316 70.53 -9.30 -23.72
CA LYS L 316 69.69 -8.30 -23.07
C LYS L 316 68.69 -8.93 -22.08
N LEU L 317 68.05 -10.05 -22.49
CA LEU L 317 67.09 -10.73 -21.60
C LEU L 317 67.79 -11.32 -20.39
N LEU L 318 68.96 -11.94 -20.62
CA LEU L 318 69.78 -12.48 -19.53
C LEU L 318 70.21 -11.37 -18.56
N ALA L 319 70.61 -10.21 -19.12
CA ALA L 319 71.00 -9.06 -18.32
C ALA L 319 69.83 -8.55 -17.48
N PHE L 320 68.64 -8.46 -18.09
CA PHE L 320 67.45 -7.99 -17.37
C PHE L 320 67.08 -8.92 -16.24
N PHE L 321 67.11 -10.24 -16.49
CA PHE L 321 66.72 -11.21 -15.46
C PHE L 321 67.73 -11.26 -14.32
N LEU L 322 69.03 -11.21 -14.65
CA LEU L 322 70.05 -11.17 -13.60
C LEU L 322 70.01 -9.85 -12.83
N GLU L 323 69.58 -8.76 -13.48
CA GLU L 323 69.38 -7.50 -12.78
C GLU L 323 68.24 -7.59 -11.78
N CYS L 324 67.13 -8.24 -12.19
CA CYS L 324 66.05 -8.54 -11.25
C CYS L 324 66.50 -9.42 -10.08
N LEU L 325 67.38 -10.42 -10.34
CA LEU L 325 67.89 -11.25 -9.24
C LEU L 325 68.73 -10.47 -8.21
N ARG L 326 69.67 -9.64 -8.67
CA ARG L 326 70.50 -8.87 -7.72
C ARG L 326 69.67 -7.86 -6.92
N THR L 327 68.77 -7.13 -7.58
CA THR L 327 67.78 -6.31 -6.87
C THR L 327 66.81 -7.12 -6.00
N GLU L 328 66.72 -8.44 -6.21
CA GLU L 328 65.84 -9.40 -5.53
C GLU L 328 64.36 -9.03 -5.60
N LYS L 329 63.95 -8.27 -6.61
CA LYS L 329 62.55 -7.91 -6.73
C LYS L 329 62.07 -8.38 -8.10
N LEU L 330 60.93 -9.06 -8.09
CA LEU L 330 60.19 -9.38 -9.30
C LEU L 330 58.75 -9.17 -8.86
N ASP L 331 58.26 -7.95 -9.00
CA ASP L 331 56.86 -7.68 -8.74
C ASP L 331 56.06 -8.29 -9.88
N HIS L 332 55.09 -9.14 -9.56
CA HIS L 332 54.24 -9.83 -10.55
C HIS L 332 53.49 -8.84 -11.43
N TYR L 333 53.22 -9.27 -12.67
CA TYR L 333 52.56 -8.44 -13.66
C TYR L 333 51.12 -8.12 -13.25
N PHE L 334 50.29 -9.15 -13.06
CA PHE L 334 48.96 -8.92 -12.48
C PHE L 334 48.98 -8.44 -11.04
N ILE L 335 50.01 -8.78 -10.25
CA ILE L 335 50.03 -8.45 -8.82
C ILE L 335 51.37 -7.79 -8.43
N PRO L 336 51.64 -6.53 -8.79
CA PRO L 336 52.89 -5.87 -8.32
C PRO L 336 53.10 -5.81 -6.80
N LYS L 337 52.05 -5.88 -5.97
CA LYS L 337 52.26 -6.04 -4.53
C LYS L 337 52.93 -7.39 -4.25
N PHE L 338 52.53 -8.44 -4.99
CA PHE L 338 53.11 -9.77 -4.81
C PHE L 338 54.43 -9.86 -5.56
N ASN L 339 55.49 -9.66 -4.80
CA ASN L 339 56.85 -9.79 -5.26
C ASN L 339 57.21 -11.25 -5.15
N LEU L 340 57.03 -12.01 -6.25
CA LEU L 340 57.27 -13.46 -6.28
C LEU L 340 58.72 -13.85 -5.97
N PHE L 341 59.68 -12.93 -6.00
CA PHE L 341 61.06 -13.20 -5.54
C PHE L 341 61.15 -13.15 -4.01
N SER L 342 60.37 -14.01 -3.37
CA SER L 342 60.31 -14.15 -1.93
C SER L 342 61.08 -15.38 -1.50
N GLN L 343 62.02 -15.18 -0.57
CA GLN L 343 62.83 -16.24 0.03
C GLN L 343 62.03 -17.38 0.64
N GLU L 344 60.80 -17.10 1.13
CA GLU L 344 59.96 -18.11 1.76
C GLU L 344 59.62 -19.26 0.81
N LEU L 345 59.37 -18.97 -0.47
CA LEU L 345 59.10 -20.05 -1.41
C LEU L 345 60.30 -20.43 -2.27
N ILE L 346 61.18 -19.49 -2.60
CA ILE L 346 62.39 -19.80 -3.36
C ILE L 346 63.65 -19.27 -2.68
N ASP L 347 64.41 -20.20 -2.09
CA ASP L 347 65.61 -19.95 -1.28
C ASP L 347 66.72 -19.21 -2.04
N ARG L 348 67.49 -18.40 -1.28
CA ARG L 348 68.53 -17.52 -1.83
C ARG L 348 69.70 -18.27 -2.48
N LYS L 349 70.25 -19.27 -1.77
CA LYS L 349 71.40 -20.02 -2.29
C LYS L 349 71.06 -20.79 -3.57
N SER L 350 69.79 -21.20 -3.70
CA SER L 350 69.28 -21.77 -4.93
C SER L 350 69.36 -20.76 -6.07
N LYS L 351 68.95 -19.52 -5.79
CA LYS L 351 69.04 -18.43 -6.78
C LYS L 351 70.48 -18.13 -7.14
N GLU L 352 71.41 -18.27 -6.19
CA GLU L 352 72.82 -17.99 -6.45
C GLU L 352 73.40 -19.06 -7.36
N PHE L 353 73.12 -20.34 -7.07
CA PHE L 353 73.53 -21.42 -7.96
C PHE L 353 72.81 -21.36 -9.31
N LEU L 354 71.58 -20.84 -9.33
CA LEU L 354 70.87 -20.59 -10.58
C LEU L 354 71.59 -19.55 -11.44
N SER L 355 72.05 -18.46 -10.81
CA SER L 355 72.86 -17.44 -11.49
C SER L 355 74.16 -18.06 -11.99
N LYS L 356 74.75 -18.96 -11.20
CA LYS L 356 75.98 -19.65 -11.58
C LYS L 356 75.75 -20.55 -12.80
N LYS L 357 74.60 -21.26 -12.85
CA LYS L 357 74.29 -22.07 -14.03
C LYS L 357 73.99 -21.21 -15.25
N ILE L 358 73.43 -20.02 -15.04
CA ILE L 358 73.21 -19.08 -16.14
C ILE L 358 74.55 -18.61 -16.71
N GLU L 359 75.48 -18.25 -15.81
CA GLU L 359 76.86 -17.93 -16.20
C GLU L 359 77.56 -19.09 -16.89
N TYR L 360 77.27 -20.33 -16.45
CA TYR L 360 77.76 -21.54 -17.09
C TYR L 360 77.30 -21.62 -18.55
N GLU L 361 75.97 -21.51 -18.76
CA GLU L 361 75.38 -21.48 -20.10
C GLU L 361 75.90 -20.31 -20.92
N ARG L 362 76.12 -19.18 -20.25
CA ARG L 362 76.51 -17.92 -20.89
C ARG L 362 77.94 -17.95 -21.40
N ASN L 363 78.90 -18.15 -20.51
CA ASN L 363 80.31 -18.03 -20.86
C ASN L 363 80.86 -19.20 -21.69
N ASN L 364 80.13 -20.30 -21.79
CA ASN L 364 80.65 -21.49 -22.47
C ASN L 364 79.94 -21.79 -23.80
N GLY L 365 79.40 -20.76 -24.46
CA GLY L 365 78.73 -20.93 -25.74
C GLY L 365 77.54 -21.87 -25.77
N PHE L 366 76.79 -21.95 -24.66
CA PHE L 366 75.60 -22.78 -24.42
C PHE L 366 75.83 -24.26 -24.70
N PRO L 367 76.67 -24.92 -23.88
CA PRO L 367 77.06 -26.32 -24.17
C PRO L 367 75.93 -27.33 -24.12
N ILE L 368 74.84 -27.07 -23.39
CA ILE L 368 73.71 -28.00 -23.34
C ILE L 368 72.83 -27.92 -24.59
N PHE L 369 73.14 -27.06 -25.55
CA PHE L 369 72.45 -27.11 -26.84
C PHE L 369 73.34 -27.52 -28.01
N ASP L 370 74.59 -27.93 -27.78
CA ASP L 370 75.27 -28.67 -28.86
C ASP L 370 74.73 -30.07 -29.08
N LYS L 371 73.96 -30.61 -28.13
CA LYS L 371 73.26 -31.88 -28.28
C LYS L 371 71.88 -31.64 -28.90
N LEU L 372 71.16 -32.73 -29.13
CA LEU L 372 69.87 -32.62 -29.78
C LEU L 372 68.85 -33.62 -29.23
ZN ZN M . -64.59 4.56 18.08
ZN ZN N . 55.51 -16.54 -34.72
#